data_1GXB
#
_entry.id   1GXB
#
_cell.length_a   90.845
_cell.length_b   65.467
_cell.length_c   115.372
_cell.angle_alpha   90.00
_cell.angle_beta   107.25
_cell.angle_gamma   90.00
#
_symmetry.space_group_name_H-M   'P 1 2 1'
#
loop_
_entity.id
_entity.type
_entity.pdbx_description
1 polymer 'ANTHRANILATE PHOSPHORIBOSYLTRANSFERASE'
2 non-polymer 'MAGNESIUM ION'
3 non-polymer 'PYROPHOSPHATE 2-'
4 water water
#
_entity_poly.entity_id   1
_entity_poly.type   'polypeptide(L)'
_entity_poly.pdbx_seq_one_letter_code
;MNINEILKKLINKSDLEINEAEELAKAIIRGEVPEILVSAILVALRMKGESKNEIVGFARAMRELAIKIDVPNAIDTAGT
GGDGLGTVNVSTASAILLSLVNPVAKHGNRAVSGKSGSADVLEALGYNIIVPPERAKELVNKTNFVFLFAQYYHPAMKNV
ANVRKTLGIRTIFNILGPLTNPANAKYQLMGVFSKDHLDLLSKSAYELDFNKIILVYGEPGIDEVSPIGNTFMKIVSKRG
IEEVKLNVTDFGISPIPIEKLIVNSAEDSAIKIVRAFLGKDEHVAEFIKINTAVALFALDRVGDFREGYEYADHLIEKSL
DKLNEIISMNGDVTKLKTIVVKSSG
;
_entity_poly.pdbx_strand_id   A,B,C,D
#
# COMPACT_ATOMS: atom_id res chain seq x y z
N MET A 1 -2.22 -35.94 -3.95
CA MET A 1 -3.52 -36.48 -3.45
C MET A 1 -3.87 -37.80 -4.10
N ASN A 2 -3.23 -38.87 -3.65
CA ASN A 2 -3.49 -40.21 -4.18
C ASN A 2 -4.22 -41.05 -3.14
N ILE A 3 -5.48 -41.32 -3.42
CA ILE A 3 -6.31 -42.10 -2.52
C ILE A 3 -5.61 -43.40 -2.11
N ASN A 4 -5.23 -44.20 -3.09
CA ASN A 4 -4.58 -45.47 -2.86
C ASN A 4 -3.38 -45.38 -1.92
N GLU A 5 -2.61 -44.30 -2.03
CA GLU A 5 -1.48 -44.12 -1.13
C GLU A 5 -2.07 -44.10 0.27
N ILE A 6 -3.00 -43.16 0.47
CA ILE A 6 -3.71 -42.95 1.74
C ILE A 6 -4.31 -44.24 2.29
N LEU A 7 -5.12 -44.91 1.47
CA LEU A 7 -5.73 -46.15 1.91
C LEU A 7 -4.69 -47.08 2.51
N LYS A 8 -3.62 -47.31 1.76
CA LYS A 8 -2.55 -48.19 2.23
C LYS A 8 -1.97 -47.68 3.52
N LYS A 9 -1.79 -46.36 3.59
CA LYS A 9 -1.25 -45.75 4.79
C LYS A 9 -2.15 -46.09 5.97
N LEU A 10 -3.46 -45.93 5.78
CA LEU A 10 -4.42 -46.22 6.83
C LEU A 10 -4.45 -47.70 7.20
N ILE A 11 -4.43 -48.57 6.19
CA ILE A 11 -4.43 -50.00 6.47
C ILE A 11 -3.24 -50.32 7.37
N ASN A 12 -2.11 -49.69 7.08
CA ASN A 12 -0.91 -49.91 7.87
C ASN A 12 -1.02 -49.20 9.21
N LYS A 13 -2.20 -48.67 9.48
CA LYS A 13 -2.49 -47.99 10.74
C LYS A 13 -1.61 -46.80 11.04
N SER A 14 -1.38 -45.94 10.05
CA SER A 14 -0.56 -44.75 10.22
C SER A 14 -1.45 -43.51 10.16
N ASP A 15 -1.47 -42.73 11.23
CA ASP A 15 -2.30 -41.53 11.28
C ASP A 15 -1.91 -40.53 10.21
N LEU A 16 -2.90 -39.77 9.73
CA LEU A 16 -2.67 -38.77 8.71
C LEU A 16 -2.35 -37.40 9.30
N GLU A 17 -2.02 -36.46 8.44
CA GLU A 17 -1.70 -35.10 8.85
C GLU A 17 -2.96 -34.29 8.64
N ILE A 18 -3.16 -33.28 9.47
CA ILE A 18 -4.35 -32.44 9.33
C ILE A 18 -4.60 -32.11 7.88
N ASN A 19 -3.52 -31.85 7.13
CA ASN A 19 -3.66 -31.51 5.72
C ASN A 19 -4.09 -32.73 4.90
N GLU A 20 -3.42 -33.86 5.12
CA GLU A 20 -3.77 -35.08 4.40
C GLU A 20 -5.27 -35.29 4.60
N ALA A 21 -5.65 -35.41 5.87
CA ALA A 21 -7.04 -35.62 6.26
C ALA A 21 -8.01 -34.66 5.60
N GLU A 22 -7.69 -33.36 5.64
CA GLU A 22 -8.55 -32.35 5.04
C GLU A 22 -8.71 -32.51 3.53
N GLU A 23 -7.62 -32.81 2.83
CA GLU A 23 -7.69 -32.97 1.38
C GLU A 23 -8.53 -34.18 1.05
N LEU A 24 -8.27 -35.28 1.76
CA LEU A 24 -9.00 -36.53 1.57
C LEU A 24 -10.49 -36.26 1.78
N ALA A 25 -10.81 -35.55 2.85
CA ALA A 25 -12.20 -35.22 3.15
C ALA A 25 -12.82 -34.41 2.03
N LYS A 26 -12.15 -33.33 1.64
CA LYS A 26 -12.66 -32.48 0.58
C LYS A 26 -13.02 -33.34 -0.64
N ALA A 27 -12.09 -34.20 -1.04
CA ALA A 27 -12.29 -35.08 -2.18
C ALA A 27 -13.55 -35.92 -2.01
N ILE A 28 -13.62 -36.64 -0.89
CA ILE A 28 -14.75 -37.51 -0.58
C ILE A 28 -16.06 -36.74 -0.59
N ILE A 29 -16.07 -35.60 0.10
CA ILE A 29 -17.27 -34.78 0.17
C ILE A 29 -17.66 -34.22 -1.20
N ARG A 30 -16.67 -33.89 -2.02
CA ARG A 30 -16.96 -33.36 -3.36
C ARG A 30 -17.41 -34.49 -4.27
N GLY A 31 -17.36 -35.72 -3.77
CA GLY A 31 -17.76 -36.87 -4.56
C GLY A 31 -16.78 -37.19 -5.67
N GLU A 32 -15.50 -36.93 -5.42
CA GLU A 32 -14.47 -37.17 -6.42
C GLU A 32 -13.78 -38.51 -6.19
N VAL A 33 -14.19 -39.21 -5.13
CA VAL A 33 -13.60 -40.49 -4.84
C VAL A 33 -14.69 -41.55 -5.01
N PRO A 34 -14.38 -42.65 -5.70
CA PRO A 34 -15.31 -43.75 -5.96
C PRO A 34 -15.86 -44.37 -4.68
N GLU A 35 -17.12 -44.77 -4.71
CA GLU A 35 -17.78 -45.34 -3.55
C GLU A 35 -16.98 -46.44 -2.88
N ILE A 36 -16.37 -47.28 -3.69
CA ILE A 36 -15.57 -48.38 -3.18
C ILE A 36 -14.41 -47.90 -2.31
N LEU A 37 -13.83 -46.77 -2.69
CA LEU A 37 -12.71 -46.25 -1.94
C LEU A 37 -13.12 -45.54 -0.67
N VAL A 38 -14.23 -44.82 -0.75
CA VAL A 38 -14.76 -44.10 0.39
C VAL A 38 -15.06 -45.14 1.44
N SER A 39 -15.74 -46.21 0.99
CA SER A 39 -16.11 -47.30 1.87
C SER A 39 -14.88 -47.85 2.57
N ALA A 40 -13.85 -48.14 1.79
CA ALA A 40 -12.60 -48.68 2.31
C ALA A 40 -11.90 -47.73 3.25
N ILE A 41 -11.84 -46.46 2.88
CA ILE A 41 -11.19 -45.46 3.71
C ILE A 41 -11.89 -45.27 5.05
N LEU A 42 -13.22 -45.15 5.02
CA LEU A 42 -13.94 -44.99 6.26
C LEU A 42 -13.73 -46.22 7.14
N VAL A 43 -13.88 -47.41 6.58
CA VAL A 43 -13.68 -48.62 7.36
C VAL A 43 -12.28 -48.68 7.97
N ALA A 44 -11.27 -48.38 7.16
CA ALA A 44 -9.90 -48.42 7.66
C ALA A 44 -9.75 -47.39 8.74
N LEU A 45 -10.27 -46.20 8.45
CA LEU A 45 -10.22 -45.08 9.37
C LEU A 45 -10.75 -45.48 10.72
N ARG A 46 -11.89 -46.18 10.74
CA ARG A 46 -12.48 -46.63 11.99
C ARG A 46 -11.72 -47.73 12.69
N MET A 47 -11.23 -48.72 11.94
CA MET A 47 -10.48 -49.82 12.54
C MET A 47 -9.13 -49.39 13.09
N LYS A 48 -8.55 -48.35 12.49
CA LYS A 48 -7.29 -47.83 12.97
C LYS A 48 -7.56 -47.03 14.22
N GLY A 49 -8.69 -46.30 14.19
CA GLY A 49 -9.08 -45.45 15.30
C GLY A 49 -8.74 -44.05 14.86
N GLU A 50 -9.76 -43.24 14.57
CA GLU A 50 -9.49 -41.88 14.12
C GLU A 50 -8.69 -41.11 15.15
N SER A 51 -7.79 -40.27 14.67
CA SER A 51 -6.93 -39.47 15.52
C SER A 51 -7.37 -38.02 15.47
N LYS A 52 -6.87 -37.24 16.41
CA LYS A 52 -7.20 -35.82 16.50
C LYS A 52 -7.07 -35.08 15.17
N ASN A 53 -5.91 -35.20 14.54
CA ASN A 53 -5.65 -34.52 13.28
C ASN A 53 -6.65 -34.87 12.19
N GLU A 54 -7.01 -36.15 12.14
CA GLU A 54 -7.97 -36.61 11.14
C GLU A 54 -9.34 -36.01 11.44
N ILE A 55 -9.69 -35.96 12.72
CA ILE A 55 -10.96 -35.38 13.12
C ILE A 55 -10.95 -33.93 12.68
N VAL A 56 -9.85 -33.25 12.98
CA VAL A 56 -9.70 -31.85 12.62
C VAL A 56 -9.72 -31.63 11.12
N GLY A 57 -9.00 -32.47 10.41
CA GLY A 57 -8.96 -32.33 8.98
C GLY A 57 -10.34 -32.43 8.39
N PHE A 58 -11.08 -33.46 8.80
CA PHE A 58 -12.43 -33.65 8.30
C PHE A 58 -13.34 -32.50 8.74
N ALA A 59 -13.22 -32.09 10.00
CA ALA A 59 -14.05 -31.00 10.48
C ALA A 59 -13.84 -29.77 9.59
N ARG A 60 -12.58 -29.43 9.35
CA ARG A 60 -12.29 -28.28 8.50
C ARG A 60 -12.84 -28.43 7.09
N ALA A 61 -12.69 -29.63 6.51
CA ALA A 61 -13.18 -29.88 5.17
C ALA A 61 -14.67 -29.61 5.13
N MET A 62 -15.37 -30.09 6.16
CA MET A 62 -16.81 -29.94 6.29
C MET A 62 -17.23 -28.47 6.31
N ARG A 63 -16.68 -27.74 7.27
CA ARG A 63 -17.00 -26.33 7.42
C ARG A 63 -16.82 -25.61 6.09
N GLU A 64 -15.67 -25.81 5.48
CA GLU A 64 -15.39 -25.20 4.20
C GLU A 64 -16.51 -25.40 3.11
N LEU A 65 -17.24 -26.58 3.03
CA LEU A 65 -18.35 -26.84 2.02
C LEU A 65 -19.80 -26.56 2.45
N ALA A 66 -19.99 -26.22 3.71
CA ALA A 66 -21.32 -25.93 4.22
C ALA A 66 -21.77 -24.55 3.81
N ILE A 67 -23.08 -24.35 3.85
CA ILE A 67 -23.68 -23.05 3.55
C ILE A 67 -23.51 -22.37 4.90
N LYS A 68 -22.98 -21.15 4.89
CA LYS A 68 -22.72 -20.47 6.15
C LYS A 68 -23.48 -19.16 6.37
N ILE A 69 -23.66 -18.81 7.63
CA ILE A 69 -24.27 -17.54 8.01
C ILE A 69 -23.31 -17.09 9.07
N ASP A 70 -23.25 -15.79 9.33
CA ASP A 70 -22.31 -15.33 10.33
C ASP A 70 -22.95 -14.84 11.60
N VAL A 71 -22.72 -15.60 12.67
CA VAL A 71 -23.24 -15.26 13.99
C VAL A 71 -22.33 -15.95 15.02
N PRO A 72 -21.01 -15.71 14.96
CA PRO A 72 -20.07 -16.33 15.92
C PRO A 72 -20.36 -16.02 17.39
N ASN A 73 -21.10 -14.94 17.61
CA ASN A 73 -21.48 -14.50 18.96
C ASN A 73 -22.59 -15.42 19.53
N ALA A 74 -23.10 -16.30 18.69
CA ALA A 74 -24.15 -17.23 19.06
C ALA A 74 -23.60 -18.40 19.84
N ILE A 75 -24.51 -19.14 20.44
CA ILE A 75 -24.15 -20.32 21.19
C ILE A 75 -25.01 -21.41 20.62
N ASP A 76 -24.49 -22.64 20.70
CA ASP A 76 -25.20 -23.82 20.22
C ASP A 76 -25.09 -24.89 21.31
N THR A 77 -26.11 -25.71 21.43
CA THR A 77 -26.10 -26.80 22.41
C THR A 77 -26.09 -28.04 21.55
N ALA A 78 -24.88 -28.45 21.19
CA ALA A 78 -24.58 -29.58 20.32
C ALA A 78 -24.98 -30.96 20.86
N GLY A 79 -24.86 -31.96 20.00
CA GLY A 79 -25.16 -33.33 20.34
C GLY A 79 -23.96 -34.20 20.01
N GLY A 84 -29.84 -43.58 20.89
CA GLY A 84 -29.45 -43.61 22.29
C GLY A 84 -30.59 -44.05 23.20
N LEU A 85 -30.57 -43.60 24.45
CA LEU A 85 -31.62 -43.97 25.40
C LEU A 85 -33.03 -43.46 25.10
N GLY A 86 -33.13 -42.41 24.30
CA GLY A 86 -34.42 -41.86 23.94
C GLY A 86 -34.96 -40.80 24.89
N THR A 87 -34.04 -40.12 25.58
CA THR A 87 -34.42 -39.07 26.53
C THR A 87 -35.13 -37.96 25.78
N VAL A 88 -35.85 -37.12 26.53
CA VAL A 88 -36.52 -35.99 25.92
C VAL A 88 -35.38 -35.12 25.37
N ASN A 89 -35.65 -34.32 24.34
CA ASN A 89 -34.60 -33.49 23.73
C ASN A 89 -34.15 -32.20 24.44
N VAL A 90 -33.46 -32.34 25.57
CA VAL A 90 -32.96 -31.22 26.40
C VAL A 90 -32.21 -30.11 25.68
N SER A 91 -31.22 -30.49 24.89
CA SER A 91 -30.42 -29.51 24.14
C SER A 91 -31.35 -28.45 23.53
N THR A 92 -32.41 -28.90 22.87
CA THR A 92 -33.36 -28.00 22.25
C THR A 92 -34.13 -27.15 23.24
N ALA A 93 -34.71 -27.80 24.24
CA ALA A 93 -35.48 -27.08 25.25
C ALA A 93 -34.53 -26.04 25.80
N SER A 94 -33.34 -26.51 26.10
CA SER A 94 -32.28 -25.70 26.66
C SER A 94 -31.86 -24.54 25.75
N ALA A 95 -31.92 -24.73 24.44
CA ALA A 95 -31.55 -23.66 23.51
C ALA A 95 -32.55 -22.54 23.66
N ILE A 96 -33.77 -22.91 24.05
CA ILE A 96 -34.82 -21.92 24.20
C ILE A 96 -34.60 -21.00 25.39
N LEU A 97 -34.17 -21.56 26.53
CA LEU A 97 -33.94 -20.71 27.70
C LEU A 97 -32.80 -19.77 27.36
N LEU A 98 -31.80 -20.30 26.67
CA LEU A 98 -30.64 -19.52 26.30
C LEU A 98 -30.94 -18.33 25.40
N SER A 99 -31.91 -18.48 24.50
CA SER A 99 -32.24 -17.39 23.58
C SER A 99 -32.70 -16.15 24.31
N LEU A 100 -33.10 -16.31 25.56
CA LEU A 100 -33.55 -15.21 26.39
C LEU A 100 -32.38 -14.29 26.75
N VAL A 101 -31.18 -14.86 26.86
CA VAL A 101 -30.04 -14.06 27.26
C VAL A 101 -28.88 -14.06 26.26
N ASN A 102 -29.08 -14.62 25.07
CA ASN A 102 -28.00 -14.68 24.10
C ASN A 102 -28.46 -15.34 22.82
N PRO A 103 -27.97 -14.85 21.67
CA PRO A 103 -28.35 -15.42 20.36
C PRO A 103 -28.01 -16.92 20.28
N VAL A 104 -28.97 -17.69 19.78
CA VAL A 104 -28.83 -19.13 19.67
C VAL A 104 -28.96 -19.64 18.25
N ALA A 105 -27.93 -20.33 17.80
CA ALA A 105 -27.89 -20.92 16.47
C ALA A 105 -27.78 -22.42 16.71
N LYS A 106 -28.94 -23.05 16.83
CA LYS A 106 -29.03 -24.47 17.09
C LYS A 106 -28.85 -25.33 15.83
N HIS A 107 -27.79 -26.12 15.81
CA HIS A 107 -27.52 -27.02 14.69
C HIS A 107 -28.32 -28.25 15.05
N GLY A 108 -28.91 -28.92 14.07
CA GLY A 108 -29.67 -30.11 14.41
C GLY A 108 -30.17 -30.92 13.22
N ASN A 109 -30.66 -32.10 13.54
CA ASN A 109 -31.19 -33.05 12.55
C ASN A 109 -32.39 -33.82 13.08
N ARG A 110 -33.00 -34.61 12.20
CA ARG A 110 -34.09 -35.43 12.65
C ARG A 110 -33.35 -36.58 13.26
N ALA A 111 -34.08 -37.60 13.68
CA ALA A 111 -33.40 -38.72 14.29
C ALA A 111 -33.39 -39.93 13.39
N VAL A 112 -32.54 -40.88 13.73
CA VAL A 112 -32.42 -42.13 13.01
C VAL A 112 -32.79 -43.18 14.06
N SER A 113 -33.12 -42.68 15.25
CA SER A 113 -33.50 -43.50 16.40
C SER A 113 -34.89 -43.08 16.93
N GLY A 114 -35.93 -43.36 16.15
CA GLY A 114 -37.29 -43.04 16.54
C GLY A 114 -37.52 -41.59 16.97
N LYS A 115 -38.29 -40.84 16.18
CA LYS A 115 -38.58 -39.43 16.44
C LYS A 115 -38.20 -38.98 17.84
N SER A 116 -37.27 -38.04 17.90
CA SER A 116 -36.76 -37.48 19.13
C SER A 116 -35.76 -36.43 18.70
N GLY A 117 -35.30 -36.55 17.46
CA GLY A 117 -34.36 -35.58 16.92
C GLY A 117 -34.79 -34.15 17.19
N SER A 118 -33.84 -33.27 17.47
CA SER A 118 -34.18 -31.89 17.75
C SER A 118 -35.02 -31.26 16.63
N ALA A 119 -34.79 -31.66 15.38
CA ALA A 119 -35.55 -31.12 14.26
C ALA A 119 -37.00 -31.59 14.33
N ASP A 120 -37.20 -32.81 14.81
CA ASP A 120 -38.54 -33.37 14.92
C ASP A 120 -39.32 -32.67 16.04
N VAL A 121 -38.69 -32.50 17.19
CA VAL A 121 -39.34 -31.85 18.32
C VAL A 121 -39.78 -30.46 17.88
N LEU A 122 -38.85 -29.71 17.29
CA LEU A 122 -39.17 -28.37 16.82
C LEU A 122 -40.29 -28.41 15.80
N GLU A 123 -40.21 -29.36 14.89
CA GLU A 123 -41.22 -29.49 13.86
C GLU A 123 -42.55 -29.76 14.55
N ALA A 124 -42.52 -30.56 15.61
CA ALA A 124 -43.74 -30.90 16.34
C ALA A 124 -44.36 -29.66 16.99
N LEU A 125 -43.53 -28.82 17.61
CA LEU A 125 -44.02 -27.61 18.26
C LEU A 125 -44.61 -26.60 17.28
N GLY A 126 -44.40 -26.84 15.98
CA GLY A 126 -44.91 -25.92 14.97
C GLY A 126 -43.85 -25.11 14.25
N TYR A 127 -42.60 -25.22 14.69
CA TYR A 127 -41.50 -24.51 14.06
C TYR A 127 -41.26 -24.99 12.64
N ASN A 128 -40.93 -24.08 11.74
CA ASN A 128 -40.64 -24.43 10.36
C ASN A 128 -39.14 -24.66 10.27
N ILE A 129 -38.72 -25.90 10.45
CA ILE A 129 -37.31 -26.27 10.46
C ILE A 129 -36.45 -26.01 9.22
N ILE A 130 -37.06 -25.61 8.10
CA ILE A 130 -36.27 -25.31 6.92
C ILE A 130 -36.17 -23.81 6.79
N VAL A 131 -35.07 -23.26 7.27
CA VAL A 131 -34.87 -21.82 7.23
C VAL A 131 -33.77 -21.38 6.27
N PRO A 132 -34.13 -20.68 5.20
CA PRO A 132 -33.10 -20.24 4.26
C PRO A 132 -32.08 -19.34 4.98
N PRO A 133 -30.80 -19.41 4.59
CA PRO A 133 -29.72 -18.62 5.19
C PRO A 133 -30.01 -17.13 5.42
N GLU A 134 -30.64 -16.49 4.44
CA GLU A 134 -30.98 -15.08 4.53
C GLU A 134 -31.97 -14.81 5.66
N ARG A 135 -33.06 -15.56 5.68
CA ARG A 135 -34.06 -15.37 6.72
C ARG A 135 -33.53 -15.86 8.06
N ALA A 136 -32.57 -16.78 8.01
CA ALA A 136 -31.99 -17.31 9.24
C ALA A 136 -31.39 -16.16 10.02
N LYS A 137 -30.50 -15.42 9.37
CA LYS A 137 -29.84 -14.27 10.00
C LYS A 137 -30.89 -13.32 10.60
N GLU A 138 -31.96 -13.08 9.84
CA GLU A 138 -33.05 -12.21 10.25
C GLU A 138 -33.67 -12.68 11.57
N LEU A 139 -34.18 -13.91 11.56
CA LEU A 139 -34.80 -14.52 12.72
C LEU A 139 -33.94 -14.40 13.98
N VAL A 140 -32.63 -14.62 13.82
CA VAL A 140 -31.74 -14.53 14.95
C VAL A 140 -31.76 -13.16 15.58
N ASN A 141 -31.90 -12.13 14.75
CA ASN A 141 -31.93 -10.76 15.25
C ASN A 141 -33.30 -10.46 15.82
N LYS A 142 -34.33 -10.92 15.10
CA LYS A 142 -35.71 -10.71 15.51
C LYS A 142 -36.18 -11.50 16.73
N THR A 143 -35.56 -12.66 17.01
CA THR A 143 -35.97 -13.46 18.16
C THR A 143 -34.81 -14.04 18.97
N ASN A 144 -33.58 -13.84 18.49
CA ASN A 144 -32.39 -14.33 19.19
C ASN A 144 -32.18 -15.86 19.10
N PHE A 145 -32.86 -16.48 18.16
CA PHE A 145 -32.79 -17.93 18.01
C PHE A 145 -33.11 -18.36 16.58
N VAL A 146 -32.41 -19.38 16.11
CA VAL A 146 -32.69 -19.92 14.79
C VAL A 146 -32.21 -21.37 14.75
N PHE A 147 -32.92 -22.19 14.00
CA PHE A 147 -32.53 -23.58 13.89
C PHE A 147 -31.92 -23.87 12.53
N LEU A 148 -30.69 -24.38 12.55
CA LEU A 148 -30.02 -24.70 11.32
C LEU A 148 -30.15 -26.20 11.08
N PHE A 149 -31.08 -26.54 10.18
CA PHE A 149 -31.35 -27.93 9.82
C PHE A 149 -30.17 -28.48 9.00
N ALA A 150 -29.40 -29.36 9.61
CA ALA A 150 -28.23 -29.96 8.98
C ALA A 150 -28.36 -30.41 7.51
N GLN A 151 -29.41 -31.14 7.18
CA GLN A 151 -29.59 -31.59 5.81
C GLN A 151 -29.62 -30.41 4.84
N TYR A 152 -30.19 -29.29 5.28
CA TYR A 152 -30.30 -28.11 4.43
C TYR A 152 -28.98 -27.34 4.36
N TYR A 153 -28.02 -27.66 5.23
CA TYR A 153 -26.77 -26.89 5.28
C TYR A 153 -25.46 -27.56 4.93
N HIS A 154 -25.51 -28.87 4.79
CA HIS A 154 -24.35 -29.67 4.42
C HIS A 154 -24.79 -30.48 3.21
N PRO A 155 -25.17 -29.78 2.12
CA PRO A 155 -25.63 -30.43 0.89
C PRO A 155 -24.54 -31.28 0.23
N ALA A 156 -23.29 -30.91 0.48
CA ALA A 156 -22.17 -31.63 -0.10
C ALA A 156 -22.18 -33.08 0.40
N MET A 157 -22.69 -33.27 1.60
CA MET A 157 -22.77 -34.59 2.24
C MET A 157 -23.43 -35.68 1.40
N LYS A 158 -24.37 -35.30 0.55
CA LYS A 158 -25.07 -36.27 -0.30
C LYS A 158 -24.14 -37.26 -0.99
N ASN A 159 -22.95 -36.79 -1.33
CA ASN A 159 -21.96 -37.61 -2.02
C ASN A 159 -21.42 -38.81 -1.23
N VAL A 160 -21.64 -38.80 0.08
CA VAL A 160 -21.16 -39.90 0.93
C VAL A 160 -22.35 -40.67 1.47
N ALA A 161 -23.54 -40.16 1.21
CA ALA A 161 -24.79 -40.74 1.69
C ALA A 161 -24.89 -42.23 1.43
N ASN A 162 -24.84 -42.59 0.16
CA ASN A 162 -24.96 -43.98 -0.27
C ASN A 162 -24.00 -44.91 0.48
N VAL A 163 -22.75 -44.50 0.63
CA VAL A 163 -21.77 -45.32 1.34
C VAL A 163 -22.18 -45.45 2.79
N ARG A 164 -22.41 -44.31 3.43
CA ARG A 164 -22.84 -44.31 4.83
C ARG A 164 -24.07 -45.19 5.06
N LYS A 165 -25.07 -45.05 4.21
CA LYS A 165 -26.28 -45.83 4.35
C LYS A 165 -25.99 -47.30 4.16
N THR A 166 -25.34 -47.65 3.07
CA THR A 166 -25.04 -49.04 2.77
C THR A 166 -24.19 -49.72 3.85
N LEU A 167 -23.15 -49.02 4.33
CA LEU A 167 -22.29 -49.58 5.36
C LEU A 167 -23.09 -49.85 6.62
N GLY A 168 -23.91 -48.88 7.02
CA GLY A 168 -24.71 -49.01 8.22
C GLY A 168 -23.88 -49.18 9.48
N ILE A 169 -22.83 -48.36 9.64
CA ILE A 169 -21.98 -48.42 10.81
C ILE A 169 -21.42 -47.04 11.15
N ARG A 170 -20.79 -46.94 12.31
CA ARG A 170 -20.19 -45.69 12.76
C ARG A 170 -18.94 -45.32 11.96
N THR A 171 -18.95 -44.18 11.29
CA THR A 171 -17.78 -43.72 10.56
C THR A 171 -17.35 -42.43 11.26
N ILE A 172 -16.30 -41.81 10.74
CA ILE A 172 -15.78 -40.59 11.32
C ILE A 172 -16.82 -39.48 11.24
N PHE A 173 -17.69 -39.55 10.24
CA PHE A 173 -18.71 -38.53 10.02
C PHE A 173 -19.71 -38.42 11.15
N ASN A 174 -19.95 -39.53 11.82
CA ASN A 174 -20.91 -39.56 12.91
C ASN A 174 -20.52 -38.67 14.08
N ILE A 175 -19.24 -38.33 14.19
CA ILE A 175 -18.80 -37.48 15.28
C ILE A 175 -18.38 -36.09 14.80
N LEU A 176 -18.82 -35.71 13.61
CA LEU A 176 -18.44 -34.41 13.09
C LEU A 176 -19.56 -33.40 13.20
N GLY A 177 -20.80 -33.86 13.08
CA GLY A 177 -21.94 -32.97 13.16
C GLY A 177 -21.79 -31.77 14.07
N PRO A 178 -21.72 -31.99 15.40
CA PRO A 178 -21.59 -30.93 16.41
C PRO A 178 -20.37 -30.01 16.27
N LEU A 179 -19.36 -30.46 15.54
CA LEU A 179 -18.17 -29.62 15.35
C LEU A 179 -18.27 -28.83 14.06
N THR A 180 -19.40 -28.95 13.36
CA THR A 180 -19.60 -28.27 12.11
C THR A 180 -20.84 -27.37 12.09
N ASN A 181 -20.94 -26.52 13.11
CA ASN A 181 -22.03 -25.56 13.29
C ASN A 181 -22.00 -24.46 12.24
N PRO A 182 -22.93 -24.50 11.28
CA PRO A 182 -23.05 -23.53 10.19
C PRO A 182 -22.81 -22.06 10.53
N ALA A 183 -23.43 -21.59 11.62
CA ALA A 183 -23.29 -20.20 12.06
C ALA A 183 -21.92 -19.88 12.61
N ASN A 184 -21.06 -20.89 12.67
CA ASN A 184 -19.72 -20.68 13.16
C ASN A 184 -19.72 -20.22 14.60
N ALA A 185 -20.79 -20.52 15.33
CA ALA A 185 -20.89 -20.10 16.72
C ALA A 185 -19.60 -20.42 17.52
N LYS A 186 -19.15 -19.44 18.31
CA LYS A 186 -17.94 -19.59 19.12
C LYS A 186 -18.21 -20.15 20.50
N TYR A 187 -19.46 -20.03 20.95
CA TYR A 187 -19.89 -20.54 22.25
C TYR A 187 -20.77 -21.78 22.04
N GLN A 188 -20.40 -22.88 22.69
CA GLN A 188 -21.15 -24.11 22.52
C GLN A 188 -21.00 -25.19 23.58
N LEU A 189 -22.11 -25.90 23.83
CA LEU A 189 -22.14 -27.03 24.77
C LEU A 189 -22.27 -28.22 23.84
N MET A 190 -21.29 -29.13 23.87
CA MET A 190 -21.27 -30.31 22.99
C MET A 190 -21.28 -31.66 23.74
N GLY A 191 -22.28 -32.47 23.48
CA GLY A 191 -22.34 -33.75 24.16
C GLY A 191 -21.76 -34.85 23.29
N VAL A 192 -21.02 -35.77 23.91
CA VAL A 192 -20.42 -36.90 23.21
C VAL A 192 -20.98 -38.19 23.83
N PHE A 193 -20.95 -39.30 23.09
CA PHE A 193 -21.50 -40.55 23.61
C PHE A 193 -20.59 -41.48 24.41
N SER A 194 -19.30 -41.17 24.53
CA SER A 194 -18.40 -42.02 25.30
C SER A 194 -17.21 -41.22 25.82
N LYS A 195 -16.76 -41.55 27.02
CA LYS A 195 -15.63 -40.87 27.63
C LYS A 195 -14.44 -40.81 26.69
N ASP A 196 -14.18 -41.89 25.97
CA ASP A 196 -13.07 -41.90 25.03
C ASP A 196 -13.19 -40.70 24.10
N HIS A 197 -14.38 -40.51 23.56
CA HIS A 197 -14.61 -39.40 22.66
C HIS A 197 -14.41 -38.08 23.38
N LEU A 198 -14.56 -38.06 24.70
CA LEU A 198 -14.35 -36.82 25.43
C LEU A 198 -12.94 -36.30 25.15
N ASP A 199 -11.95 -37.13 25.49
CA ASP A 199 -10.56 -36.79 25.27
C ASP A 199 -10.30 -36.50 23.79
N LEU A 200 -10.64 -37.47 22.94
CA LEU A 200 -10.44 -37.33 21.50
C LEU A 200 -11.01 -36.02 20.93
N LEU A 201 -12.34 -35.92 20.97
CA LEU A 201 -13.05 -34.76 20.45
C LEU A 201 -12.64 -33.45 21.09
N SER A 202 -12.26 -33.47 22.37
CA SER A 202 -11.83 -32.23 23.02
C SER A 202 -10.53 -31.75 22.36
N LYS A 203 -9.54 -32.64 22.28
CA LYS A 203 -8.28 -32.28 21.64
C LYS A 203 -8.57 -31.84 20.21
N SER A 204 -9.47 -32.54 19.53
CA SER A 204 -9.82 -32.20 18.17
C SER A 204 -10.38 -30.77 18.15
N ALA A 205 -11.32 -30.51 19.04
CA ALA A 205 -11.96 -29.20 19.14
C ALA A 205 -10.95 -28.08 19.40
N TYR A 206 -9.95 -28.40 20.19
CA TYR A 206 -8.92 -27.43 20.53
C TYR A 206 -8.28 -26.81 19.30
N GLU A 207 -8.38 -27.48 18.17
CA GLU A 207 -7.78 -26.98 16.95
C GLU A 207 -8.79 -26.47 15.94
N LEU A 208 -10.07 -26.53 16.30
CA LEU A 208 -11.08 -26.06 15.37
C LEU A 208 -11.44 -24.61 15.61
N ASP A 209 -10.64 -23.93 16.43
CA ASP A 209 -10.86 -22.51 16.67
C ASP A 209 -12.21 -22.20 17.34
N PHE A 210 -12.24 -22.32 18.66
CA PHE A 210 -13.46 -22.02 19.42
C PHE A 210 -13.10 -21.04 20.54
N ASN A 211 -14.04 -20.17 20.90
CA ASN A 211 -13.82 -19.26 22.00
C ASN A 211 -13.93 -20.13 23.23
N LYS A 212 -15.05 -20.85 23.31
CA LYS A 212 -15.28 -21.77 24.41
C LYS A 212 -16.33 -22.82 24.06
N ILE A 213 -15.93 -24.08 24.19
CA ILE A 213 -16.82 -25.20 23.90
C ILE A 213 -16.66 -26.17 25.04
N ILE A 214 -17.78 -26.63 25.57
CA ILE A 214 -17.72 -27.57 26.67
C ILE A 214 -18.29 -28.89 26.21
N LEU A 215 -17.43 -29.92 26.22
CA LEU A 215 -17.84 -31.25 25.83
C LEU A 215 -18.24 -31.93 27.11
N VAL A 216 -19.29 -32.74 27.06
CA VAL A 216 -19.75 -33.44 28.26
C VAL A 216 -20.28 -34.83 27.98
N TYR A 217 -20.11 -35.70 28.97
CA TYR A 217 -20.57 -37.09 28.91
C TYR A 217 -21.21 -37.34 30.26
N GLY A 218 -22.46 -37.81 30.25
CA GLY A 218 -23.12 -38.05 31.52
C GLY A 218 -23.60 -39.47 31.72
N GLU A 219 -23.51 -39.95 32.96
CA GLU A 219 -23.96 -41.29 33.32
C GLU A 219 -25.48 -41.31 33.16
N PRO A 220 -26.07 -42.47 32.81
CA PRO A 220 -25.43 -43.77 32.57
C PRO A 220 -24.87 -43.92 31.17
N GLY A 221 -24.62 -42.80 30.51
CA GLY A 221 -24.09 -42.84 29.16
C GLY A 221 -24.93 -42.04 28.18
N ILE A 222 -24.85 -40.71 28.29
CA ILE A 222 -25.62 -39.85 27.41
C ILE A 222 -24.84 -38.62 26.99
N ASP A 223 -25.19 -38.12 25.81
CA ASP A 223 -24.55 -36.95 25.21
C ASP A 223 -25.11 -35.68 25.87
N GLU A 224 -25.30 -35.73 27.18
CA GLU A 224 -25.83 -34.59 27.91
C GLU A 224 -25.33 -34.59 29.36
N VAL A 225 -25.70 -33.54 30.11
CA VAL A 225 -25.32 -33.43 31.51
C VAL A 225 -26.12 -34.50 32.26
N SER A 226 -25.44 -35.31 33.08
CA SER A 226 -26.10 -36.39 33.82
C SER A 226 -27.17 -35.98 34.81
N PRO A 227 -28.40 -36.49 34.61
CA PRO A 227 -29.52 -36.17 35.50
C PRO A 227 -29.52 -37.13 36.68
N ILE A 228 -28.70 -38.17 36.60
CA ILE A 228 -28.66 -39.16 37.65
C ILE A 228 -27.37 -39.21 38.45
N GLY A 229 -26.26 -38.82 37.84
CA GLY A 229 -25.02 -38.88 38.58
C GLY A 229 -23.92 -37.99 38.08
N ASN A 230 -22.77 -38.61 37.85
CA ASN A 230 -21.59 -37.90 37.40
C ASN A 230 -21.60 -37.49 35.95
N THR A 231 -21.10 -36.29 35.72
CA THR A 231 -20.98 -35.74 34.38
C THR A 231 -19.51 -35.41 34.21
N PHE A 232 -18.94 -35.81 33.08
CA PHE A 232 -17.54 -35.52 32.84
C PHE A 232 -17.45 -34.52 31.71
N MET A 233 -16.78 -33.39 31.93
CA MET A 233 -16.66 -32.37 30.90
C MET A 233 -15.24 -31.89 30.62
N LYS A 234 -15.03 -31.46 29.39
CA LYS A 234 -13.75 -30.93 28.96
C LYS A 234 -14.02 -29.52 28.51
N ILE A 235 -13.41 -28.53 29.16
CA ILE A 235 -13.62 -27.15 28.76
C ILE A 235 -12.47 -26.73 27.84
N VAL A 236 -12.80 -26.48 26.58
CA VAL A 236 -11.80 -26.11 25.58
C VAL A 236 -11.86 -24.64 25.21
N SER A 237 -10.70 -24.00 25.22
CA SER A 237 -10.61 -22.59 24.90
C SER A 237 -9.32 -22.29 24.18
N LYS A 238 -9.10 -21.02 23.88
CA LYS A 238 -7.90 -20.59 23.17
C LYS A 238 -6.66 -20.91 23.99
N ARG A 239 -6.82 -21.02 25.30
CA ARG A 239 -5.68 -21.31 26.15
C ARG A 239 -5.61 -22.71 26.76
N GLY A 240 -6.24 -23.70 26.13
CA GLY A 240 -6.18 -25.05 26.66
C GLY A 240 -7.45 -25.83 26.89
N ILE A 241 -7.28 -27.01 27.49
CA ILE A 241 -8.36 -27.94 27.80
C ILE A 241 -8.36 -28.25 29.30
N GLU A 242 -9.47 -28.00 29.97
CA GLU A 242 -9.59 -28.22 31.41
C GLU A 242 -10.56 -29.35 31.72
N GLU A 243 -10.14 -30.29 32.56
CA GLU A 243 -11.01 -31.41 32.94
C GLU A 243 -11.86 -30.97 34.12
N VAL A 244 -13.12 -31.42 34.16
CA VAL A 244 -14.02 -31.05 35.25
C VAL A 244 -15.06 -32.13 35.52
N LYS A 245 -14.92 -32.84 36.65
CA LYS A 245 -15.90 -33.86 37.00
C LYS A 245 -17.01 -33.16 37.77
N LEU A 246 -18.22 -33.70 37.68
CA LEU A 246 -19.34 -33.06 38.32
C LEU A 246 -20.41 -34.07 38.67
N ASN A 247 -21.17 -33.81 39.71
CA ASN A 247 -22.25 -34.70 40.08
C ASN A 247 -23.54 -33.90 40.07
N VAL A 248 -24.62 -34.57 39.70
CA VAL A 248 -25.91 -33.90 39.63
C VAL A 248 -26.30 -33.21 40.94
N THR A 249 -25.71 -33.62 42.05
CA THR A 249 -26.02 -32.99 43.34
C THR A 249 -25.36 -31.64 43.44
N ASP A 250 -24.19 -31.49 42.81
CA ASP A 250 -23.47 -30.23 42.83
C ASP A 250 -24.34 -29.06 42.32
N PHE A 251 -25.51 -29.40 41.79
CA PHE A 251 -26.45 -28.39 41.29
C PHE A 251 -27.42 -28.05 42.40
N GLY A 252 -27.37 -28.82 43.48
CA GLY A 252 -28.26 -28.58 44.60
C GLY A 252 -29.58 -29.31 44.48
N ILE A 253 -29.58 -30.41 43.74
CA ILE A 253 -30.80 -31.18 43.57
C ILE A 253 -30.51 -32.66 43.75
N SER A 254 -31.58 -33.44 43.95
CA SER A 254 -31.45 -34.87 44.13
C SER A 254 -31.61 -35.55 42.76
N PRO A 255 -30.82 -36.60 42.51
CA PRO A 255 -30.88 -37.33 41.24
C PRO A 255 -32.30 -37.51 40.71
N ILE A 256 -32.45 -37.28 39.41
CA ILE A 256 -33.72 -37.41 38.73
C ILE A 256 -33.89 -38.83 38.24
N PRO A 257 -35.09 -39.40 38.41
CA PRO A 257 -35.31 -40.77 37.95
C PRO A 257 -35.35 -40.81 36.42
N ILE A 258 -34.34 -41.47 35.84
CA ILE A 258 -34.22 -41.59 34.40
C ILE A 258 -35.53 -41.96 33.73
N GLU A 259 -36.31 -42.79 34.42
CA GLU A 259 -37.59 -43.23 33.90
C GLU A 259 -38.42 -42.06 33.42
N LYS A 260 -38.40 -40.96 34.16
CA LYS A 260 -39.18 -39.78 33.81
C LYS A 260 -38.68 -38.97 32.61
N LEU A 261 -37.39 -39.07 32.31
CA LEU A 261 -36.81 -38.29 31.22
C LEU A 261 -36.92 -38.92 29.82
N ILE A 262 -37.43 -40.14 29.75
CA ILE A 262 -37.53 -40.83 28.48
C ILE A 262 -38.80 -40.52 27.71
N VAL A 263 -38.69 -40.50 26.39
CA VAL A 263 -39.84 -40.21 25.54
C VAL A 263 -40.03 -41.31 24.51
N ASN A 264 -41.14 -41.26 23.79
CA ASN A 264 -41.47 -42.26 22.79
C ASN A 264 -41.85 -41.69 21.42
N SER A 265 -41.80 -40.37 21.28
CA SER A 265 -42.12 -39.76 19.99
C SER A 265 -41.88 -38.25 20.04
N ALA A 266 -41.83 -37.63 18.86
CA ALA A 266 -41.59 -36.20 18.78
C ALA A 266 -42.60 -35.44 19.61
N GLU A 267 -43.88 -35.78 19.44
CA GLU A 267 -44.92 -35.08 20.18
C GLU A 267 -44.84 -35.34 21.69
N ASP A 268 -44.45 -36.54 22.06
CA ASP A 268 -44.32 -36.89 23.46
C ASP A 268 -43.23 -36.03 24.10
N SER A 269 -42.14 -35.80 23.37
CA SER A 269 -41.02 -34.99 23.85
C SER A 269 -41.51 -33.55 24.01
N ALA A 270 -42.19 -33.05 22.97
CA ALA A 270 -42.74 -31.69 22.98
C ALA A 270 -43.57 -31.44 24.23
N ILE A 271 -44.55 -32.30 24.47
CA ILE A 271 -45.41 -32.20 25.63
C ILE A 271 -44.57 -32.15 26.89
N LYS A 272 -43.68 -33.13 27.08
CA LYS A 272 -42.84 -33.14 28.27
C LYS A 272 -42.07 -31.82 28.43
N ILE A 273 -41.70 -31.23 27.31
CA ILE A 273 -40.97 -29.96 27.34
C ILE A 273 -41.92 -28.86 27.77
N VAL A 274 -43.00 -28.66 27.01
CA VAL A 274 -43.99 -27.63 27.32
C VAL A 274 -44.54 -27.77 28.77
N ARG A 275 -44.73 -29.00 29.22
CA ARG A 275 -45.21 -29.20 30.57
C ARG A 275 -44.16 -28.64 31.52
N ALA A 276 -42.89 -28.88 31.22
CA ALA A 276 -41.81 -28.37 32.06
C ALA A 276 -41.81 -26.85 32.07
N PHE A 277 -42.16 -26.25 30.94
CA PHE A 277 -42.22 -24.79 30.82
C PHE A 277 -43.41 -24.24 31.60
N LEU A 278 -44.36 -25.10 31.93
CA LEU A 278 -45.55 -24.71 32.68
C LEU A 278 -45.37 -24.98 34.17
N GLY A 279 -44.41 -25.82 34.51
CA GLY A 279 -44.20 -26.14 35.92
C GLY A 279 -44.96 -27.41 36.27
N LYS A 280 -45.44 -28.11 35.24
CA LYS A 280 -46.20 -29.33 35.45
C LYS A 280 -45.32 -30.59 35.41
N ASP A 281 -44.03 -30.42 35.16
CA ASP A 281 -43.10 -31.55 35.11
C ASP A 281 -41.72 -31.15 35.62
N GLU A 282 -41.56 -31.20 36.94
CA GLU A 282 -40.32 -30.82 37.60
C GLU A 282 -39.09 -31.60 37.11
N HIS A 283 -39.25 -32.92 36.97
CA HIS A 283 -38.17 -33.79 36.53
C HIS A 283 -37.54 -33.33 35.21
N VAL A 284 -38.39 -33.13 34.20
CA VAL A 284 -37.92 -32.69 32.91
C VAL A 284 -37.32 -31.29 33.05
N ALA A 285 -37.99 -30.44 33.83
CA ALA A 285 -37.52 -29.08 34.04
C ALA A 285 -36.12 -29.05 34.65
N GLU A 286 -35.87 -29.93 35.60
CA GLU A 286 -34.58 -29.98 36.27
C GLU A 286 -33.52 -30.47 35.29
N PHE A 287 -33.96 -31.33 34.38
CA PHE A 287 -33.06 -31.88 33.39
C PHE A 287 -32.64 -30.72 32.48
N ILE A 288 -33.63 -29.94 32.06
CA ILE A 288 -33.40 -28.80 31.19
C ILE A 288 -32.52 -27.75 31.87
N LYS A 289 -32.68 -27.60 33.18
CA LYS A 289 -31.89 -26.59 33.88
C LYS A 289 -30.43 -26.94 34.19
N ILE A 290 -30.13 -28.18 34.56
CA ILE A 290 -28.74 -28.51 34.84
C ILE A 290 -27.92 -28.41 33.56
N ASN A 291 -28.58 -28.62 32.43
CA ASN A 291 -27.90 -28.50 31.15
C ASN A 291 -27.69 -27.03 30.81
N THR A 292 -28.78 -26.25 30.87
CA THR A 292 -28.72 -24.82 30.59
C THR A 292 -27.70 -24.19 31.51
N ALA A 293 -27.60 -24.74 32.72
CA ALA A 293 -26.66 -24.22 33.69
C ALA A 293 -25.23 -24.26 33.15
N VAL A 294 -24.82 -25.41 32.60
CA VAL A 294 -23.47 -25.55 32.06
C VAL A 294 -23.26 -24.61 30.89
N ALA A 295 -24.29 -24.49 30.05
CA ALA A 295 -24.21 -23.63 28.89
C ALA A 295 -23.99 -22.20 29.35
N LEU A 296 -24.75 -21.77 30.35
CA LEU A 296 -24.63 -20.42 30.90
C LEU A 296 -23.18 -20.21 31.34
N PHE A 297 -22.60 -21.26 31.92
CA PHE A 297 -21.24 -21.19 32.39
C PHE A 297 -20.31 -20.99 31.20
N ALA A 298 -20.60 -21.68 30.10
CA ALA A 298 -19.78 -21.55 28.91
C ALA A 298 -19.82 -20.11 28.41
N LEU A 299 -20.94 -19.43 28.63
CA LEU A 299 -21.11 -18.05 28.21
C LEU A 299 -20.53 -17.06 29.22
N ASP A 300 -20.02 -17.59 30.33
CA ASP A 300 -19.45 -16.75 31.37
C ASP A 300 -20.48 -15.88 32.06
N ARG A 301 -21.73 -16.34 32.09
CA ARG A 301 -22.79 -15.59 32.73
C ARG A 301 -22.86 -15.92 34.20
N VAL A 302 -22.19 -17.00 34.58
CA VAL A 302 -22.16 -17.43 35.97
C VAL A 302 -20.74 -17.85 36.35
N GLY A 303 -20.49 -18.01 37.65
CA GLY A 303 -19.16 -18.40 38.09
C GLY A 303 -19.07 -19.85 38.53
N ASP A 304 -20.20 -20.44 38.87
CA ASP A 304 -20.26 -21.83 39.29
C ASP A 304 -21.56 -22.42 38.78
N PHE A 305 -21.63 -23.76 38.74
CA PHE A 305 -22.81 -24.44 38.24
C PHE A 305 -24.06 -24.28 39.07
N ARG A 306 -23.90 -24.04 40.37
CA ARG A 306 -25.07 -23.86 41.23
C ARG A 306 -25.72 -22.54 40.79
N GLU A 307 -24.88 -21.53 40.59
CA GLU A 307 -25.35 -20.23 40.15
C GLU A 307 -26.08 -20.43 38.84
N GLY A 308 -25.45 -21.18 37.94
CA GLY A 308 -26.03 -21.47 36.64
C GLY A 308 -27.41 -22.11 36.73
N TYR A 309 -27.57 -23.09 37.62
CA TYR A 309 -28.85 -23.75 37.80
C TYR A 309 -29.91 -22.74 38.26
N GLU A 310 -29.53 -21.92 39.24
CA GLU A 310 -30.43 -20.90 39.77
C GLU A 310 -30.90 -19.96 38.66
N TYR A 311 -29.93 -19.44 37.91
CA TYR A 311 -30.24 -18.52 36.81
C TYR A 311 -31.24 -19.20 35.87
N ALA A 312 -30.95 -20.43 35.51
CA ALA A 312 -31.80 -21.20 34.61
C ALA A 312 -33.26 -21.29 35.10
N ASP A 313 -33.41 -21.31 36.42
CA ASP A 313 -34.74 -21.38 37.01
C ASP A 313 -35.52 -20.13 36.59
N HIS A 314 -34.86 -18.98 36.66
CA HIS A 314 -35.49 -17.72 36.29
C HIS A 314 -35.84 -17.73 34.82
N LEU A 315 -34.94 -18.29 34.02
CA LEU A 315 -35.17 -18.34 32.58
C LEU A 315 -36.34 -19.20 32.15
N ILE A 316 -36.40 -20.42 32.67
CA ILE A 316 -37.46 -21.34 32.30
C ILE A 316 -38.87 -20.75 32.45
N GLU A 317 -39.05 -19.89 33.46
CA GLU A 317 -40.32 -19.24 33.73
C GLU A 317 -40.79 -18.34 32.58
N LYS A 318 -39.87 -17.89 31.74
CA LYS A 318 -40.22 -17.02 30.63
C LYS A 318 -40.09 -17.74 29.31
N SER A 319 -39.67 -19.01 29.36
CA SER A 319 -39.46 -19.80 28.15
C SER A 319 -40.65 -20.13 27.27
N LEU A 320 -41.78 -20.51 27.86
CA LEU A 320 -42.96 -20.80 27.03
C LEU A 320 -43.37 -19.57 26.18
N ASP A 321 -43.30 -18.38 26.77
CA ASP A 321 -43.62 -17.17 26.02
C ASP A 321 -42.61 -17.00 24.88
N LYS A 322 -41.33 -17.19 25.21
CA LYS A 322 -40.26 -17.06 24.22
C LYS A 322 -40.49 -18.03 23.08
N LEU A 323 -40.80 -19.28 23.45
CA LEU A 323 -41.05 -20.32 22.46
C LEU A 323 -42.18 -19.84 21.55
N ASN A 324 -43.23 -19.32 22.17
CA ASN A 324 -44.37 -18.84 21.43
C ASN A 324 -43.95 -17.80 20.38
N GLU A 325 -43.16 -16.81 20.79
CA GLU A 325 -42.74 -15.80 19.83
C GLU A 325 -41.87 -16.39 18.73
N ILE A 326 -41.03 -17.36 19.07
CA ILE A 326 -40.16 -18.00 18.08
C ILE A 326 -41.00 -18.70 17.02
N ILE A 327 -41.91 -19.57 17.45
CA ILE A 327 -42.72 -20.31 16.50
C ILE A 327 -43.62 -19.40 15.70
N SER A 328 -44.17 -18.39 16.37
CA SER A 328 -45.06 -17.46 15.69
C SER A 328 -44.37 -16.66 14.61
N MET A 329 -43.07 -16.43 14.75
CA MET A 329 -42.34 -15.66 13.75
C MET A 329 -41.68 -16.52 12.68
N ASN A 330 -41.94 -17.82 12.75
CA ASN A 330 -41.41 -18.79 11.79
C ASN A 330 -42.01 -20.17 12.07
N GLY A 331 -43.29 -20.33 11.74
CA GLY A 331 -43.95 -21.59 11.96
C GLY A 331 -45.43 -21.48 12.24
N ASP A 332 -46.05 -22.58 12.65
CA ASP A 332 -47.47 -22.63 12.95
C ASP A 332 -47.73 -22.55 14.45
N VAL A 333 -48.15 -21.37 14.92
CA VAL A 333 -48.42 -21.16 16.34
C VAL A 333 -49.50 -22.09 16.91
N THR A 334 -50.51 -22.36 16.10
CA THR A 334 -51.61 -23.23 16.54
C THR A 334 -51.14 -24.62 16.93
N LYS A 335 -50.27 -25.19 16.10
CA LYS A 335 -49.74 -26.52 16.38
C LYS A 335 -49.13 -26.46 17.77
N LEU A 336 -48.57 -25.30 18.09
CA LEU A 336 -47.95 -25.06 19.38
C LEU A 336 -49.03 -25.00 20.45
N LYS A 337 -50.12 -24.32 20.15
CA LYS A 337 -51.24 -24.21 21.08
C LYS A 337 -51.84 -25.57 21.41
N THR A 338 -52.14 -26.36 20.37
CA THR A 338 -52.70 -27.68 20.57
C THR A 338 -51.79 -28.49 21.50
N ILE A 339 -50.48 -28.29 21.37
CA ILE A 339 -49.51 -28.98 22.20
C ILE A 339 -49.61 -28.44 23.62
N VAL A 340 -49.95 -27.16 23.73
CA VAL A 340 -50.09 -26.54 25.03
C VAL A 340 -51.33 -27.05 25.74
N VAL A 341 -52.34 -27.47 24.96
CA VAL A 341 -53.59 -27.94 25.53
C VAL A 341 -53.51 -29.10 26.53
N LYS A 342 -53.03 -28.63 27.69
CA LYS A 342 -52.79 -29.37 28.93
C LYS A 342 -51.59 -30.25 28.75
N SER A 343 -51.24 -30.43 27.49
CA SER A 343 -50.12 -31.25 27.11
C SER A 343 -48.88 -30.36 27.02
N SER A 344 -48.72 -29.49 27.90
N MET B 1 57.78 -2.15 -2.90
CA MET B 1 56.48 -2.64 -2.35
C MET B 1 56.04 -3.95 -3.00
N ASN B 2 56.67 -5.05 -2.58
CA ASN B 2 56.33 -6.36 -3.12
C ASN B 2 55.63 -7.18 -2.05
N ILE B 3 54.35 -7.42 -2.27
CA ILE B 3 53.54 -8.18 -1.34
C ILE B 3 54.19 -9.50 -0.97
N ASN B 4 54.53 -10.29 -1.99
CA ASN B 4 55.14 -11.60 -1.80
C ASN B 4 56.38 -11.57 -0.92
N GLU B 5 57.18 -10.51 -1.04
CA GLU B 5 58.36 -10.39 -0.21
C GLU B 5 57.84 -10.36 1.23
N ILE B 6 56.95 -9.40 1.48
CA ILE B 6 56.31 -9.18 2.78
C ILE B 6 55.71 -10.46 3.34
N LEU B 7 54.83 -11.07 2.57
CA LEU B 7 54.20 -12.28 3.01
C LEU B 7 55.23 -13.25 3.54
N LYS B 8 56.25 -13.53 2.74
CA LYS B 8 57.30 -14.46 3.14
C LYS B 8 57.99 -13.98 4.41
N LYS B 9 58.21 -12.66 4.49
CA LYS B 9 58.83 -12.09 5.65
C LYS B 9 57.98 -12.42 6.88
N LEU B 10 56.68 -12.21 6.75
CA LEU B 10 55.75 -12.48 7.84
C LEU B 10 55.71 -13.96 8.21
N ILE B 11 55.63 -14.83 7.21
CA ILE B 11 55.59 -16.26 7.47
C ILE B 11 56.82 -16.63 8.30
N ASN B 12 57.96 -16.03 7.95
CA ASN B 12 59.19 -16.30 8.67
C ASN B 12 59.17 -15.61 10.03
N LYS B 13 58.02 -15.05 10.37
CA LYS B 13 57.83 -14.38 11.64
C LYS B 13 58.78 -13.22 11.92
N SER B 14 58.98 -12.35 10.92
CA SER B 14 59.85 -11.19 11.07
C SER B 14 59.01 -9.92 11.08
N ASP B 15 59.08 -9.14 12.16
CA ASP B 15 58.30 -7.92 12.26
C ASP B 15 58.66 -6.90 11.19
N LEU B 16 57.68 -6.13 10.76
CA LEU B 16 57.89 -5.13 9.72
C LEU B 16 58.29 -3.79 10.33
N GLU B 17 58.60 -2.84 9.46
CA GLU B 17 58.98 -1.50 9.86
C GLU B 17 57.74 -0.64 9.73
N ILE B 18 57.62 0.37 10.57
CA ILE B 18 56.46 1.25 10.52
C ILE B 18 56.14 1.62 9.08
N ASN B 19 57.18 1.85 8.27
CA ASN B 19 56.99 2.20 6.87
C ASN B 19 56.47 1.00 6.08
N GLU B 20 57.12 -0.14 6.23
CA GLU B 20 56.68 -1.33 5.52
C GLU B 20 55.20 -1.49 5.81
N ALA B 21 54.88 -1.62 7.09
CA ALA B 21 53.50 -1.78 7.56
C ALA B 21 52.54 -0.78 6.96
N GLU B 22 52.90 0.50 7.01
CA GLU B 22 52.05 1.55 6.45
C GLU B 22 51.80 1.40 4.94
N GLU B 23 52.84 1.10 4.18
CA GLU B 23 52.68 0.95 2.75
C GLU B 23 51.78 -0.24 2.45
N LEU B 24 52.06 -1.35 3.12
CA LEU B 24 51.25 -2.56 2.96
C LEU B 24 49.79 -2.25 3.25
N ALA B 25 49.55 -1.54 4.35
CA ALA B 25 48.20 -1.19 4.74
C ALA B 25 47.55 -0.33 3.66
N LYS B 26 48.24 0.74 3.24
CA LYS B 26 47.72 1.62 2.20
C LYS B 26 47.25 0.80 1.01
N ALA B 27 48.14 -0.09 0.54
CA ALA B 27 47.83 -0.96 -0.60
C ALA B 27 46.56 -1.76 -0.37
N ILE B 28 46.53 -2.50 0.73
CA ILE B 28 45.40 -3.32 1.09
C ILE B 28 44.12 -2.49 1.15
N ILE B 29 44.18 -1.35 1.84
CA ILE B 29 43.03 -0.50 1.99
C ILE B 29 42.57 0.08 0.67
N ARG B 30 43.52 0.40 -0.19
CA ARG B 30 43.18 0.94 -1.50
C ARG B 30 42.63 -0.16 -2.40
N GLY B 31 42.67 -1.40 -1.94
CA GLY B 31 42.18 -2.52 -2.73
C GLY B 31 43.10 -2.86 -3.89
N GLU B 32 44.40 -2.63 -3.71
CA GLU B 32 45.36 -2.92 -4.73
C GLU B 32 46.02 -4.27 -4.55
N VAL B 33 45.63 -4.97 -3.50
CA VAL B 33 46.19 -6.29 -3.24
C VAL B 33 45.06 -7.28 -3.38
N PRO B 34 45.30 -8.40 -4.09
CA PRO B 34 44.31 -9.46 -4.31
C PRO B 34 43.81 -10.08 -3.01
N GLU B 35 42.53 -10.42 -2.97
CA GLU B 35 41.92 -11.00 -1.79
C GLU B 35 42.70 -12.13 -1.17
N ILE B 36 43.27 -12.98 -2.03
CA ILE B 36 44.05 -14.12 -1.59
C ILE B 36 45.26 -13.71 -0.79
N LEU B 37 45.84 -12.58 -1.16
CA LEU B 37 47.04 -12.12 -0.46
C LEU B 37 46.71 -11.41 0.84
N VAL B 38 45.62 -10.64 0.81
CA VAL B 38 45.19 -9.92 1.99
C VAL B 38 44.89 -10.97 3.06
N SER B 39 44.15 -11.99 2.64
CA SER B 39 43.80 -13.08 3.52
C SER B 39 45.04 -13.68 4.16
N ALA B 40 46.01 -14.03 3.33
CA ALA B 40 47.26 -14.62 3.76
C ALA B 40 48.06 -13.68 4.67
N ILE B 41 48.11 -12.41 4.31
CA ILE B 41 48.86 -11.44 5.12
C ILE B 41 48.24 -11.24 6.51
N LEU B 42 46.92 -11.08 6.54
CA LEU B 42 46.27 -10.90 7.83
C LEU B 42 46.49 -12.15 8.66
N VAL B 43 46.27 -13.32 8.07
CA VAL B 43 46.49 -14.55 8.83
C VAL B 43 47.92 -14.68 9.36
N ALA B 44 48.89 -14.40 8.51
CA ALA B 44 50.27 -14.49 8.94
C ALA B 44 50.52 -13.48 10.04
N LEU B 45 50.02 -12.27 9.80
CA LEU B 45 50.15 -11.16 10.71
C LEU B 45 49.67 -11.58 12.10
N ARG B 46 48.52 -12.25 12.15
CA ARG B 46 47.98 -12.68 13.43
C ARG B 46 48.74 -13.82 14.07
N MET B 47 49.15 -14.81 13.29
CA MET B 47 49.89 -15.94 13.84
C MET B 47 51.28 -15.56 14.33
N LYS B 48 51.85 -14.54 13.71
CA LYS B 48 53.17 -14.07 14.13
C LYS B 48 52.98 -13.26 15.41
N GLY B 49 51.88 -12.50 15.44
CA GLY B 49 51.60 -11.65 16.58
C GLY B 49 51.95 -10.25 16.13
N GLU B 50 50.95 -9.40 15.91
CA GLU B 50 51.23 -8.05 15.45
C GLU B 50 52.11 -7.33 16.45
N SER B 51 53.02 -6.51 15.92
CA SER B 51 53.95 -5.76 16.74
C SER B 51 53.56 -4.29 16.73
N LYS B 52 54.14 -3.54 17.66
CA LYS B 52 53.86 -2.11 17.79
C LYS B 52 53.95 -1.37 16.46
N ASN B 53 55.07 -1.51 15.77
CA ASN B 53 55.29 -0.83 14.50
C ASN B 53 54.22 -1.14 13.48
N GLU B 54 53.80 -2.40 13.44
CA GLU B 54 52.79 -2.82 12.48
C GLU B 54 51.46 -2.19 12.84
N ILE B 55 51.20 -2.11 14.14
CA ILE B 55 49.96 -1.51 14.62
C ILE B 55 49.99 -0.06 14.18
N VAL B 56 51.13 0.58 14.43
CA VAL B 56 51.31 1.99 14.09
C VAL B 56 51.20 2.22 12.60
N GLY B 57 51.88 1.38 11.84
CA GLY B 57 51.84 1.51 10.40
C GLY B 57 50.41 1.49 9.91
N PHE B 58 49.68 0.46 10.32
CA PHE B 58 48.29 0.35 9.89
C PHE B 58 47.46 1.52 10.38
N ALA B 59 47.66 1.91 11.62
CA ALA B 59 46.89 3.02 12.17
C ALA B 59 47.10 4.26 11.29
N ARG B 60 48.35 4.55 10.98
CA ARG B 60 48.66 5.70 10.14
C ARG B 60 48.02 5.60 8.76
N ALA B 61 48.12 4.41 8.15
CA ALA B 61 47.52 4.20 6.84
C ALA B 61 46.03 4.52 6.89
N MET B 62 45.38 4.03 7.94
CA MET B 62 43.95 4.22 8.16
C MET B 62 43.57 5.71 8.21
N ARG B 63 44.19 6.41 9.15
CA ARG B 63 43.92 7.83 9.33
C ARG B 63 44.06 8.56 8.01
N GLU B 64 45.21 8.36 7.35
CA GLU B 64 45.49 8.99 6.07
C GLU B 64 44.35 8.86 5.04
N LEU B 65 43.73 7.68 4.90
CA LEU B 65 42.65 7.46 3.90
C LEU B 65 41.24 7.76 4.37
N ALA B 66 41.10 8.10 5.65
CA ALA B 66 39.79 8.39 6.20
C ALA B 66 39.33 9.79 5.83
N ILE B 67 38.02 9.99 5.88
CA ILE B 67 37.44 11.29 5.61
C ILE B 67 37.64 11.96 6.96
N LYS B 68 38.16 13.19 6.95
CA LYS B 68 38.44 13.85 8.21
C LYS B 68 37.70 15.16 8.46
N ILE B 69 37.55 15.49 9.73
CA ILE B 69 36.95 16.76 10.14
C ILE B 69 37.95 17.21 11.18
N ASP B 70 38.00 18.50 11.46
CA ASP B 70 38.98 18.94 12.43
C ASP B 70 38.36 19.43 13.73
N VAL B 71 38.60 18.66 14.78
CA VAL B 71 38.11 18.98 16.13
C VAL B 71 39.03 18.28 17.13
N PRO B 72 40.36 18.52 17.04
CA PRO B 72 41.30 17.89 17.97
C PRO B 72 41.04 18.18 19.45
N ASN B 73 40.31 19.26 19.71
CA ASN B 73 39.96 19.68 21.07
C ASN B 73 38.86 18.77 21.66
N ALA B 74 38.33 17.90 20.81
CA ALA B 74 37.29 16.98 21.20
C ALA B 74 37.86 15.80 21.95
N ILE B 75 36.95 15.06 22.56
CA ILE B 75 37.31 13.88 23.30
C ILE B 75 36.43 12.77 22.74
N ASP B 76 36.94 11.54 22.82
CA ASP B 76 36.23 10.38 22.33
C ASP B 76 36.36 9.32 23.41
N THR B 77 35.34 8.47 23.53
CA THR B 77 35.37 7.38 24.48
C THR B 77 35.34 6.14 23.61
N ALA B 78 36.53 5.73 23.19
CA ALA B 78 36.72 4.59 22.30
C ALA B 78 36.11 3.26 22.74
N GLY B 79 36.76 2.17 22.32
CA GLY B 79 36.29 0.84 22.64
C GLY B 79 36.56 -0.08 21.48
N ASP B 83 34.82 -10.74 21.53
CA ASP B 83 35.02 -10.61 22.98
C ASP B 83 33.69 -10.27 23.67
N GLY B 84 32.91 -9.40 23.04
CA GLY B 84 31.63 -8.98 23.58
C GLY B 84 31.03 -9.78 24.73
N LEU B 85 30.91 -9.15 25.90
CA LEU B 85 30.35 -9.78 27.09
C LEU B 85 28.88 -9.36 27.22
N GLY B 86 28.41 -8.51 26.32
CA GLY B 86 27.02 -8.09 26.33
C GLY B 86 26.67 -6.92 27.23
N THR B 87 27.66 -6.10 27.55
CA THR B 87 27.41 -4.97 28.42
C THR B 87 26.62 -3.83 27.76
N VAL B 88 26.07 -2.96 28.59
CA VAL B 88 25.31 -1.83 28.06
C VAL B 88 26.35 -0.89 27.44
N ASN B 89 25.96 -0.01 26.52
CA ASN B 89 26.93 0.86 25.85
C ASN B 89 27.42 2.10 26.61
N VAL B 90 28.06 1.88 27.75
CA VAL B 90 28.57 2.96 28.58
C VAL B 90 29.32 4.06 27.85
N SER B 91 30.29 3.68 27.03
CA SER B 91 31.06 4.65 26.29
C SER B 91 30.14 5.72 25.71
N THR B 92 29.06 5.29 25.07
CA THR B 92 28.10 6.19 24.46
C THR B 92 27.35 7.02 25.47
N ALA B 93 26.79 6.36 26.48
CA ALA B 93 26.05 7.08 27.53
C ALA B 93 26.99 8.14 28.07
N SER B 94 28.20 7.68 28.36
CA SER B 94 29.27 8.48 28.89
C SER B 94 29.66 9.64 27.99
N ALA B 95 29.58 9.44 26.68
CA ALA B 95 29.95 10.52 25.74
C ALA B 95 28.95 11.64 25.90
N ILE B 96 27.74 11.29 26.29
CA ILE B 96 26.70 12.27 26.49
C ILE B 96 26.96 13.17 27.70
N LEU B 97 27.37 12.60 28.82
CA LEU B 97 27.64 13.45 29.98
C LEU B 97 28.80 14.39 29.64
N LEU B 98 29.77 13.88 28.90
CA LEU B 98 30.93 14.66 28.52
C LEU B 98 30.62 15.85 27.64
N SER B 99 29.60 15.73 26.78
CA SER B 99 29.28 16.81 25.87
C SER B 99 28.84 18.04 26.61
N LEU B 100 28.46 17.86 27.87
CA LEU B 100 28.02 18.96 28.73
C LEU B 100 29.20 19.86 29.09
N VAL B 101 30.40 19.29 29.16
CA VAL B 101 31.57 20.07 29.54
C VAL B 101 32.69 20.09 28.51
N ASN B 102 32.47 19.53 27.32
CA ASN B 102 33.53 19.49 26.33
C ASN B 102 33.04 18.84 25.05
N PRO B 103 33.53 19.33 23.89
CA PRO B 103 33.12 18.78 22.59
C PRO B 103 33.43 17.29 22.50
N VAL B 104 32.45 16.52 22.01
CA VAL B 104 32.59 15.08 21.88
C VAL B 104 32.43 14.58 20.46
N ALA B 105 33.49 13.92 19.99
CA ALA B 105 33.51 13.33 18.64
C ALA B 105 33.60 11.82 18.87
N LYS B 106 32.44 11.19 18.98
CA LYS B 106 32.35 9.76 19.23
C LYS B 106 32.49 8.91 17.97
N HIS B 107 33.57 8.15 17.90
CA HIS B 107 33.80 7.26 16.77
C HIS B 107 32.99 6.02 17.15
N GLY B 108 32.39 5.35 16.18
CA GLY B 108 31.62 4.17 16.51
C GLY B 108 31.14 3.37 15.33
N ASN B 109 30.68 2.16 15.62
CA ASN B 109 30.17 1.27 14.60
C ASN B 109 29.05 0.42 15.19
N ARG B 110 28.74 -0.69 14.54
CA ARG B 110 27.66 -1.57 14.98
C ARG B 110 28.18 -2.96 15.30
N ALA B 111 28.63 -3.15 16.54
CA ALA B 111 29.14 -4.46 16.96
C ALA B 111 28.17 -5.55 16.52
N VAL B 112 28.71 -6.64 15.97
CA VAL B 112 27.88 -7.76 15.50
C VAL B 112 27.56 -8.71 16.66
N SER B 113 27.99 -8.35 17.87
CA SER B 113 27.72 -9.15 19.05
C SER B 113 26.35 -8.77 19.61
N GLY B 114 25.30 -9.08 18.85
CA GLY B 114 23.94 -8.76 19.28
C GLY B 114 23.44 -7.45 18.72
N LYS B 115 23.37 -6.44 19.58
CA LYS B 115 22.93 -5.10 19.19
C LYS B 115 23.54 -4.07 20.15
N SER B 116 24.68 -4.41 20.72
CA SER B 116 25.34 -3.52 21.65
C SER B 116 26.19 -2.45 20.97
N GLY B 117 26.12 -2.34 19.65
CA GLY B 117 26.95 -1.33 19.00
C GLY B 117 26.53 0.11 19.31
N SER B 118 27.50 0.97 19.60
CA SER B 118 27.17 2.35 19.93
C SER B 118 26.32 2.99 18.84
N ALA B 119 26.54 2.61 17.59
CA ALA B 119 25.76 3.17 16.47
C ALA B 119 24.31 2.69 16.55
N ASP B 120 24.13 1.47 17.04
CA ASP B 120 22.78 0.92 17.17
C ASP B 120 22.02 1.59 18.31
N VAL B 121 22.69 1.77 19.44
CA VAL B 121 22.06 2.40 20.58
C VAL B 121 21.59 3.80 20.18
N LEU B 122 22.50 4.55 19.58
CA LEU B 122 22.20 5.91 19.12
C LEU B 122 21.06 5.89 18.13
N GLU B 123 21.12 4.94 17.20
CA GLU B 123 20.08 4.81 16.20
C GLU B 123 18.76 4.53 16.90
N ALA B 124 18.81 3.72 17.94
CA ALA B 124 17.61 3.39 18.70
C ALA B 124 17.01 4.61 19.39
N LEU B 125 17.86 5.44 19.98
CA LEU B 125 17.38 6.65 20.65
C LEU B 125 16.78 7.66 19.68
N GLY B 126 16.98 7.44 18.38
CA GLY B 126 16.43 8.36 17.40
C GLY B 126 17.49 9.17 16.67
N TYR B 127 18.74 9.03 17.07
CA TYR B 127 19.83 9.77 16.45
C TYR B 127 20.02 9.31 15.02
N ASN B 128 20.38 10.24 14.13
CA ASN B 128 20.62 9.89 12.74
C ASN B 128 22.12 9.66 12.61
N ILE B 129 22.53 8.41 12.77
CA ILE B 129 23.95 8.05 12.74
C ILE B 129 24.77 8.32 11.49
N ILE B 130 24.14 8.73 10.40
CA ILE B 130 24.90 9.04 9.20
C ILE B 130 24.99 10.55 9.08
N VAL B 131 26.10 11.10 9.54
CA VAL B 131 26.32 12.54 9.53
C VAL B 131 27.42 12.98 8.56
N PRO B 132 27.04 13.69 7.50
CA PRO B 132 28.05 14.16 6.53
C PRO B 132 29.08 15.03 7.25
N PRO B 133 30.35 14.95 6.84
CA PRO B 133 31.46 15.73 7.42
C PRO B 133 31.16 17.22 7.67
N GLU B 134 30.51 17.86 6.71
CA GLU B 134 30.18 19.28 6.82
C GLU B 134 29.21 19.54 7.97
N ARG B 135 28.11 18.80 8.01
CA ARG B 135 27.14 18.98 9.06
C ARG B 135 27.69 18.47 10.38
N ALA B 136 28.63 17.55 10.31
CA ALA B 136 29.23 17.01 11.51
C ALA B 136 29.86 18.15 12.31
N LYS B 137 30.74 18.90 11.63
CA LYS B 137 31.42 20.03 12.26
C LYS B 137 30.38 20.98 12.88
N GLU B 138 29.30 21.21 12.15
CA GLU B 138 28.22 22.08 12.59
C GLU B 138 27.63 21.61 13.91
N LEU B 139 27.12 20.39 13.91
CA LEU B 139 26.51 19.79 15.09
C LEU B 139 27.40 19.87 16.31
N VAL B 140 28.69 19.66 16.13
CA VAL B 140 29.61 19.72 17.25
C VAL B 140 29.60 21.10 17.90
N ASN B 141 29.47 22.13 17.08
CA ASN B 141 29.45 23.49 17.58
C ASN B 141 28.09 23.79 18.18
N LYS B 142 27.04 23.33 17.49
CA LYS B 142 25.68 23.56 17.93
C LYS B 142 25.24 22.75 19.16
N THR B 143 25.86 21.60 19.39
CA THR B 143 25.48 20.79 20.55
C THR B 143 26.65 20.20 21.31
N ASN B 144 27.87 20.39 20.81
CA ASN B 144 29.07 19.89 21.48
C ASN B 144 29.27 18.38 21.39
N PHE B 145 28.55 17.75 20.46
CA PHE B 145 28.63 16.31 20.29
C PHE B 145 28.28 15.89 18.88
N VAL B 146 28.96 14.88 18.38
CA VAL B 146 28.66 14.35 17.05
C VAL B 146 29.15 12.91 16.98
N PHE B 147 28.40 12.08 16.26
CA PHE B 147 28.77 10.68 16.11
C PHE B 147 29.37 10.42 14.73
N LEU B 148 30.59 9.90 14.73
CA LEU B 148 31.25 9.59 13.47
C LEU B 148 31.09 8.10 13.22
N PHE B 149 30.16 7.77 12.35
CA PHE B 149 29.88 6.39 11.98
C PHE B 149 31.03 5.83 11.13
N ALA B 150 31.80 4.93 11.72
CA ALA B 150 32.98 4.33 11.06
C ALA B 150 32.80 3.92 9.60
N GLN B 151 31.72 3.21 9.30
CA GLN B 151 31.51 2.77 7.93
C GLN B 151 31.45 3.96 6.97
N TYR B 152 30.91 5.08 7.44
CA TYR B 152 30.77 6.27 6.62
C TYR B 152 32.05 7.06 6.57
N TYR B 153 32.87 6.93 7.62
CA TYR B 153 34.11 7.68 7.69
C TYR B 153 35.36 6.93 7.26
N HIS B 154 35.23 5.62 7.13
CA HIS B 154 36.33 4.79 6.68
C HIS B 154 35.79 4.01 5.49
N PRO B 155 35.40 4.73 4.43
CA PRO B 155 34.86 4.11 3.22
C PRO B 155 35.87 3.25 2.50
N ALA B 156 37.15 3.57 2.69
CA ALA B 156 38.21 2.82 2.05
C ALA B 156 38.17 1.36 2.53
N MET B 157 37.72 1.16 3.76
CA MET B 157 37.61 -0.16 4.38
C MET B 157 36.87 -1.21 3.57
N LYS B 158 35.89 -0.79 2.77
CA LYS B 158 35.12 -1.73 1.96
C LYS B 158 36.00 -2.73 1.20
N ASN B 159 37.18 -2.29 0.79
CA ASN B 159 38.09 -3.15 0.03
C ASN B 159 38.62 -4.37 0.79
N VAL B 160 38.47 -4.37 2.11
CA VAL B 160 38.96 -5.49 2.93
C VAL B 160 37.77 -6.22 3.54
N ALA B 161 36.59 -5.66 3.33
CA ALA B 161 35.36 -6.21 3.86
C ALA B 161 35.19 -7.69 3.60
N ASN B 162 35.12 -8.03 2.32
CA ASN B 162 34.96 -9.42 1.89
C ASN B 162 35.92 -10.38 2.59
N VAL B 163 37.20 -10.04 2.63
CA VAL B 163 38.17 -10.90 3.28
C VAL B 163 37.83 -11.03 4.76
N ARG B 164 37.66 -9.90 5.44
CA ARG B 164 37.33 -9.90 6.85
C ARG B 164 36.10 -10.74 7.14
N LYS B 165 35.05 -10.53 6.36
CA LYS B 165 33.82 -11.28 6.56
C LYS B 165 34.05 -12.76 6.34
N THR B 166 34.63 -13.13 5.20
CA THR B 166 34.86 -14.53 4.89
C THR B 166 35.75 -15.24 5.91
N LEU B 167 36.82 -14.58 6.33
CA LEU B 167 37.72 -15.19 7.30
C LEU B 167 36.98 -15.45 8.60
N GLY B 168 36.23 -14.46 9.06
CA GLY B 168 35.49 -14.59 10.29
C GLY B 168 36.39 -14.81 11.50
N ILE B 169 37.45 -14.00 11.62
CA ILE B 169 38.37 -14.12 12.75
C ILE B 169 39.02 -12.77 13.06
N ARG B 170 39.70 -12.70 14.20
CA ARG B 170 40.36 -11.49 14.62
C ARG B 170 41.58 -11.15 13.76
N THR B 171 41.57 -9.99 13.11
CA THR B 171 42.72 -9.57 12.32
C THR B 171 43.24 -8.31 12.99
N ILE B 172 44.28 -7.72 12.43
CA ILE B 172 44.87 -6.52 13.00
C ILE B 172 43.86 -5.36 12.98
N PHE B 173 42.94 -5.39 12.03
CA PHE B 173 41.95 -4.34 11.89
C PHE B 173 41.01 -4.21 13.07
N ASN B 174 40.75 -5.33 13.73
CA ASN B 174 39.87 -5.33 14.87
C ASN B 174 40.35 -4.47 16.02
N ILE B 175 41.64 -4.17 16.07
CA ILE B 175 42.16 -3.34 17.14
C ILE B 175 42.60 -1.97 16.67
N LEU B 176 42.11 -1.56 15.50
CA LEU B 176 42.50 -0.26 14.98
C LEU B 176 41.43 0.79 15.16
N GLY B 177 40.18 0.36 15.11
CA GLY B 177 39.07 1.30 15.25
C GLY B 177 39.32 2.47 16.18
N PRO B 178 39.45 2.23 17.50
CA PRO B 178 39.68 3.27 18.51
C PRO B 178 40.92 4.15 18.32
N LEU B 179 41.87 3.68 17.52
CA LEU B 179 43.08 4.48 17.27
C LEU B 179 42.93 5.28 16.00
N THR B 180 41.76 5.21 15.37
CA THR B 180 41.50 5.92 14.13
C THR B 180 40.31 6.85 14.16
N ASN B 181 40.31 7.73 15.17
CA ASN B 181 39.27 8.73 15.37
C ASN B 181 39.32 9.77 14.26
N PRO B 182 38.26 9.87 13.43
CA PRO B 182 38.10 10.79 12.29
C PRO B 182 38.30 12.29 12.58
N ALA B 183 37.94 12.71 13.78
CA ALA B 183 38.07 14.11 14.17
C ALA B 183 39.46 14.33 14.71
N ASN B 184 40.24 13.27 14.79
CA ASN B 184 41.60 13.39 15.28
C ASN B 184 41.60 13.85 16.73
N ALA B 185 40.59 13.44 17.50
CA ALA B 185 40.48 13.84 18.90
C ALA B 185 41.79 13.63 19.65
N LYS B 186 42.18 14.62 20.45
CA LYS B 186 43.42 14.52 21.19
C LYS B 186 43.27 13.94 22.59
N TYR B 187 42.06 14.07 23.14
CA TYR B 187 41.75 13.53 24.47
C TYR B 187 40.88 12.31 24.23
N GLN B 188 41.33 11.14 24.67
CA GLN B 188 40.54 9.96 24.44
C GLN B 188 40.57 8.90 25.53
N LEU B 189 39.47 8.18 25.69
CA LEU B 189 39.42 7.11 26.68
C LEU B 189 39.13 5.94 25.77
N MET B 190 40.14 5.08 25.61
CA MET B 190 40.02 3.91 24.74
C MET B 190 40.01 2.63 25.56
N GLY B 191 39.03 1.76 25.32
CA GLY B 191 38.96 0.52 26.07
C GLY B 191 39.45 -0.65 25.26
N VAL B 192 40.23 -1.53 25.88
CA VAL B 192 40.77 -2.71 25.20
C VAL B 192 40.26 -4.05 25.80
N PHE B 193 39.91 -4.95 24.88
CA PHE B 193 39.35 -6.25 25.20
C PHE B 193 40.31 -7.24 25.85
N SER B 194 41.54 -6.82 26.15
CA SER B 194 42.53 -7.74 26.73
C SER B 194 43.75 -7.10 27.42
N LYS B 195 44.19 -7.74 28.50
CA LYS B 195 45.33 -7.25 29.26
C LYS B 195 46.62 -7.16 28.45
N ASP B 196 46.83 -8.13 27.56
CA ASP B 196 48.03 -8.15 26.74
C ASP B 196 48.03 -6.97 25.77
N HIS B 197 46.84 -6.47 25.48
CA HIS B 197 46.68 -5.35 24.57
C HIS B 197 46.90 -4.00 25.22
N LEU B 198 46.93 -3.98 26.54
CA LEU B 198 47.18 -2.74 27.22
C LEU B 198 48.59 -2.26 26.90
N ASP B 199 49.57 -3.09 27.19
CA ASP B 199 50.95 -2.70 26.93
C ASP B 199 51.13 -2.38 25.46
N LEU B 200 50.82 -3.34 24.60
CA LEU B 200 50.96 -3.18 23.17
C LEU B 200 50.38 -1.88 22.64
N LEU B 201 49.05 -1.78 22.68
CA LEU B 201 48.34 -0.61 22.19
C LEU B 201 48.76 0.69 22.85
N SER B 202 49.20 0.64 24.10
CA SER B 202 49.63 1.86 24.77
C SER B 202 50.91 2.34 24.08
N LYS B 203 51.90 1.46 23.97
CA LYS B 203 53.15 1.82 23.30
C LYS B 203 52.85 2.26 21.88
N SER B 204 51.89 1.60 21.24
CA SER B 204 51.52 1.96 19.89
C SER B 204 50.98 3.38 19.89
N ALA B 205 50.05 3.65 20.80
CA ALA B 205 49.42 4.98 20.90
C ALA B 205 50.43 6.07 21.17
N TYR B 206 51.48 5.74 21.91
CA TYR B 206 52.51 6.70 22.26
C TYR B 206 53.15 7.33 21.03
N GLU B 207 53.00 6.68 19.88
CA GLU B 207 53.58 7.19 18.65
C GLU B 207 52.55 7.70 17.67
N LEU B 208 51.28 7.67 18.06
CA LEU B 208 50.26 8.14 17.15
C LEU B 208 49.92 9.60 17.41
N ASP B 209 50.72 10.26 18.22
CA ASP B 209 50.50 11.68 18.50
C ASP B 209 49.18 11.99 19.19
N PHE B 210 49.15 11.86 20.51
CA PHE B 210 47.95 12.15 21.30
C PHE B 210 48.33 13.10 22.42
N ASN B 211 47.40 13.98 22.80
CA ASN B 211 47.65 14.89 23.91
C ASN B 211 47.56 14.00 25.14
N LYS B 212 46.45 13.29 25.24
CA LYS B 212 46.23 12.36 26.33
C LYS B 212 45.18 11.32 25.97
N ILE B 213 45.57 10.06 26.07
CA ILE B 213 44.69 8.95 25.79
C ILE B 213 44.86 7.95 26.93
N ILE B 214 43.75 7.51 27.48
CA ILE B 214 43.81 6.55 28.56
C ILE B 214 43.23 5.22 28.12
N LEU B 215 44.09 4.20 28.08
CA LEU B 215 43.65 2.88 27.69
C LEU B 215 43.28 2.17 28.98
N VAL B 216 42.21 1.38 28.95
CA VAL B 216 41.78 0.68 30.15
C VAL B 216 41.26 -0.72 29.87
N TYR B 217 41.47 -1.60 30.83
CA TYR B 217 41.01 -2.99 30.78
C TYR B 217 40.37 -3.28 32.12
N GLY B 218 39.12 -3.71 32.14
CA GLY B 218 38.50 -3.97 33.43
C GLY B 218 38.02 -5.40 33.63
N GLU B 219 38.13 -5.87 34.87
CA GLU B 219 37.68 -7.21 35.22
C GLU B 219 36.15 -7.23 35.09
N PRO B 220 35.57 -8.39 34.75
CA PRO B 220 36.19 -9.69 34.49
C PRO B 220 36.71 -9.82 33.07
N GLY B 221 36.93 -8.69 32.41
CA GLY B 221 37.42 -8.74 31.05
C GLY B 221 36.57 -7.91 30.11
N ILE B 222 36.65 -6.59 30.24
CA ILE B 222 35.88 -5.71 29.37
C ILE B 222 36.65 -4.48 28.93
N ASP B 223 36.30 -3.98 27.76
CA ASP B 223 36.93 -2.82 27.17
C ASP B 223 36.42 -1.54 27.84
N GLU B 224 36.25 -1.59 29.15
CA GLU B 224 35.74 -0.45 29.91
C GLU B 224 36.28 -0.46 31.35
N VAL B 225 35.95 0.58 32.12
CA VAL B 225 36.34 0.67 33.52
C VAL B 225 35.53 -0.40 34.28
N SER B 226 36.21 -1.22 35.08
CA SER B 226 35.57 -2.31 35.81
C SER B 226 34.50 -1.90 36.84
N PRO B 227 33.27 -2.40 36.66
CA PRO B 227 32.18 -2.09 37.57
C PRO B 227 32.20 -3.08 38.74
N ILE B 228 33.02 -4.12 38.61
CA ILE B 228 33.07 -5.11 39.67
C ILE B 228 34.38 -5.17 40.41
N GLY B 229 35.47 -4.77 39.77
CA GLY B 229 36.73 -4.85 40.50
C GLY B 229 37.85 -3.96 40.00
N ASN B 230 38.98 -4.59 39.72
CA ASN B 230 40.15 -3.88 39.28
C ASN B 230 40.12 -3.46 37.83
N THR B 231 40.60 -2.24 37.60
CA THR B 231 40.68 -1.68 36.27
C THR B 231 42.15 -1.36 36.06
N PHE B 232 42.71 -1.77 34.93
CA PHE B 232 44.11 -1.48 34.66
C PHE B 232 44.17 -0.48 33.53
N MET B 233 44.85 0.65 33.75
CA MET B 233 44.95 1.68 32.73
C MET B 233 46.38 2.15 32.44
N LYS B 234 46.57 2.62 31.21
CA LYS B 234 47.85 3.15 30.76
C LYS B 234 47.56 4.57 30.31
N ILE B 235 48.18 5.55 30.96
CA ILE B 235 47.97 6.94 30.59
C ILE B 235 49.08 7.36 29.65
N VAL B 236 48.74 7.63 28.40
CA VAL B 236 49.71 7.99 27.38
C VAL B 236 49.66 9.46 27.04
N SER B 237 50.84 10.09 27.02
CA SER B 237 50.93 11.51 26.72
C SER B 237 52.20 11.80 25.96
N LYS B 238 52.41 13.08 25.66
CA LYS B 238 53.59 13.51 24.94
C LYS B 238 54.86 13.18 25.72
N ARG B 239 54.73 13.06 27.04
CA ARG B 239 55.89 12.75 27.87
C ARG B 239 55.97 11.35 28.47
N GLY B 240 55.33 10.37 27.84
CA GLY B 240 55.40 9.02 28.37
C GLY B 240 54.12 8.25 28.61
N ILE B 241 54.29 7.07 29.20
CA ILE B 241 53.22 6.13 29.53
C ILE B 241 53.25 5.82 31.03
N GLU B 242 52.14 6.07 31.71
CA GLU B 242 52.04 5.84 33.16
C GLU B 242 51.08 4.70 33.47
N GLU B 243 51.50 3.75 34.31
CA GLU B 243 50.64 2.64 34.68
C GLU B 243 49.81 3.05 35.89
N VAL B 244 48.54 2.62 35.92
CA VAL B 244 47.67 2.97 37.02
C VAL B 244 46.63 1.90 37.33
N LYS B 245 46.81 1.18 38.43
CA LYS B 245 45.82 0.16 38.81
C LYS B 245 44.72 0.85 39.60
N LEU B 246 43.51 0.32 39.53
CA LEU B 246 42.41 0.96 40.21
C LEU B 246 41.35 -0.06 40.56
N ASN B 247 40.60 0.21 41.63
CA ASN B 247 39.53 -0.69 42.02
C ASN B 247 38.25 0.11 42.04
N VAL B 248 37.15 -0.54 41.70
CA VAL B 248 35.87 0.13 41.64
C VAL B 248 35.51 0.81 42.95
N THR B 249 36.13 0.39 44.04
CA THR B 249 35.84 1.00 45.33
C THR B 249 36.50 2.37 45.43
N ASP B 250 37.67 2.51 44.80
CA ASP B 250 38.39 3.78 44.84
C ASP B 250 37.51 4.94 44.36
N PHE B 251 36.33 4.61 43.84
CA PHE B 251 35.38 5.62 43.37
C PHE B 251 34.43 5.98 44.50
N GLY B 252 34.49 5.19 45.57
CA GLY B 252 33.63 5.42 46.70
C GLY B 252 32.30 4.70 46.59
N ILE B 253 32.29 3.59 45.85
CA ILE B 253 31.06 2.81 45.70
C ILE B 253 31.33 1.33 45.87
N SER B 254 30.28 0.57 46.07
CA SER B 254 30.40 -0.87 46.23
C SER B 254 30.23 -1.53 44.87
N PRO B 255 31.00 -2.59 44.59
CA PRO B 255 30.92 -3.30 43.32
C PRO B 255 29.50 -3.47 42.81
N ILE B 256 29.33 -3.25 41.52
CA ILE B 256 28.04 -3.35 40.87
C ILE B 256 27.85 -4.77 40.38
N PRO B 257 26.65 -5.32 40.54
CA PRO B 257 26.42 -6.69 40.07
C PRO B 257 26.36 -6.72 38.54
N ILE B 258 27.33 -7.38 37.95
CA ILE B 258 27.45 -7.49 36.51
C ILE B 258 26.12 -7.86 35.85
N GLU B 259 25.34 -8.69 36.55
CA GLU B 259 24.05 -9.13 36.06
C GLU B 259 23.20 -7.95 35.61
N LYS B 260 23.24 -6.84 36.35
CA LYS B 260 22.47 -5.65 36.03
C LYS B 260 22.96 -4.82 34.84
N LEU B 261 24.23 -4.94 34.50
CA LEU B 261 24.80 -4.16 33.41
C LEU B 261 24.66 -4.78 32.01
N ILE B 262 24.16 -6.00 31.94
CA ILE B 262 24.03 -6.67 30.66
C ILE B 262 22.74 -6.35 29.91
N VAL B 263 22.83 -6.31 28.58
CA VAL B 263 21.66 -6.01 27.75
C VAL B 263 21.45 -7.11 26.72
N ASN B 264 20.32 -7.04 26.02
CA ASN B 264 19.98 -8.04 25.01
C ASN B 264 19.58 -7.46 23.66
N SER B 265 19.62 -6.15 23.52
CA SER B 265 19.27 -5.51 22.26
C SER B 265 19.55 -4.01 22.30
N ALA B 266 19.56 -3.38 21.14
CA ALA B 266 19.81 -1.94 21.07
C ALA B 266 18.80 -1.18 21.91
N GLU B 267 17.52 -1.50 21.77
CA GLU B 267 16.49 -0.82 22.54
C GLU B 267 16.61 -1.09 24.03
N ASP B 268 17.00 -2.32 24.39
CA ASP B 268 17.15 -2.67 25.79
C ASP B 268 18.26 -1.82 26.43
N SER B 269 19.32 -1.59 25.68
CA SER B 269 20.46 -0.79 26.13
C SER B 269 19.97 0.65 26.34
N ALA B 270 19.30 1.17 25.32
CA ALA B 270 18.76 2.53 25.35
C ALA B 270 17.93 2.78 26.60
N ILE B 271 16.96 1.90 26.85
CA ILE B 271 16.11 2.01 28.02
C ILE B 271 16.98 2.06 29.28
N LYS B 272 17.84 1.06 29.45
CA LYS B 272 18.71 1.03 30.63
C LYS B 272 19.47 2.35 30.78
N ILE B 273 19.85 2.94 29.64
CA ILE B 273 20.57 4.20 29.66
C ILE B 273 19.63 5.31 30.12
N VAL B 274 18.52 5.49 29.40
CA VAL B 274 17.55 6.53 29.72
C VAL B 274 17.06 6.41 31.17
N ARG B 275 16.85 5.17 31.62
CA ARG B 275 16.41 4.97 32.99
C ARG B 275 17.47 5.52 33.91
N ALA B 276 18.74 5.28 33.59
CA ALA B 276 19.84 5.77 34.41
C ALA B 276 19.83 7.28 34.43
N PHE B 277 19.48 7.89 33.30
CA PHE B 277 19.42 9.35 33.21
C PHE B 277 18.24 9.91 34.02
N LEU B 278 17.30 9.04 34.36
CA LEU B 278 16.13 9.42 35.14
C LEU B 278 16.32 9.14 36.62
N GLY B 279 17.28 8.28 36.94
CA GLY B 279 17.53 7.95 38.33
C GLY B 279 16.76 6.70 38.69
N LYS B 280 16.28 6.01 37.67
CA LYS B 280 15.51 4.78 37.88
C LYS B 280 16.39 3.53 37.81
N ASP B 281 17.68 3.71 37.53
CA ASP B 281 18.60 2.57 37.46
C ASP B 281 19.99 2.96 37.95
N GLU B 282 20.19 2.89 39.27
CA GLU B 282 21.44 3.25 39.91
C GLU B 282 22.65 2.48 39.40
N HIS B 283 22.49 1.17 39.25
CA HIS B 283 23.56 0.30 38.79
C HIS B 283 24.16 0.78 37.46
N VAL B 284 23.29 1.00 36.48
CA VAL B 284 23.74 1.45 35.18
C VAL B 284 24.34 2.84 35.31
N ALA B 285 23.68 3.69 36.09
CA ALA B 285 24.16 5.04 36.30
C ALA B 285 25.57 5.05 36.90
N GLU B 286 25.84 4.17 37.85
CA GLU B 286 27.14 4.11 38.48
C GLU B 286 28.18 3.63 37.47
N PHE B 287 27.73 2.78 36.56
CA PHE B 287 28.61 2.23 35.56
C PHE B 287 29.00 3.38 34.65
N ILE B 288 28.01 4.17 34.27
CA ILE B 288 28.23 5.32 33.41
C ILE B 288 29.13 6.37 34.06
N LYS B 289 29.01 6.51 35.38
CA LYS B 289 29.80 7.50 36.07
C LYS B 289 31.25 7.14 36.34
N ILE B 290 31.55 5.90 36.69
CA ILE B 290 32.95 5.58 36.95
C ILE B 290 33.75 5.69 35.65
N ASN B 291 33.08 5.49 34.53
CA ASN B 291 33.73 5.62 33.24
C ASN B 291 33.92 7.09 32.92
N THR B 292 32.84 7.86 33.03
CA THR B 292 32.90 9.28 32.77
C THR B 292 33.95 9.91 33.67
N ALA B 293 34.08 9.35 34.86
CA ALA B 293 35.04 9.86 35.81
C ALA B 293 36.45 9.83 35.23
N VAL B 294 36.86 8.68 34.69
CA VAL B 294 38.17 8.52 34.10
C VAL B 294 38.36 9.47 32.92
N ALA B 295 37.32 9.61 32.12
CA ALA B 295 37.39 10.49 30.97
C ALA B 295 37.64 11.91 31.45
N LEU B 296 36.88 12.32 32.46
CA LEU B 296 37.02 13.66 33.02
C LEU B 296 38.47 13.87 33.42
N PHE B 297 39.05 12.82 33.97
CA PHE B 297 40.43 12.89 34.41
C PHE B 297 41.35 13.08 33.21
N ALA B 298 41.04 12.42 32.10
CA ALA B 298 41.84 12.55 30.91
C ALA B 298 41.79 13.99 30.43
N LEU B 299 40.67 14.66 30.66
CA LEU B 299 40.48 16.06 30.26
C LEU B 299 41.09 17.02 31.26
N ASP B 300 41.64 16.50 32.35
CA ASP B 300 42.24 17.33 33.38
C ASP B 300 41.21 18.21 34.09
N ARG B 301 39.96 17.76 34.13
CA ARG B 301 38.92 18.51 34.82
C ARG B 301 38.87 18.15 36.30
N VAL B 302 39.56 17.07 36.67
CA VAL B 302 39.60 16.62 38.05
C VAL B 302 41.01 16.21 38.39
N GLY B 303 41.29 16.01 39.68
CA GLY B 303 42.61 15.63 40.11
C GLY B 303 42.73 14.17 40.51
N ASP B 304 41.60 13.58 40.87
CA ASP B 304 41.56 12.18 41.28
C ASP B 304 40.24 11.60 40.78
N PHE B 305 40.15 10.28 40.74
CA PHE B 305 38.96 9.60 40.26
C PHE B 305 37.72 9.76 41.11
N ARG B 306 37.92 9.96 42.42
CA ARG B 306 36.77 10.14 43.31
C ARG B 306 36.12 11.45 42.90
N GLU B 307 36.96 12.47 42.69
CA GLU B 307 36.47 13.78 42.27
C GLU B 307 35.72 13.60 40.95
N GLY B 308 36.33 12.84 40.04
CA GLY B 308 35.73 12.58 38.75
C GLY B 308 34.36 11.94 38.88
N TYR B 309 34.22 10.97 39.77
CA TYR B 309 32.94 10.30 39.96
C TYR B 309 31.89 11.31 40.44
N GLU B 310 32.29 12.13 41.41
CA GLU B 310 31.41 13.15 41.97
C GLU B 310 30.92 14.09 40.88
N TYR B 311 31.87 14.63 40.13
CA TYR B 311 31.52 15.55 39.05
C TYR B 311 30.50 14.89 38.14
N ALA B 312 30.78 13.65 37.75
CA ALA B 312 29.90 12.90 36.85
C ALA B 312 28.47 12.84 37.37
N ASP B 313 28.34 12.79 38.70
CA ASP B 313 27.02 12.72 39.30
C ASP B 313 26.24 13.97 38.93
N HIS B 314 26.91 15.13 38.99
CA HIS B 314 26.26 16.38 38.64
C HIS B 314 25.89 16.36 37.17
N LEU B 315 26.77 15.81 36.33
CA LEU B 315 26.52 15.78 34.90
C LEU B 315 25.34 14.93 34.49
N ILE B 316 25.28 13.71 34.99
CA ILE B 316 24.21 12.79 34.64
C ILE B 316 22.82 13.39 34.83
N GLU B 317 22.68 14.24 35.85
CA GLU B 317 21.41 14.87 36.15
C GLU B 317 20.91 15.79 35.02
N LYS B 318 21.82 16.25 34.16
CA LYS B 318 21.44 17.13 33.07
C LYS B 318 21.54 16.41 31.73
N SER B 319 21.95 15.15 31.76
CA SER B 319 22.14 14.37 30.54
C SER B 319 20.92 14.04 29.68
N LEU B 320 19.80 13.67 30.30
CA LEU B 320 18.63 13.39 29.48
C LEU B 320 18.21 14.62 28.65
N ASP B 321 18.30 15.81 29.23
CA ASP B 321 17.96 17.02 28.51
C ASP B 321 18.94 17.19 27.36
N LYS B 322 20.22 17.02 27.66
CA LYS B 322 21.26 17.15 26.65
C LYS B 322 21.02 16.17 25.51
N LEU B 323 20.69 14.94 25.87
CA LEU B 323 20.42 13.90 24.89
C LEU B 323 19.28 14.37 24.01
N ASN B 324 18.26 14.91 24.65
CA ASN B 324 17.10 15.40 23.94
C ASN B 324 17.49 16.44 22.90
N GLU B 325 18.30 17.42 23.28
CA GLU B 325 18.70 18.43 22.32
C GLU B 325 19.55 17.85 21.18
N ILE B 326 20.38 16.86 21.50
CA ILE B 326 21.24 16.23 20.51
C ILE B 326 20.40 15.54 19.44
N ILE B 327 19.50 14.67 19.88
CA ILE B 327 18.65 13.95 18.96
C ILE B 327 17.73 14.88 18.18
N SER B 328 17.19 15.88 18.86
CA SER B 328 16.29 16.83 18.21
C SER B 328 16.96 17.65 17.11
N MET B 329 18.26 17.87 17.23
CA MET B 329 18.99 18.66 16.23
C MET B 329 19.62 17.79 15.14
N ASN B 330 19.36 16.48 15.22
CA ASN B 330 19.88 15.51 14.25
C ASN B 330 19.28 14.13 14.51
N GLY B 331 18.00 13.97 14.20
CA GLY B 331 17.33 12.72 14.43
C GLY B 331 15.85 12.84 14.74
N ASP B 332 15.25 11.73 15.15
CA ASP B 332 13.83 11.70 15.48
C ASP B 332 13.60 11.76 16.99
N VAL B 333 13.20 12.92 17.47
CA VAL B 333 12.95 13.14 18.89
C VAL B 333 11.88 12.21 19.47
N THR B 334 10.85 11.93 18.69
CA THR B 334 9.75 11.06 19.13
C THR B 334 10.23 9.67 19.50
N LYS B 335 11.08 9.11 18.64
CA LYS B 335 11.61 7.77 18.90
C LYS B 335 12.25 7.82 20.29
N LEU B 336 12.84 8.97 20.60
CA LEU B 336 13.47 9.19 21.89
C LEU B 336 12.41 9.22 22.97
N LYS B 337 11.32 9.95 22.71
CA LYS B 337 10.23 10.04 23.66
C LYS B 337 9.62 8.67 23.98
N THR B 338 9.33 7.91 22.94
CA THR B 338 8.76 6.59 23.14
C THR B 338 9.68 5.78 24.04
N ILE B 339 10.98 5.98 23.89
CA ILE B 339 11.95 5.27 24.70
C ILE B 339 11.88 5.79 26.13
N VAL B 340 11.54 7.06 26.27
CA VAL B 340 11.42 7.69 27.57
C VAL B 340 10.20 7.16 28.31
N VAL B 341 9.19 6.77 27.54
CA VAL B 341 7.96 6.25 28.12
C VAL B 341 8.22 4.93 28.87
N LYS B 342 9.46 4.78 29.33
CA LYS B 342 9.84 3.61 30.11
C LYS B 342 10.38 4.07 31.46
N SER B 343 9.60 4.69 32.22
N MET C 1 50.13 38.39 -34.68
CA MET C 1 49.14 38.85 -33.65
C MET C 1 49.30 40.34 -33.33
N ASN C 2 48.83 41.20 -34.22
CA ASN C 2 48.92 42.64 -34.02
C ASN C 2 47.55 43.20 -33.75
N ILE C 3 47.35 43.65 -32.52
CA ILE C 3 46.07 44.20 -32.10
C ILE C 3 45.58 45.28 -33.05
N ASN C 4 46.43 46.29 -33.26
CA ASN C 4 46.11 47.42 -34.13
C ASN C 4 45.65 46.99 -35.52
N GLU C 5 46.24 45.94 -36.06
CA GLU C 5 45.82 45.44 -37.37
C GLU C 5 44.34 45.07 -37.19
N ILE C 6 44.10 44.21 -36.20
CA ILE C 6 42.78 43.70 -35.86
C ILE C 6 41.76 44.82 -35.66
N LEU C 7 42.11 45.74 -34.76
CA LEU C 7 41.21 46.83 -34.49
C LEU C 7 40.74 47.49 -35.78
N LYS C 8 41.71 47.86 -36.62
CA LYS C 8 41.41 48.50 -37.89
C LYS C 8 40.54 47.61 -38.74
N LYS C 9 40.85 46.32 -38.75
CA LYS C 9 40.06 45.37 -39.51
C LYS C 9 38.61 45.43 -39.03
N LEU C 10 38.42 45.43 -37.72
CA LEU C 10 37.09 45.49 -37.12
C LEU C 10 36.39 46.80 -37.43
N ILE C 11 37.09 47.92 -37.27
CA ILE C 11 36.50 49.21 -37.58
C ILE C 11 35.98 49.19 -39.02
N ASN C 12 36.75 48.57 -39.92
CA ASN C 12 36.34 48.49 -41.31
C ASN C 12 35.24 47.47 -41.49
N LYS C 13 34.75 46.96 -40.37
CA LYS C 13 33.67 45.99 -40.35
C LYS C 13 33.96 44.69 -41.11
N SER C 14 35.14 44.13 -40.90
CA SER C 14 35.53 42.87 -41.56
C SER C 14 35.59 41.75 -40.52
N ASP C 15 34.79 40.70 -40.70
CA ASP C 15 34.77 39.61 -39.74
C ASP C 15 36.11 38.91 -39.66
N LEU C 16 36.42 38.39 -38.47
CA LEU C 16 37.67 37.69 -38.25
C LEU C 16 37.54 36.21 -38.53
N GLU C 17 38.68 35.51 -38.47
CA GLU C 17 38.71 34.06 -38.68
C GLU C 17 38.71 33.41 -37.30
N ILE C 18 38.13 32.23 -37.21
CA ILE C 18 38.09 31.56 -35.92
C ILE C 18 39.43 31.66 -35.21
N ASN C 19 40.51 31.53 -35.97
CA ASN C 19 41.84 31.61 -35.40
C ASN C 19 42.16 33.03 -34.95
N GLU C 20 41.91 34.00 -35.81
CA GLU C 20 42.17 35.38 -35.45
C GLU C 20 41.47 35.63 -34.12
N ALA C 21 40.16 35.42 -34.13
CA ALA C 21 39.31 35.61 -32.95
C ALA C 21 39.85 34.94 -31.72
N GLU C 22 40.22 33.67 -31.85
CA GLU C 22 40.75 32.93 -30.71
C GLU C 22 42.05 33.50 -30.15
N GLU C 23 42.97 33.90 -31.02
CA GLU C 23 44.23 34.46 -30.55
C GLU C 23 43.98 35.78 -29.86
N LEU C 24 43.13 36.61 -30.46
CA LEU C 24 42.78 37.90 -29.88
C LEU C 24 42.19 37.68 -28.49
N ALA C 25 41.26 36.74 -28.40
CA ALA C 25 40.64 36.44 -27.12
C ALA C 25 41.68 36.00 -26.10
N LYS C 26 42.51 35.04 -26.47
CA LYS C 26 43.54 34.55 -25.57
C LYS C 26 44.32 35.72 -25.01
N ALA C 27 44.76 36.60 -25.90
CA ALA C 27 45.54 37.77 -25.50
C ALA C 27 44.80 38.61 -24.49
N ILE C 28 43.59 39.01 -24.85
CA ILE C 28 42.74 39.81 -23.98
C ILE C 28 42.54 39.15 -22.63
N ILE C 29 42.17 37.88 -22.65
CA ILE C 29 41.94 37.14 -21.41
C ILE C 29 43.20 37.01 -20.57
N ARG C 30 44.34 36.86 -21.22
CA ARG C 30 45.58 36.74 -20.49
C ARG C 30 46.02 38.10 -19.99
N GLY C 31 45.27 39.14 -20.35
CA GLY C 31 45.61 40.48 -19.93
C GLY C 31 46.86 41.04 -20.57
N GLU C 32 47.11 40.63 -21.80
CA GLU C 32 48.29 41.07 -22.54
C GLU C 32 47.98 42.24 -23.45
N VAL C 33 46.72 42.67 -23.46
CA VAL C 33 46.31 43.78 -24.30
C VAL C 33 45.87 44.89 -23.38
N PRO C 34 46.34 46.12 -23.62
CA PRO C 34 46.02 47.31 -22.83
C PRO C 34 44.52 47.58 -22.76
N GLU C 35 44.06 48.05 -21.60
CA GLU C 35 42.65 48.34 -21.39
C GLU C 35 42.01 49.18 -22.49
N ILE C 36 42.77 50.16 -23.00
CA ILE C 36 42.28 51.04 -24.05
C ILE C 36 41.94 50.27 -25.33
N LEU C 37 42.75 49.26 -25.63
CA LEU C 37 42.54 48.46 -26.83
C LEU C 37 41.40 47.46 -26.67
N VAL C 38 41.31 46.86 -25.49
CA VAL C 38 40.27 45.90 -25.21
C VAL C 38 38.95 46.63 -25.35
N SER C 39 38.89 47.82 -24.76
CA SER C 39 37.70 48.63 -24.81
C SER C 39 37.31 48.88 -26.26
N ALA C 40 38.29 49.31 -27.06
CA ALA C 40 38.06 49.62 -28.48
C ALA C 40 37.66 48.39 -29.28
N ILE C 41 38.33 47.27 -29.02
CA ILE C 41 38.00 46.04 -29.74
C ILE C 41 36.60 45.56 -29.43
N LEU C 42 36.24 45.52 -28.15
CA LEU C 42 34.91 45.08 -27.78
C LEU C 42 33.89 46.01 -28.44
N VAL C 43 34.08 47.31 -28.29
CA VAL C 43 33.14 48.24 -28.89
C VAL C 43 33.00 48.03 -30.40
N ALA C 44 34.12 47.93 -31.09
CA ALA C 44 34.09 47.73 -32.54
C ALA C 44 33.38 46.42 -32.84
N LEU C 45 33.77 45.39 -32.10
CA LEU C 45 33.20 44.07 -32.24
C LEU C 45 31.68 44.14 -32.17
N ARG C 46 31.15 44.88 -31.19
CA ARG C 46 29.71 45.01 -31.04
C ARG C 46 29.05 45.83 -32.13
N MET C 47 29.67 46.94 -32.52
CA MET C 47 29.09 47.78 -33.56
C MET C 47 29.11 47.13 -34.93
N LYS C 48 30.07 46.25 -35.15
CA LYS C 48 30.15 45.52 -36.41
C LYS C 48 29.10 44.42 -36.39
N GLY C 49 28.97 43.82 -35.21
CA GLY C 49 28.03 42.73 -35.05
C GLY C 49 28.86 41.47 -35.03
N GLU C 50 29.00 40.84 -33.86
CA GLU C 50 29.83 39.64 -33.77
C GLU C 50 29.31 38.58 -34.72
N SER C 51 30.23 37.83 -35.29
CA SER C 51 29.92 36.79 -36.24
C SER C 51 30.19 35.45 -35.61
N LYS C 52 29.63 34.40 -36.22
CA LYS C 52 29.78 33.04 -35.72
C LYS C 52 31.23 32.69 -35.37
N ASN C 53 32.14 32.91 -36.32
CA ASN C 53 33.55 32.59 -36.10
C ASN C 53 34.16 33.29 -34.91
N GLU C 54 33.78 34.55 -34.71
CA GLU C 54 34.29 35.33 -33.60
C GLU C 54 33.74 34.78 -32.28
N ILE C 55 32.46 34.39 -32.30
CA ILE C 55 31.84 33.80 -31.13
C ILE C 55 32.59 32.53 -30.80
N VAL C 56 32.80 31.72 -31.83
CA VAL C 56 33.50 30.45 -31.65
C VAL C 56 34.92 30.66 -31.15
N GLY C 57 35.61 31.61 -31.77
CA GLY C 57 36.98 31.87 -31.38
C GLY C 57 37.05 32.21 -29.93
N PHE C 58 36.22 33.15 -29.52
CA PHE C 58 36.21 33.55 -28.12
C PHE C 58 35.80 32.39 -27.21
N ALA C 59 34.79 31.64 -27.64
CA ALA C 59 34.35 30.52 -26.82
C ALA C 59 35.53 29.56 -26.58
N ARG C 60 36.23 29.22 -27.66
CA ARG C 60 37.36 28.33 -27.54
C ARG C 60 38.44 28.89 -26.65
N ALA C 61 38.75 30.18 -26.81
CA ALA C 61 39.77 30.82 -25.99
C ALA C 61 39.40 30.68 -24.50
N MET C 62 38.13 30.94 -24.20
CA MET C 62 37.58 30.83 -22.84
C MET C 62 37.78 29.43 -22.25
N ARG C 63 37.25 28.43 -22.94
CA ARG C 63 37.35 27.07 -22.47
C ARG C 63 38.78 26.71 -22.19
N GLU C 64 39.64 26.90 -23.17
CA GLU C 64 41.04 26.56 -23.07
C GLU C 64 41.65 27.02 -21.79
N LEU C 65 41.12 28.10 -21.34
CA LEU C 65 41.74 28.60 -20.18
C LEU C 65 40.96 28.44 -18.90
N ALA C 66 39.77 27.88 -18.97
CA ALA C 66 38.98 27.71 -17.78
C ALA C 66 39.45 26.54 -16.93
N ILE C 67 39.08 26.58 -15.66
CA ILE C 67 39.40 25.49 -14.74
C ILE C 67 38.26 24.54 -15.05
N LYS C 68 38.57 23.26 -15.24
CA LYS C 68 37.54 22.31 -15.61
C LYS C 68 37.31 21.15 -14.65
N ILE C 69 36.10 20.61 -14.67
CA ILE C 69 35.75 19.44 -13.88
C ILE C 69 35.05 18.62 -14.93
N ASP C 70 34.99 17.31 -14.74
CA ASP C 70 34.34 16.49 -15.74
C ASP C 70 33.02 15.90 -15.30
N VAL C 71 31.95 16.37 -15.94
CA VAL C 71 30.61 15.89 -15.68
C VAL C 71 29.75 16.19 -16.91
N PRO C 72 30.19 15.73 -18.10
CA PRO C 72 29.44 15.96 -19.33
C PRO C 72 28.00 15.45 -19.31
N ASN C 73 27.72 14.50 -18.40
CA ASN C 73 26.40 13.89 -18.24
C ASN C 73 25.45 14.86 -17.53
N ALA C 74 26.02 15.97 -17.08
CA ALA C 74 25.26 17.01 -16.39
C ALA C 74 24.51 17.89 -17.36
N ILE C 75 23.60 18.67 -16.81
CA ILE C 75 22.81 19.59 -17.60
C ILE C 75 22.98 20.92 -16.92
N ASP C 76 22.86 21.98 -17.71
CA ASP C 76 22.97 23.34 -17.21
C ASP C 76 21.83 24.15 -17.81
N THR C 77 21.33 25.14 -17.06
CA THR C 77 20.25 26.00 -17.56
C THR C 77 20.85 27.40 -17.57
N ALA C 78 21.28 27.91 -18.72
CA ALA C 78 21.91 29.22 -18.69
C ALA C 78 21.09 30.47 -18.99
N GLY C 79 21.81 31.53 -19.35
CA GLY C 79 21.23 32.81 -19.69
C GLY C 79 22.20 33.63 -20.53
N GLY C 84 18.20 43.03 -20.15
CA GLY C 84 17.46 42.29 -19.15
C GLY C 84 16.12 42.91 -18.78
N LEU C 85 15.32 42.19 -18.00
CA LEU C 85 14.01 42.67 -17.57
C LEU C 85 13.79 42.59 -16.05
N GLY C 86 14.80 42.12 -15.32
CA GLY C 86 14.70 42.02 -13.88
C GLY C 86 13.64 41.04 -13.41
N THR C 87 13.68 39.85 -13.99
CA THR C 87 12.73 38.80 -13.68
C THR C 87 13.30 37.88 -12.62
N VAL C 88 12.55 36.86 -12.21
CA VAL C 88 13.05 35.94 -11.19
C VAL C 88 14.04 34.94 -11.77
N ASN C 89 15.00 34.55 -10.95
CA ASN C 89 16.02 33.61 -11.35
C ASN C 89 15.47 32.21 -11.60
N VAL C 90 14.59 32.07 -12.59
CA VAL C 90 14.02 30.78 -12.95
C VAL C 90 15.06 29.71 -13.25
N SER C 91 16.04 30.06 -14.09
CA SER C 91 17.07 29.11 -14.46
C SER C 91 17.56 28.37 -13.22
N THR C 92 17.83 29.13 -12.16
CA THR C 92 18.33 28.56 -10.91
C THR C 92 17.30 27.70 -10.22
N ALA C 93 16.10 28.25 -10.02
CA ALA C 93 15.03 27.52 -9.37
C ALA C 93 14.88 26.22 -10.12
N SER C 94 14.86 26.36 -11.43
CA SER C 94 14.70 25.27 -12.36
C SER C 94 15.84 24.26 -12.28
N ALA C 95 17.04 24.73 -12.00
CA ALA C 95 18.17 23.81 -11.90
C ALA C 95 17.93 22.87 -10.74
N ILE C 96 17.21 23.38 -9.73
CA ILE C 96 16.92 22.60 -8.55
C ILE C 96 15.96 21.44 -8.82
N LEU C 97 14.90 21.69 -9.59
CA LEU C 97 13.96 20.61 -9.87
C LEU C 97 14.69 19.54 -10.66
N LEU C 98 15.58 19.98 -11.56
CA LEU C 98 16.33 19.08 -12.40
C LEU C 98 17.30 18.18 -11.64
N SER C 99 17.87 18.68 -10.56
CA SER C 99 18.82 17.87 -9.79
C SER C 99 18.17 16.60 -9.23
N LEU C 100 16.84 16.62 -9.17
CA LEU C 100 16.06 15.50 -8.67
C LEU C 100 16.14 14.32 -9.65
N VAL C 101 16.25 14.63 -10.93
CA VAL C 101 16.31 13.58 -11.94
C VAL C 101 17.56 13.54 -12.81
N ASN C 102 18.57 14.36 -12.49
CA ASN C 102 19.77 14.37 -13.31
C ASN C 102 20.79 15.32 -12.72
N PRO C 103 22.09 14.98 -12.84
CA PRO C 103 23.16 15.84 -12.32
C PRO C 103 23.12 17.22 -12.95
N VAL C 104 23.24 18.25 -12.10
CA VAL C 104 23.18 19.63 -12.54
C VAL C 104 24.44 20.43 -12.23
N ALA C 105 25.04 20.96 -13.27
CA ALA C 105 26.25 21.77 -13.17
C ALA C 105 25.86 23.15 -13.66
N LYS C 106 25.39 23.97 -12.74
CA LYS C 106 24.91 25.31 -13.03
C LYS C 106 26.02 26.34 -13.10
N HIS C 107 26.22 26.90 -14.28
CA HIS C 107 27.24 27.90 -14.47
C HIS C 107 26.49 29.17 -14.09
N GLY C 108 27.19 30.12 -13.47
CA GLY C 108 26.51 31.36 -13.11
C GLY C 108 27.43 32.43 -12.56
N ASN C 109 26.88 33.61 -12.32
CA ASN C 109 27.69 34.71 -11.81
C ASN C 109 26.86 35.77 -11.09
N ARG C 110 27.53 36.69 -10.42
CA ARG C 110 26.84 37.76 -9.73
C ARG C 110 26.27 38.69 -10.80
N ALA C 111 25.87 39.89 -10.38
CA ALA C 111 25.30 40.85 -11.31
C ALA C 111 25.56 42.29 -10.89
N VAL C 112 25.19 43.22 -11.76
CA VAL C 112 25.37 44.64 -11.48
C VAL C 112 23.97 45.21 -11.29
N SER C 113 23.01 44.67 -12.03
CA SER C 113 21.61 45.10 -11.95
C SER C 113 21.10 44.81 -10.54
N GLY C 114 21.52 45.64 -9.60
CA GLY C 114 21.12 45.47 -8.22
C GLY C 114 21.73 44.22 -7.61
N LYS C 115 20.97 43.13 -7.63
CA LYS C 115 21.41 41.87 -7.05
C LYS C 115 20.40 40.78 -7.42
N SER C 116 20.39 40.40 -8.70
CA SER C 116 19.45 39.40 -9.21
C SER C 116 20.12 38.07 -9.60
N GLY C 117 21.35 38.18 -10.09
CA GLY C 117 22.16 37.06 -10.54
C GLY C 117 22.00 35.72 -9.86
N SER C 118 22.12 34.64 -10.63
CA SER C 118 21.93 33.33 -10.05
C SER C 118 22.84 33.10 -8.86
N ALA C 119 24.04 33.67 -8.90
CA ALA C 119 24.99 33.51 -7.80
C ALA C 119 24.49 34.22 -6.54
N ASP C 120 23.80 35.34 -6.74
CA ASP C 120 23.27 36.11 -5.63
C ASP C 120 22.10 35.38 -4.99
N VAL C 121 21.17 34.88 -5.81
CA VAL C 121 20.01 34.16 -5.29
C VAL C 121 20.50 33.00 -4.45
N LEU C 122 21.42 32.21 -5.00
CA LEU C 122 21.98 31.06 -4.30
C LEU C 122 22.67 31.50 -3.03
N GLU C 123 23.43 32.58 -3.12
CA GLU C 123 24.13 33.11 -1.96
C GLU C 123 23.09 33.50 -0.91
N ALA C 124 21.98 34.07 -1.36
CA ALA C 124 20.92 34.48 -0.46
C ALA C 124 20.29 33.28 0.27
N LEU C 125 20.05 32.20 -0.46
CA LEU C 125 19.47 31.00 0.14
C LEU C 125 20.40 30.32 1.14
N GLY C 126 21.66 30.75 1.18
CA GLY C 126 22.59 30.16 2.12
C GLY C 126 23.66 29.32 1.47
N TYR C 127 23.56 29.13 0.17
CA TYR C 127 24.54 28.34 -0.58
C TYR C 127 25.89 29.02 -0.57
N ASN C 128 26.96 28.24 -0.48
CA ASN C 128 28.31 28.79 -0.52
C ASN C 128 28.76 28.73 -1.99
N ILE C 129 28.53 29.82 -2.71
CA ILE C 129 28.84 29.89 -4.13
C ILE C 129 30.27 29.69 -4.60
N ILE C 130 31.23 29.64 -3.69
CA ILE C 130 32.62 29.44 -4.10
C ILE C 130 32.97 28.00 -3.80
N VAL C 131 32.88 27.14 -4.81
CA VAL C 131 33.15 25.71 -4.66
C VAL C 131 34.41 25.27 -5.40
N PRO C 132 35.44 24.85 -4.66
CA PRO C 132 36.67 24.40 -5.31
C PRO C 132 36.37 23.22 -6.22
N PRO C 133 37.07 23.13 -7.36
CA PRO C 133 36.88 22.04 -8.34
C PRO C 133 36.75 20.63 -7.76
N GLU C 134 37.63 20.31 -6.82
CA GLU C 134 37.65 19.01 -6.18
C GLU C 134 36.35 18.73 -5.44
N ARG C 135 35.95 19.64 -4.56
CA ARG C 135 34.73 19.46 -3.81
C ARG C 135 33.52 19.58 -4.74
N ALA C 136 33.71 20.27 -5.85
CA ALA C 136 32.61 20.44 -6.78
C ALA C 136 32.16 19.09 -7.27
N LYS C 137 33.12 18.31 -7.77
CA LYS C 137 32.86 16.97 -8.28
C LYS C 137 32.14 16.15 -7.21
N GLU C 138 32.62 16.29 -5.97
CA GLU C 138 32.05 15.58 -4.83
C GLU C 138 30.57 15.90 -4.65
N LEU C 139 30.27 17.18 -4.45
CA LEU C 139 28.90 17.65 -4.25
C LEU C 139 27.95 17.15 -5.32
N VAL C 140 28.41 17.13 -6.57
CA VAL C 140 27.57 16.66 -7.66
C VAL C 140 27.15 15.22 -7.46
N ASN C 141 28.06 14.41 -6.92
CA ASN C 141 27.75 13.01 -6.68
C ASN C 141 26.90 12.89 -5.44
N LYS C 142 27.25 13.67 -4.41
CA LYS C 142 26.53 13.65 -3.16
C LYS C 142 25.11 14.26 -3.18
N THR C 143 24.87 15.20 -4.08
CA THR C 143 23.55 15.83 -4.14
C THR C 143 22.99 16.00 -5.56
N ASN C 144 23.81 15.69 -6.56
CA ASN C 144 23.39 15.79 -7.95
C ASN C 144 23.31 17.24 -8.46
N PHE C 145 23.96 18.15 -7.76
CA PHE C 145 23.92 19.56 -8.15
C PHE C 145 25.13 20.30 -7.63
N VAL C 146 25.62 21.24 -8.43
CA VAL C 146 26.75 22.06 -8.00
C VAL C 146 26.72 23.36 -8.77
N PHE C 147 27.15 24.44 -8.13
CA PHE C 147 27.15 25.74 -8.79
C PHE C 147 28.57 26.15 -9.14
N LEU C 148 28.79 26.42 -10.42
CA LEU C 148 30.11 26.83 -10.86
C LEU C 148 30.12 28.33 -11.01
N PHE C 149 30.72 28.99 -10.03
CA PHE C 149 30.80 30.44 -10.01
C PHE C 149 31.80 30.88 -11.06
N ALA C 150 31.29 31.51 -12.12
CA ALA C 150 32.09 32.00 -13.25
C ALA C 150 33.40 32.70 -12.89
N GLN C 151 33.33 33.63 -11.95
CA GLN C 151 34.52 34.37 -11.58
C GLN C 151 35.59 33.43 -11.06
N TYR C 152 35.16 32.37 -10.40
CA TYR C 152 36.07 31.39 -9.83
C TYR C 152 36.59 30.32 -10.81
N TYR C 153 35.72 29.78 -11.68
CA TYR C 153 36.18 28.80 -12.67
C TYR C 153 36.74 29.49 -13.92
N HIS C 154 36.53 30.78 -14.03
CA HIS C 154 37.03 31.57 -15.15
C HIS C 154 37.81 32.70 -14.51
N PRO C 155 38.86 32.36 -13.74
CA PRO C 155 39.70 33.35 -13.06
C PRO C 155 40.45 34.26 -14.02
N ALA C 156 40.70 33.75 -15.22
CA ALA C 156 41.39 34.54 -16.22
C ALA C 156 40.59 35.80 -16.56
N MET C 157 39.26 35.69 -16.48
CA MET C 157 38.33 36.79 -16.76
C MET C 157 38.65 38.10 -16.04
N LYS C 158 39.22 38.02 -14.85
CA LYS C 158 39.54 39.23 -14.08
C LYS C 158 40.24 40.30 -14.93
N ASN C 159 41.04 39.86 -15.89
CA ASN C 159 41.78 40.78 -16.74
C ASN C 159 40.94 41.66 -17.67
N VAL C 160 39.66 41.32 -17.82
CA VAL C 160 38.75 42.09 -18.67
C VAL C 160 37.68 42.76 -17.82
N ALA C 161 37.70 42.44 -16.53
CA ALA C 161 36.75 42.96 -15.57
C ALA C 161 36.61 44.47 -15.62
N ASN C 162 37.70 45.17 -15.34
CA ASN C 162 37.71 46.62 -15.33
C ASN C 162 37.08 47.23 -16.57
N VAL C 163 37.47 46.74 -17.75
CA VAL C 163 36.92 47.26 -18.98
C VAL C 163 35.42 47.02 -19.02
N ARG C 164 35.03 45.77 -18.81
CA ARG C 164 33.62 45.41 -18.83
C ARG C 164 32.80 46.27 -17.87
N LYS C 165 33.30 46.42 -16.65
CA LYS C 165 32.59 47.21 -15.66
C LYS C 165 32.50 48.67 -16.10
N THR C 166 33.64 49.26 -16.45
CA THR C 166 33.67 50.66 -16.86
C THR C 166 32.79 50.94 -18.07
N LEU C 167 32.84 50.07 -19.08
CA LEU C 167 32.02 50.27 -20.27
C LEU C 167 30.56 50.24 -19.93
N GLY C 168 30.16 49.26 -19.13
CA GLY C 168 28.76 49.12 -18.74
C GLY C 168 27.83 48.89 -19.91
N ILE C 169 28.20 47.98 -20.80
CA ILE C 169 27.37 47.67 -21.97
C ILE C 169 27.57 46.21 -22.40
N ARG C 170 26.71 45.75 -23.30
CA ARG C 170 26.81 44.38 -23.78
C ARG C 170 28.01 44.17 -24.71
N THR C 171 28.90 43.27 -24.34
CA THR C 171 30.04 42.95 -25.17
C THR C 171 29.86 41.51 -25.61
N ILE C 172 30.82 40.97 -26.35
CA ILE C 172 30.75 39.61 -26.83
C ILE C 172 30.76 38.62 -25.65
N PHE C 173 31.42 39.02 -24.56
CA PHE C 173 31.52 38.18 -23.38
C PHE C 173 30.19 37.84 -22.72
N ASN C 174 29.24 38.74 -22.85
CA ASN C 174 27.93 38.53 -22.27
C ASN C 174 27.20 37.33 -22.85
N ILE C 175 27.57 36.89 -24.04
CA ILE C 175 26.92 35.75 -24.63
C ILE C 175 27.82 34.53 -24.68
N LEU C 176 28.87 34.51 -23.87
CA LEU C 176 29.77 33.38 -23.87
C LEU C 176 29.57 32.44 -22.70
N GLY C 177 29.16 33.01 -21.57
CA GLY C 177 28.94 32.19 -20.38
C GLY C 177 28.42 30.79 -20.63
N PRO C 178 27.17 30.65 -21.08
CA PRO C 178 26.55 29.36 -21.36
C PRO C 178 27.29 28.43 -22.33
N LEU C 179 28.18 28.98 -23.13
CA LEU C 179 28.93 28.18 -24.09
C LEU C 179 30.27 27.76 -23.51
N THR C 180 30.48 28.14 -22.26
CA THR C 180 31.73 27.83 -21.57
C THR C 180 31.56 27.16 -20.20
N ASN C 181 30.58 26.27 -20.06
CA ASN C 181 30.36 25.58 -18.79
C ASN C 181 31.67 24.97 -18.30
N PRO C 182 32.07 25.25 -17.06
CA PRO C 182 33.34 24.71 -16.52
C PRO C 182 33.40 23.19 -16.41
N ALA C 183 32.23 22.55 -16.40
CA ALA C 183 32.16 21.08 -16.29
C ALA C 183 32.00 20.48 -17.68
N ASN C 184 31.81 21.36 -18.66
CA ASN C 184 31.60 20.93 -20.03
C ASN C 184 30.40 20.02 -20.03
N ALA C 185 29.22 20.59 -19.80
CA ALA C 185 28.01 19.76 -19.79
C ALA C 185 27.55 19.61 -21.24
N LYS C 186 26.99 18.45 -21.56
CA LYS C 186 26.52 18.15 -22.91
C LYS C 186 25.09 18.57 -23.17
N TYR C 187 24.33 18.70 -22.10
CA TYR C 187 22.94 19.10 -22.18
C TYR C 187 22.91 20.51 -21.60
N GLN C 188 22.32 21.41 -22.36
CA GLN C 188 22.30 22.80 -21.95
C GLN C 188 21.08 23.55 -22.40
N LEU C 189 20.52 24.36 -21.52
CA LEU C 189 19.39 25.21 -21.87
C LEU C 189 20.14 26.54 -21.99
N MET C 190 19.80 27.35 -22.96
CA MET C 190 20.52 28.62 -23.16
C MET C 190 19.54 29.67 -23.58
N GLY C 191 19.27 30.63 -22.71
CA GLY C 191 18.33 31.68 -23.06
C GLY C 191 19.04 32.84 -23.72
N VAL C 192 18.53 33.31 -24.85
CA VAL C 192 19.14 34.43 -25.53
C VAL C 192 18.24 35.66 -25.41
N PHE C 193 18.85 36.81 -25.10
CA PHE C 193 18.10 38.04 -24.90
C PHE C 193 17.33 38.56 -26.12
N SER C 194 17.78 38.27 -27.33
CA SER C 194 17.09 38.74 -28.53
C SER C 194 16.74 37.59 -29.47
N LYS C 195 15.66 37.76 -30.25
CA LYS C 195 15.23 36.71 -31.18
C LYS C 195 16.19 36.53 -32.35
N ASP C 196 17.00 37.56 -32.61
CA ASP C 196 17.97 37.46 -33.70
C ASP C 196 19.03 36.45 -33.32
N HIS C 197 19.73 36.73 -32.24
CA HIS C 197 20.80 35.85 -31.79
C HIS C 197 20.53 34.37 -31.86
N LEU C 198 19.26 33.99 -31.81
CA LEU C 198 18.90 32.58 -31.87
C LEU C 198 19.58 31.90 -33.03
N ASP C 199 19.57 32.55 -34.19
CA ASP C 199 20.20 32.01 -35.38
C ASP C 199 21.71 31.99 -35.20
N LEU C 200 22.26 33.12 -34.79
CA LEU C 200 23.70 33.24 -34.60
C LEU C 200 24.25 32.21 -33.63
N LEU C 201 23.89 32.37 -32.36
CA LEU C 201 24.37 31.49 -31.32
C LEU C 201 24.04 30.03 -31.53
N SER C 202 22.94 29.74 -32.22
CA SER C 202 22.61 28.33 -32.46
C SER C 202 23.64 27.76 -33.40
N LYS C 203 23.87 28.43 -34.53
CA LYS C 203 24.85 27.97 -35.50
C LYS C 203 26.21 27.88 -34.82
N SER C 204 26.49 28.83 -33.93
CA SER C 204 27.76 28.83 -33.20
C SER C 204 27.85 27.58 -32.34
N ALA C 205 26.80 27.34 -31.58
CA ALA C 205 26.75 26.19 -30.70
C ALA C 205 26.88 24.89 -31.48
N TYR C 206 26.34 24.85 -32.69
CA TYR C 206 26.41 23.65 -33.51
C TYR C 206 27.84 23.16 -33.69
N GLU C 207 28.79 24.05 -33.51
CA GLU C 207 30.18 23.69 -33.68
C GLU C 207 30.96 23.58 -32.37
N LEU C 208 30.29 23.80 -31.26
CA LEU C 208 30.97 23.71 -30.00
C LEU C 208 30.84 22.33 -29.38
N ASP C 209 30.35 21.37 -30.16
CA ASP C 209 30.25 20.00 -29.67
C ASP C 209 29.32 19.84 -28.47
N PHE C 210 28.02 19.68 -28.74
CA PHE C 210 27.03 19.47 -27.69
C PHE C 210 26.19 18.26 -28.05
N ASN C 211 25.72 17.55 -27.03
CA ASN C 211 24.85 16.41 -27.28
C ASN C 211 23.52 17.04 -27.66
N LYS C 212 23.06 17.94 -26.80
CA LYS C 212 21.82 18.65 -27.04
C LYS C 212 21.77 19.94 -26.22
N ILE C 213 21.58 21.04 -26.90
CA ILE C 213 21.47 22.34 -26.27
C ILE C 213 20.27 23.05 -26.90
N ILE C 214 19.39 23.59 -26.06
CA ILE C 214 18.23 24.27 -26.59
C ILE C 214 18.32 25.74 -26.27
N LEU C 215 18.41 26.55 -27.30
CA LEU C 215 18.49 28.00 -27.14
C LEU C 215 17.05 28.48 -27.19
N VAL C 216 16.71 29.45 -26.36
CA VAL C 216 15.35 29.97 -26.36
C VAL C 216 15.28 31.48 -26.14
N TYR C 217 14.25 32.09 -26.74
CA TYR C 217 14.01 33.51 -26.63
C TYR C 217 12.51 33.63 -26.38
N GLY C 218 12.12 34.33 -25.32
CA GLY C 218 10.71 34.46 -25.04
C GLY C 218 10.20 35.88 -24.97
N GLU C 219 8.98 36.08 -25.44
CA GLU C 219 8.34 37.39 -25.41
C GLU C 219 8.06 37.74 -23.94
N PRO C 220 8.07 39.04 -23.59
CA PRO C 220 8.32 40.20 -24.44
C PRO C 220 9.80 40.49 -24.68
N GLY C 221 10.65 39.49 -24.52
CA GLY C 221 12.07 39.70 -24.72
C GLY C 221 12.88 39.26 -23.52
N ILE C 222 12.99 37.95 -23.30
CA ILE C 222 13.75 37.44 -22.17
C ILE C 222 14.52 36.19 -22.51
N ASP C 223 15.64 36.01 -21.81
CA ASP C 223 16.53 34.88 -22.00
C ASP C 223 15.95 33.65 -21.33
N GLU C 224 14.64 33.48 -21.46
CA GLU C 224 13.94 32.35 -20.87
C GLU C 224 12.67 31.98 -21.65
N VAL C 225 12.03 30.89 -21.27
CA VAL C 225 10.78 30.45 -21.89
C VAL C 225 9.69 31.47 -21.52
N SER C 226 8.97 31.95 -22.53
CA SER C 226 7.95 32.97 -22.33
C SER C 226 6.78 32.61 -21.41
N PRO C 227 6.61 33.38 -20.34
CA PRO C 227 5.52 33.12 -19.40
C PRO C 227 4.25 33.82 -19.88
N ILE C 228 4.39 34.68 -20.89
CA ILE C 228 3.25 35.43 -21.40
C ILE C 228 2.84 35.06 -22.80
N GLY C 229 3.77 34.58 -23.62
CA GLY C 229 3.36 34.25 -24.98
C GLY C 229 4.23 33.28 -25.74
N ASN C 230 4.67 33.72 -26.90
CA ASN C 230 5.51 32.88 -27.76
C ASN C 230 6.96 32.77 -27.33
N THR C 231 7.47 31.54 -27.44
CA THR C 231 8.85 31.24 -27.13
C THR C 231 9.46 30.67 -28.42
N PHE C 232 10.62 31.18 -28.81
CA PHE C 232 11.27 30.69 -30.02
C PHE C 232 12.51 29.94 -29.59
N MET C 233 12.61 28.68 -30.00
CA MET C 233 13.77 27.87 -29.65
C MET C 233 14.45 27.16 -30.84
N LYS C 234 15.76 26.96 -30.68
CA LYS C 234 16.59 26.28 -31.66
C LYS C 234 17.16 25.08 -30.96
N ILE C 235 16.84 23.87 -31.45
CA ILE C 235 17.36 22.66 -30.83
C ILE C 235 18.59 22.22 -31.62
N VAL C 236 19.74 22.29 -30.96
CA VAL C 236 21.01 21.95 -31.60
C VAL C 236 21.56 20.61 -31.12
N SER C 237 21.94 19.76 -32.07
CA SER C 237 22.45 18.44 -31.75
C SER C 237 23.53 18.05 -32.74
N LYS C 238 24.04 16.84 -32.58
CA LYS C 238 25.08 16.33 -33.47
C LYS C 238 24.57 16.25 -34.90
N ARG C 239 23.27 16.13 -35.07
CA ARG C 239 22.70 16.02 -36.42
C ARG C 239 21.95 17.24 -36.93
N GLY C 240 22.26 18.43 -36.42
CA GLY C 240 21.59 19.61 -36.93
C GLY C 240 20.92 20.57 -35.95
N ILE C 241 20.23 21.55 -36.53
CA ILE C 241 19.52 22.59 -35.79
C ILE C 241 18.04 22.59 -36.21
N GLU C 242 17.14 22.45 -35.25
CA GLU C 242 15.71 22.40 -35.50
C GLU C 242 15.02 23.63 -34.92
N GLU C 243 14.17 24.28 -35.71
CA GLU C 243 13.44 25.46 -35.23
C GLU C 243 12.16 24.96 -34.58
N VAL C 244 11.73 25.62 -33.49
CA VAL C 244 10.50 25.23 -32.80
C VAL C 244 9.80 26.40 -32.11
N LYS C 245 8.68 26.87 -32.68
CA LYS C 245 7.95 27.97 -32.08
C LYS C 245 7.02 27.37 -31.03
N LEU C 246 6.70 28.15 -30.02
CA LEU C 246 5.88 27.62 -28.94
C LEU C 246 5.14 28.75 -28.25
N ASN C 247 3.98 28.42 -27.70
CA ASN C 247 3.22 29.43 -26.98
C ASN C 247 3.00 28.92 -25.57
N VAL C 248 2.97 29.83 -24.61
CA VAL C 248 2.81 29.47 -23.22
C VAL C 248 1.56 28.62 -22.96
N THR C 249 0.60 28.69 -23.88
CA THR C 249 -0.62 27.90 -23.73
C THR C 249 -0.36 26.43 -24.06
N ASP C 250 0.56 26.19 -24.99
CA ASP C 250 0.89 24.83 -25.38
C ASP C 250 1.28 23.99 -24.17
N PHE C 251 1.48 24.64 -23.02
CA PHE C 251 1.84 23.95 -21.78
C PHE C 251 0.58 23.58 -21.03
N GLY C 252 -0.54 24.10 -21.49
CA GLY C 252 -1.81 23.83 -20.84
C GLY C 252 -2.13 24.81 -19.74
N ILE C 253 -1.59 26.02 -19.83
CA ILE C 253 -1.85 27.03 -18.81
C ILE C 253 -2.16 28.36 -19.47
N SER C 254 -2.70 29.29 -18.68
CA SER C 254 -3.03 30.62 -19.18
C SER C 254 -1.86 31.55 -18.90
N PRO C 255 -1.57 32.46 -19.84
CA PRO C 255 -0.47 33.41 -19.66
C PRO C 255 -0.36 33.95 -18.25
N ILE C 256 0.88 34.00 -17.77
CA ILE C 256 1.17 34.51 -16.44
C ILE C 256 1.40 36.01 -16.52
N PRO C 257 0.87 36.77 -15.54
CA PRO C 257 1.05 38.22 -15.56
C PRO C 257 2.50 38.56 -15.20
N ILE C 258 3.21 39.11 -16.17
CA ILE C 258 4.62 39.47 -16.00
C ILE C 258 4.88 40.21 -14.70
N GLU C 259 3.90 41.03 -14.30
CA GLU C 259 4.00 41.80 -13.09
C GLU C 259 4.41 40.93 -11.90
N LYS C 260 3.85 39.73 -11.83
CA LYS C 260 4.14 38.81 -10.74
C LYS C 260 5.53 38.16 -10.76
N LEU C 261 6.13 38.05 -11.95
CA LEU C 261 7.43 37.41 -12.07
C LEU C 261 8.65 38.29 -11.82
N ILE C 262 8.42 39.58 -11.60
CA ILE C 262 9.53 40.50 -11.38
C ILE C 262 9.98 40.58 -9.92
N VAL C 263 11.28 40.80 -9.73
CA VAL C 263 11.85 40.91 -8.39
C VAL C 263 12.64 42.20 -8.24
N ASN C 264 13.07 42.49 -7.02
CA ASN C 264 13.80 43.73 -6.75
C ASN C 264 15.09 43.51 -5.96
N SER C 265 15.41 42.27 -5.64
CA SER C 265 16.63 41.98 -4.89
C SER C 265 16.86 40.48 -4.78
N ALA C 266 18.06 40.10 -4.41
CA ALA C 266 18.40 38.68 -4.29
C ALA C 266 17.46 37.99 -3.32
N GLU C 267 17.25 38.58 -2.15
CA GLU C 267 16.37 37.97 -1.18
C GLU C 267 14.91 37.92 -1.67
N ASP C 268 14.50 38.93 -2.42
CA ASP C 268 13.15 38.98 -2.93
C ASP C 268 12.92 37.83 -3.89
N SER C 269 13.94 37.54 -4.69
CA SER C 269 13.87 36.44 -5.67
C SER C 269 13.76 35.12 -4.90
N ALA C 270 14.66 34.96 -3.93
CA ALA C 270 14.70 33.76 -3.10
C ALA C 270 13.33 33.44 -2.51
N ILE C 271 12.73 34.44 -1.85
CA ILE C 271 11.42 34.29 -1.26
C ILE C 271 10.44 33.82 -2.32
N LYS C 272 10.34 34.56 -3.42
CA LYS C 272 9.42 34.18 -4.49
C LYS C 272 9.64 32.74 -4.92
N ILE C 273 10.90 32.31 -4.91
CA ILE C 273 11.23 30.95 -5.29
C ILE C 273 10.72 29.96 -4.22
N VAL C 274 11.17 30.15 -2.99
CA VAL C 274 10.77 29.29 -1.89
C VAL C 274 9.25 29.25 -1.74
N ARG C 275 8.59 30.38 -1.93
CA ARG C 275 7.14 30.41 -1.83
C ARG C 275 6.58 29.48 -2.90
N ALA C 276 7.16 29.53 -4.09
CA ALA C 276 6.70 28.67 -5.18
C ALA C 276 6.91 27.20 -4.82
N PHE C 277 7.99 26.91 -4.10
CA PHE C 277 8.28 25.53 -3.69
C PHE C 277 7.31 25.09 -2.60
N LEU C 278 6.63 26.04 -1.99
CA LEU C 278 5.66 25.76 -0.93
C LEU C 278 4.24 25.69 -1.48
N GLY C 279 4.05 26.25 -2.67
CA GLY C 279 2.72 26.25 -3.26
C GLY C 279 2.02 27.55 -2.91
N LYS C 280 2.77 28.50 -2.40
CA LYS C 280 2.22 29.79 -2.02
C LYS C 280 2.30 30.84 -3.13
N ASP C 281 2.89 30.47 -4.27
CA ASP C 281 3.02 31.38 -5.40
C ASP C 281 2.95 30.64 -6.71
N GLU C 282 1.72 30.41 -7.18
CA GLU C 282 1.47 29.67 -8.42
C GLU C 282 2.15 30.30 -9.65
N HIS C 283 2.06 31.62 -9.78
CA HIS C 283 2.63 32.32 -10.91
C HIS C 283 4.11 32.02 -11.10
N VAL C 284 4.87 32.17 -10.02
CA VAL C 284 6.30 31.89 -10.07
C VAL C 284 6.52 30.41 -10.34
N ALA C 285 5.72 29.57 -9.68
CA ALA C 285 5.84 28.13 -9.85
C ALA C 285 5.62 27.73 -11.31
N GLU C 286 4.63 28.33 -11.96
CA GLU C 286 4.33 28.01 -13.34
C GLU C 286 5.46 28.44 -14.24
N PHE C 287 6.09 29.55 -13.85
CA PHE C 287 7.20 30.09 -14.61
C PHE C 287 8.34 29.08 -14.52
N ILE C 288 8.60 28.60 -13.31
CA ILE C 288 9.65 27.61 -13.06
C ILE C 288 9.38 26.30 -13.79
N LYS C 289 8.10 25.94 -13.91
CA LYS C 289 7.75 24.69 -14.57
C LYS C 289 7.79 24.67 -16.08
N ILE C 290 7.36 25.74 -16.74
CA ILE C 290 7.41 25.72 -18.20
C ILE C 290 8.87 25.70 -18.67
N ASN C 291 9.75 26.25 -17.84
CA ASN C 291 11.17 26.26 -18.18
C ASN C 291 11.73 24.87 -17.94
N THR C 292 11.51 24.34 -16.74
CA THR C 292 11.99 23.01 -16.41
C THR C 292 11.47 22.02 -17.45
N ALA C 293 10.26 22.28 -17.93
CA ALA C 293 9.64 21.43 -18.93
C ALA C 293 10.53 21.27 -20.16
N VAL C 294 10.99 22.41 -20.71
CA VAL C 294 11.85 22.41 -21.88
C VAL C 294 13.15 21.69 -21.58
N ALA C 295 13.71 21.94 -20.41
CA ALA C 295 14.95 21.31 -20.01
C ALA C 295 14.76 19.80 -20.00
N LEU C 296 13.66 19.35 -19.40
CA LEU C 296 13.35 17.93 -19.33
C LEU C 296 13.33 17.35 -20.73
N PHE C 297 12.78 18.13 -21.65
CA PHE C 297 12.70 17.72 -23.04
C PHE C 297 14.10 17.57 -23.64
N ALA C 298 14.99 18.48 -23.27
CA ALA C 298 16.36 18.43 -23.75
C ALA C 298 17.03 17.15 -23.24
N LEU C 299 16.61 16.69 -22.07
CA LEU C 299 17.17 15.48 -21.48
C LEU C 299 16.50 14.23 -22.03
N ASP C 300 15.50 14.41 -22.89
CA ASP C 300 14.77 13.28 -23.48
C ASP C 300 13.96 12.50 -22.44
N ARG C 301 13.54 13.19 -21.39
CA ARG C 301 12.76 12.54 -20.35
C ARG C 301 11.29 12.62 -20.67
N VAL C 302 10.95 13.42 -21.67
CA VAL C 302 9.58 13.57 -22.09
C VAL C 302 9.54 13.63 -23.62
N GLY C 303 8.35 13.49 -24.20
CA GLY C 303 8.21 13.53 -25.64
C GLY C 303 7.61 14.82 -26.16
N ASP C 304 6.90 15.54 -25.30
CA ASP C 304 6.29 16.81 -25.67
C ASP C 304 6.37 17.73 -24.46
N PHE C 305 6.16 19.03 -24.69
CA PHE C 305 6.26 20.02 -23.62
C PHE C 305 5.16 19.94 -22.57
N ARG C 306 3.99 19.46 -22.96
CA ARG C 306 2.89 19.34 -22.03
C ARG C 306 3.32 18.28 -20.99
N GLU C 307 3.88 17.18 -21.50
CA GLU C 307 4.35 16.10 -20.65
C GLU C 307 5.40 16.68 -19.71
N GLY C 308 6.30 17.46 -20.29
CA GLY C 308 7.37 18.09 -19.51
C GLY C 308 6.82 18.96 -18.38
N TYR C 309 5.80 19.74 -18.67
CA TYR C 309 5.20 20.60 -17.65
C TYR C 309 4.64 19.76 -16.53
N GLU C 310 3.92 18.70 -16.90
CA GLU C 310 3.32 17.79 -15.94
C GLU C 310 4.39 17.20 -15.03
N TYR C 311 5.43 16.64 -15.64
CA TYR C 311 6.52 16.03 -14.88
C TYR C 311 7.08 17.05 -13.88
N ALA C 312 7.32 18.27 -14.37
CA ALA C 312 7.85 19.34 -13.53
C ALA C 312 6.99 19.58 -12.30
N ASP C 313 5.69 19.39 -12.45
CA ASP C 313 4.78 19.60 -11.34
C ASP C 313 5.14 18.64 -10.21
N HIS C 314 5.40 17.39 -10.58
CA HIS C 314 5.77 16.38 -9.60
C HIS C 314 7.08 16.74 -8.95
N LEU C 315 8.02 17.23 -9.75
CA LEU C 315 9.33 17.60 -9.24
C LEU C 315 9.31 18.75 -8.23
N ILE C 316 8.62 19.82 -8.58
CA ILE C 316 8.56 20.99 -7.71
C ILE C 316 8.16 20.68 -6.27
N GLU C 317 7.26 19.70 -6.13
CA GLU C 317 6.76 19.29 -4.83
C GLU C 317 7.85 18.72 -3.90
N LYS C 318 8.96 18.27 -4.48
CA LYS C 318 10.05 17.71 -3.70
C LYS C 318 11.25 18.64 -3.70
N SER C 319 11.12 19.76 -4.38
CA SER C 319 12.22 20.71 -4.52
C SER C 319 12.72 21.42 -3.26
N LEU C 320 11.81 21.86 -2.40
CA LEU C 320 12.25 22.55 -1.19
C LEU C 320 13.13 21.61 -0.35
N ASP C 321 12.77 20.34 -0.28
CA ASP C 321 13.57 19.38 0.47
C ASP C 321 14.93 19.26 -0.18
N LYS C 322 14.93 19.11 -1.50
CA LYS C 322 16.16 18.98 -2.26
C LYS C 322 17.05 20.19 -2.01
N LEU C 323 16.45 21.37 -2.08
CA LEU C 323 17.17 22.61 -1.86
C LEU C 323 17.82 22.56 -0.49
N ASN C 324 17.04 22.12 0.49
CA ASN C 324 17.51 22.02 1.84
C ASN C 324 18.76 21.14 1.93
N GLU C 325 18.72 19.97 1.31
CA GLU C 325 19.90 19.10 1.37
C GLU C 325 21.11 19.71 0.66
N ILE C 326 20.85 20.42 -0.44
CA ILE C 326 21.94 21.04 -1.19
C ILE C 326 22.65 22.09 -0.34
N ILE C 327 21.88 23.02 0.22
CA ILE C 327 22.45 24.07 1.04
C ILE C 327 23.11 23.51 2.29
N SER C 328 22.48 22.51 2.90
CA SER C 328 23.02 21.92 4.11
C SER C 328 24.34 21.21 3.88
N MET C 329 24.57 20.70 2.67
CA MET C 329 25.81 20.01 2.38
C MET C 329 26.89 20.93 1.80
N ASN C 330 26.57 22.21 1.70
CA ASN C 330 27.48 23.24 1.18
C ASN C 330 26.89 24.64 1.37
N GLY C 331 26.85 25.09 2.63
CA GLY C 331 26.30 26.40 2.90
C GLY C 331 25.67 26.51 4.28
N ASP C 332 24.97 27.62 4.51
CA ASP C 332 24.30 27.88 5.78
C ASP C 332 22.81 27.58 5.70
N VAL C 333 22.42 26.44 6.27
CA VAL C 333 21.03 26.00 6.26
C VAL C 333 20.08 26.99 6.94
N THR C 334 20.55 27.62 8.02
CA THR C 334 19.73 28.58 8.75
C THR C 334 19.29 29.75 7.89
N LYS C 335 20.22 30.30 7.12
CA LYS C 335 19.91 31.42 6.25
C LYS C 335 18.76 30.97 5.37
N LEU C 336 18.75 29.68 5.04
CA LEU C 336 17.71 29.11 4.21
C LEU C 336 16.41 29.07 5.01
N LYS C 337 16.51 28.66 6.27
CA LYS C 337 15.34 28.59 7.15
C LYS C 337 14.68 29.96 7.33
N THR C 338 15.49 30.96 7.65
CA THR C 338 14.96 32.31 7.84
C THR C 338 14.21 32.73 6.58
N ILE C 339 14.71 32.30 5.42
CA ILE C 339 14.07 32.62 4.15
C ILE C 339 12.76 31.85 4.05
N VAL C 340 12.73 30.68 4.66
CA VAL C 340 11.53 29.83 4.65
C VAL C 340 10.45 30.47 5.53
N VAL C 341 10.88 31.18 6.56
CA VAL C 341 9.97 31.85 7.49
C VAL C 341 9.45 33.11 6.85
N LYS C 342 10.27 33.65 5.96
CA LYS C 342 9.96 34.87 5.23
C LYS C 342 9.04 34.53 4.09
N SER C 343 9.23 33.35 3.53
CA SER C 343 8.39 32.88 2.43
C SER C 343 7.03 32.69 3.08
N SER C 344 7.04 32.82 4.41
CA SER C 344 5.89 32.68 5.30
C SER C 344 6.17 31.48 6.18
N GLY C 345 5.72 30.31 5.74
CA GLY C 345 5.95 29.09 6.50
C GLY C 345 5.87 27.86 5.62
N MET D 1 -3.56 4.04 -34.92
CA MET D 1 -4.63 4.51 -33.99
C MET D 1 -4.43 5.98 -33.61
N ASN D 2 -4.78 6.88 -34.52
CA ASN D 2 -4.65 8.31 -34.26
C ASN D 2 -6.04 8.93 -34.13
N ILE D 3 -6.36 9.36 -32.92
CA ILE D 3 -7.65 9.96 -32.61
C ILE D 3 -7.99 11.07 -33.58
N ASN D 4 -7.09 12.05 -33.67
CA ASN D 4 -7.26 13.21 -34.54
C ASN D 4 -7.60 12.83 -35.98
N GLU D 5 -6.98 11.76 -36.49
CA GLU D 5 -7.29 11.32 -37.84
C GLU D 5 -8.79 11.01 -37.83
N ILE D 6 -9.16 10.11 -36.91
CA ILE D 6 -10.54 9.66 -36.72
C ILE D 6 -11.51 10.82 -36.58
N LEU D 7 -11.22 11.69 -35.64
CA LEU D 7 -12.09 12.84 -35.41
C LEU D 7 -12.39 13.54 -36.71
N LYS D 8 -11.34 13.87 -37.46
CA LYS D 8 -11.48 14.57 -38.73
C LYS D 8 -12.32 13.71 -39.69
N LYS D 9 -12.04 12.42 -39.70
CA LYS D 9 -12.78 11.52 -40.57
C LYS D 9 -14.27 11.64 -40.24
N LEU D 10 -14.60 11.61 -38.96
CA LEU D 10 -15.98 11.71 -38.51
C LEU D 10 -16.61 13.05 -38.84
N ILE D 11 -15.87 14.14 -38.61
CA ILE D 11 -16.39 15.47 -38.91
C ILE D 11 -16.75 15.50 -40.39
N ASN D 12 -15.93 14.88 -41.22
CA ASN D 12 -16.18 14.84 -42.66
C ASN D 12 -17.28 13.85 -42.98
N LYS D 13 -17.92 13.35 -41.92
CA LYS D 13 -19.03 12.42 -42.04
C LYS D 13 -18.72 11.14 -42.79
N SER D 14 -17.58 10.53 -42.49
CA SER D 14 -17.18 9.28 -43.13
C SER D 14 -17.26 8.13 -42.13
N ASP D 15 -18.08 7.12 -42.43
CA ASP D 15 -18.24 6.00 -41.51
C ASP D 15 -16.94 5.24 -41.31
N LEU D 16 -16.77 4.67 -40.12
CA LEU D 16 -15.57 3.93 -39.76
C LEU D 16 -15.73 2.45 -40.09
N GLU D 17 -14.64 1.71 -39.93
CA GLU D 17 -14.63 0.28 -40.18
C GLU D 17 -14.80 -0.40 -38.83
N ILE D 18 -15.43 -1.56 -38.82
CA ILE D 18 -15.64 -2.26 -37.58
C ILE D 18 -14.39 -2.25 -36.72
N ASN D 19 -13.24 -2.39 -37.38
CA ASN D 19 -11.96 -2.38 -36.66
C ASN D 19 -11.64 -0.99 -36.15
N GLU D 20 -11.77 0.01 -37.00
CA GLU D 20 -11.50 1.37 -36.56
C GLU D 20 -12.32 1.63 -35.31
N ALA D 21 -13.64 1.47 -35.47
CA ALA D 21 -14.59 1.69 -34.39
C ALA D 21 -14.19 0.95 -33.12
N GLU D 22 -13.88 -0.34 -33.25
CA GLU D 22 -13.48 -1.12 -32.09
C GLU D 22 -12.22 -0.61 -31.40
N GLU D 23 -11.21 -0.25 -32.16
CA GLU D 23 -9.99 0.25 -31.53
C GLU D 23 -10.26 1.57 -30.82
N LEU D 24 -11.00 2.45 -31.49
CA LEU D 24 -11.35 3.74 -30.92
C LEU D 24 -12.10 3.52 -29.60
N ALA D 25 -13.07 2.61 -29.62
CA ALA D 25 -13.85 2.33 -28.42
C ALA D 25 -12.93 1.81 -27.31
N LYS D 26 -12.12 0.81 -27.61
CA LYS D 26 -11.19 0.26 -26.62
C LYS D 26 -10.41 1.39 -25.97
N ALA D 27 -9.86 2.27 -26.78
CA ALA D 27 -9.08 3.40 -26.28
C ALA D 27 -9.89 4.26 -25.32
N ILE D 28 -11.04 4.72 -25.79
CA ILE D 28 -11.94 5.55 -24.99
C ILE D 28 -12.32 4.86 -23.69
N ILE D 29 -12.73 3.60 -23.77
CA ILE D 29 -13.13 2.85 -22.59
C ILE D 29 -11.96 2.63 -21.65
N ARG D 30 -10.77 2.44 -22.18
CA ARG D 30 -9.62 2.25 -21.33
C ARG D 30 -9.17 3.58 -20.74
N GLY D 31 -9.84 4.66 -21.15
CA GLY D 31 -9.50 5.98 -20.64
C GLY D 31 -8.16 6.50 -21.14
N GLU D 32 -7.81 6.11 -22.36
CA GLU D 32 -6.56 6.51 -22.97
C GLU D 32 -6.73 7.70 -23.86
N VAL D 33 -7.96 8.18 -24.00
CA VAL D 33 -8.22 9.35 -24.84
C VAL D 33 -8.71 10.45 -23.93
N PRO D 34 -8.17 11.67 -24.10
CA PRO D 34 -8.53 12.86 -23.32
C PRO D 34 -10.01 13.19 -23.40
N GLU D 35 -10.56 13.66 -22.29
CA GLU D 35 -11.98 14.00 -22.23
C GLU D 35 -12.46 14.87 -23.37
N ILE D 36 -11.64 15.85 -23.74
CA ILE D 36 -11.97 16.76 -24.82
C ILE D 36 -12.19 16.04 -26.15
N LEU D 37 -11.41 14.99 -26.39
CA LEU D 37 -11.52 14.24 -27.63
C LEU D 37 -12.69 13.27 -27.61
N VAL D 38 -12.93 12.65 -26.45
CA VAL D 38 -14.03 11.72 -26.31
C VAL D 38 -15.30 12.52 -26.58
N SER D 39 -15.38 13.69 -25.95
CA SER D 39 -16.52 14.55 -26.11
C SER D 39 -16.75 14.84 -27.57
N ALA D 40 -15.68 15.27 -28.25
CA ALA D 40 -15.75 15.61 -29.66
C ALA D 40 -16.12 14.42 -30.54
N ILE D 41 -15.54 13.26 -30.24
CA ILE D 41 -15.82 12.07 -31.03
C ILE D 41 -17.26 11.62 -30.89
N LEU D 42 -17.76 11.60 -29.66
CA LEU D 42 -19.14 11.19 -29.44
C LEU D 42 -20.07 12.17 -30.16
N VAL D 43 -19.81 13.46 -29.99
CA VAL D 43 -20.67 14.44 -30.64
C VAL D 43 -20.67 14.27 -32.15
N ALA D 44 -19.48 14.12 -32.73
CA ALA D 44 -19.37 13.97 -34.16
C ALA D 44 -20.09 12.69 -34.56
N LEU D 45 -19.82 11.64 -33.82
CA LEU D 45 -20.41 10.34 -34.04
C LEU D 45 -21.92 10.48 -34.15
N ARG D 46 -22.52 11.23 -33.22
CA ARG D 46 -23.97 11.41 -33.21
C ARG D 46 -24.49 12.27 -34.34
N MET D 47 -23.81 13.37 -34.63
CA MET D 47 -24.24 14.26 -35.70
C MET D 47 -24.10 13.64 -37.09
N LYS D 48 -23.15 12.72 -37.23
CA LYS D 48 -22.95 12.03 -38.49
C LYS D 48 -24.04 10.97 -38.60
N GLY D 49 -24.34 10.36 -37.46
CA GLY D 49 -25.33 9.30 -37.41
C GLY D 49 -24.53 8.01 -37.35
N GLU D 50 -24.53 7.36 -36.20
CA GLU D 50 -23.77 6.12 -36.05
C GLU D 50 -24.22 5.09 -37.08
N SER D 51 -23.26 4.33 -37.58
CA SER D 51 -23.52 3.32 -38.59
C SER D 51 -23.39 1.94 -37.95
N LYS D 52 -23.90 0.93 -38.66
CA LYS D 52 -23.86 -0.44 -38.18
C LYS D 52 -22.49 -0.86 -37.69
N ASN D 53 -21.48 -0.68 -38.53
CA ASN D 53 -20.11 -1.06 -38.18
C ASN D 53 -19.62 -0.40 -36.91
N GLU D 54 -19.97 0.86 -36.73
CA GLU D 54 -19.54 1.59 -35.56
C GLU D 54 -20.23 1.03 -34.33
N ILE D 55 -21.51 0.71 -34.49
CA ILE D 55 -22.28 0.14 -33.40
C ILE D 55 -21.62 -1.17 -33.02
N VAL D 56 -21.30 -1.97 -34.03
CA VAL D 56 -20.68 -3.27 -33.84
C VAL D 56 -19.33 -3.15 -33.20
N GLY D 57 -18.53 -2.22 -33.71
CA GLY D 57 -17.20 -2.02 -33.17
C GLY D 57 -17.28 -1.69 -31.71
N PHE D 58 -18.12 -0.73 -31.36
CA PHE D 58 -18.25 -0.37 -29.95
C PHE D 58 -18.79 -1.52 -29.12
N ALA D 59 -19.80 -2.21 -29.65
CA ALA D 59 -20.36 -3.33 -28.92
C ALA D 59 -19.25 -4.34 -28.59
N ARG D 60 -18.44 -4.70 -29.60
CA ARG D 60 -17.35 -5.64 -29.40
C ARG D 60 -16.34 -5.14 -28.38
N ALA D 61 -15.98 -3.87 -28.49
CA ALA D 61 -15.02 -3.31 -27.54
C ALA D 61 -15.56 -3.47 -26.11
N MET D 62 -16.85 -3.17 -25.94
CA MET D 62 -17.53 -3.27 -24.65
C MET D 62 -17.45 -4.68 -24.06
N ARG D 63 -17.95 -5.64 -24.82
CA ARG D 63 -17.96 -7.03 -24.37
C ARG D 63 -16.58 -7.45 -23.94
N GLU D 64 -15.61 -7.22 -24.82
CA GLU D 64 -14.23 -7.61 -24.56
C GLU D 64 -13.77 -7.18 -23.20
N LEU D 65 -14.28 -6.05 -22.75
CA LEU D 65 -13.81 -5.57 -21.49
C LEU D 65 -14.75 -5.75 -20.30
N ALA D 66 -15.94 -6.28 -20.56
CA ALA D 66 -16.89 -6.45 -19.48
C ALA D 66 -16.54 -7.66 -18.64
N ILE D 67 -17.07 -7.66 -17.41
CA ILE D 67 -16.90 -8.78 -16.49
C ILE D 67 -18.01 -9.70 -16.97
N LYS D 68 -17.70 -10.97 -17.18
CA LYS D 68 -18.69 -11.87 -17.73
C LYS D 68 -19.05 -13.06 -16.87
N ILE D 69 -20.25 -13.58 -17.08
CA ILE D 69 -20.72 -14.77 -16.39
C ILE D 69 -21.28 -15.56 -17.56
N ASP D 70 -21.40 -16.87 -17.41
CA ASP D 70 -21.91 -17.64 -18.53
C ASP D 70 -23.28 -18.22 -18.30
N VAL D 71 -24.25 -17.70 -19.05
CA VAL D 71 -25.62 -18.16 -18.98
C VAL D 71 -26.30 -17.80 -20.31
N PRO D 72 -25.72 -18.23 -21.44
CA PRO D 72 -26.29 -17.93 -22.76
C PRO D 72 -27.73 -18.43 -22.95
N ASN D 73 -28.13 -19.40 -22.14
CA ASN D 73 -29.47 -19.99 -22.19
C ASN D 73 -30.49 -19.03 -21.58
N ALA D 74 -29.98 -17.95 -21.01
CA ALA D 74 -30.80 -16.94 -20.38
C ALA D 74 -31.41 -16.01 -21.39
N ILE D 75 -32.40 -15.24 -20.94
CA ILE D 75 -33.05 -14.27 -21.79
C ILE D 75 -32.94 -12.95 -21.03
N ASP D 76 -32.98 -11.85 -21.79
CA ASP D 76 -32.90 -10.51 -21.22
C ASP D 76 -33.93 -9.67 -21.94
N THR D 77 -34.51 -8.72 -21.23
CA THR D 77 -35.50 -7.82 -21.83
C THR D 77 -34.88 -6.43 -21.72
N ALA D 78 -34.16 -6.00 -22.74
CA ALA D 78 -33.55 -4.69 -22.62
C ALA D 78 -34.20 -3.61 -23.44
N GLY D 79 -34.09 -2.39 -22.92
CA GLY D 79 -34.64 -1.25 -23.60
C GLY D 79 -33.53 -0.29 -23.93
N THR D 80 -33.49 0.13 -25.20
CA THR D 80 -32.47 1.06 -25.67
C THR D 80 -32.57 2.35 -24.86
N GLY D 81 -33.67 2.48 -24.12
CA GLY D 81 -33.89 3.67 -23.31
C GLY D 81 -34.43 4.77 -24.19
N GLY D 82 -34.64 5.95 -23.63
CA GLY D 82 -35.17 7.04 -24.43
C GLY D 82 -35.73 8.23 -23.66
N ASP D 83 -36.16 9.23 -24.40
CA ASP D 83 -36.74 10.44 -23.82
C ASP D 83 -38.26 10.24 -23.90
N GLY D 84 -38.69 9.01 -23.59
CA GLY D 84 -40.09 8.66 -23.63
C GLY D 84 -40.99 9.42 -22.66
N LEU D 85 -41.95 8.71 -22.07
CA LEU D 85 -42.91 9.32 -21.15
C LEU D 85 -42.70 8.93 -19.68
N GLY D 86 -41.49 8.51 -19.33
CA GLY D 86 -41.25 8.11 -17.95
C GLY D 86 -42.16 6.96 -17.60
N THR D 87 -42.40 6.09 -18.58
CA THR D 87 -43.25 4.92 -18.45
C THR D 87 -42.85 4.02 -17.29
N VAL D 88 -43.75 3.09 -16.94
CA VAL D 88 -43.47 2.16 -15.86
C VAL D 88 -42.43 1.20 -16.43
N ASN D 89 -41.58 0.66 -15.56
CA ASN D 89 -40.50 -0.22 -16.00
C ASN D 89 -40.94 -1.64 -16.39
N VAL D 90 -41.73 -1.77 -17.45
CA VAL D 90 -42.22 -3.07 -17.92
C VAL D 90 -41.17 -4.17 -18.11
N SER D 91 -40.09 -3.83 -18.80
CA SER D 91 -39.03 -4.78 -19.05
C SER D 91 -38.71 -5.56 -17.79
N THR D 92 -38.58 -4.85 -16.68
CA THR D 92 -38.28 -5.45 -15.40
C THR D 92 -39.39 -6.33 -14.87
N ALA D 93 -40.60 -5.77 -14.83
CA ALA D 93 -41.75 -6.52 -14.34
C ALA D 93 -41.82 -7.77 -15.16
N SER D 94 -41.70 -7.58 -16.46
CA SER D 94 -41.73 -8.63 -17.45
C SER D 94 -40.62 -9.66 -17.28
N ALA D 95 -39.46 -9.24 -16.78
CA ALA D 95 -38.35 -10.17 -16.58
C ALA D 95 -38.75 -11.14 -15.50
N ILE D 96 -39.58 -10.66 -14.58
CA ILE D 96 -40.05 -11.47 -13.49
C ILE D 96 -40.97 -12.60 -13.94
N LEU D 97 -41.93 -12.31 -14.82
CA LEU D 97 -42.82 -13.37 -15.29
C LEU D 97 -41.99 -14.41 -16.01
N LEU D 98 -41.01 -13.95 -16.75
CA LEU D 98 -40.14 -14.84 -17.52
C LEU D 98 -39.32 -15.79 -16.68
N SER D 99 -38.90 -15.35 -15.50
CA SER D 99 -38.06 -16.21 -14.64
C SER D 99 -38.81 -17.48 -14.23
N LEU D 100 -40.14 -17.43 -14.34
CA LEU D 100 -40.99 -18.56 -14.00
C LEU D 100 -40.80 -19.70 -15.00
N VAL D 101 -40.50 -19.34 -16.25
CA VAL D 101 -40.32 -20.36 -17.27
C VAL D 101 -38.97 -20.39 -17.96
N ASN D 102 -38.01 -19.60 -17.48
CA ASN D 102 -36.70 -19.57 -18.12
C ASN D 102 -35.74 -18.65 -17.39
N PRO D 103 -34.45 -19.03 -17.33
CA PRO D 103 -33.45 -18.21 -16.64
C PRO D 103 -33.39 -16.79 -17.22
N VAL D 104 -33.38 -15.81 -16.32
CA VAL D 104 -33.36 -14.42 -16.72
C VAL D 104 -32.15 -13.65 -16.21
N ALA D 105 -31.39 -13.11 -17.15
CA ALA D 105 -30.20 -12.30 -16.84
C ALA D 105 -30.51 -10.89 -17.32
N LYS D 106 -31.13 -10.12 -16.45
CA LYS D 106 -31.53 -8.76 -16.77
C LYS D 106 -30.39 -7.75 -16.64
N HIS D 107 -30.02 -7.16 -17.77
CA HIS D 107 -28.97 -6.15 -17.78
C HIS D 107 -29.74 -4.87 -17.45
N GLY D 108 -29.12 -3.97 -16.71
CA GLY D 108 -29.82 -2.73 -16.37
C GLY D 108 -28.97 -1.68 -15.67
N ASN D 109 -29.52 -0.47 -15.53
CA ASN D 109 -28.78 0.63 -14.90
C ASN D 109 -29.73 1.57 -14.18
N ARG D 110 -29.15 2.52 -13.44
CA ARG D 110 -29.93 3.54 -12.74
C ARG D 110 -30.38 4.53 -13.82
N ALA D 111 -30.77 5.75 -13.44
CA ALA D 111 -31.20 6.70 -14.46
C ALA D 111 -31.20 8.17 -14.02
N VAL D 112 -30.92 9.05 -14.97
CA VAL D 112 -30.90 10.49 -14.71
C VAL D 112 -32.28 11.11 -14.93
N SER D 113 -33.15 10.36 -15.61
CA SER D 113 -34.51 10.82 -15.90
C SER D 113 -35.44 10.44 -14.74
N GLY D 114 -35.50 11.31 -13.74
CA GLY D 114 -36.34 11.07 -12.59
C GLY D 114 -35.81 9.95 -11.71
N LYS D 115 -36.39 8.76 -11.88
CA LYS D 115 -36.00 7.58 -11.10
C LYS D 115 -36.70 6.38 -11.74
N SER D 116 -36.72 6.37 -13.08
CA SER D 116 -37.39 5.31 -13.84
C SER D 116 -36.49 4.17 -14.36
N GLY D 117 -35.31 4.01 -13.76
CA GLY D 117 -34.38 2.95 -14.16
C GLY D 117 -34.66 1.58 -13.57
N SER D 118 -34.49 0.54 -14.36
CA SER D 118 -34.77 -0.80 -13.87
C SER D 118 -34.02 -1.10 -12.58
N ALA D 119 -32.82 -0.54 -12.44
CA ALA D 119 -32.02 -0.77 -11.24
C ALA D 119 -32.67 -0.09 -10.03
N ASP D 120 -33.32 1.04 -10.29
CA ASP D 120 -33.98 1.79 -9.22
C ASP D 120 -35.24 1.05 -8.76
N VAL D 121 -36.04 0.61 -9.71
CA VAL D 121 -37.26 -0.11 -9.39
C VAL D 121 -36.89 -1.30 -8.51
N LEU D 122 -35.94 -2.10 -8.99
CA LEU D 122 -35.50 -3.29 -8.26
C LEU D 122 -34.98 -2.91 -6.88
N GLU D 123 -34.22 -1.83 -6.83
CA GLU D 123 -33.66 -1.36 -5.58
C GLU D 123 -34.82 -0.99 -4.66
N ALA D 124 -35.87 -0.39 -5.23
CA ALA D 124 -37.03 0.01 -4.46
C ALA D 124 -37.76 -1.20 -3.88
N LEU D 125 -37.93 -2.25 -4.68
CA LEU D 125 -38.59 -3.46 -4.20
C LEU D 125 -37.81 -4.18 -3.11
N GLY D 126 -36.56 -3.77 -2.88
CA GLY D 126 -35.76 -4.41 -1.86
C GLY D 126 -34.62 -5.26 -2.39
N TYR D 127 -34.56 -5.40 -3.71
CA TYR D 127 -33.49 -6.19 -4.34
C TYR D 127 -32.14 -5.53 -4.14
N ASN D 128 -31.10 -6.34 -3.94
CA ASN D 128 -29.75 -5.81 -3.77
C ASN D 128 -29.11 -5.81 -5.16
N ILE D 129 -29.23 -4.69 -5.86
CA ILE D 129 -28.74 -4.58 -7.23
C ILE D 129 -27.26 -4.78 -7.51
N ILE D 130 -26.43 -4.88 -6.47
CA ILE D 130 -25.02 -5.11 -6.70
C ILE D 130 -24.73 -6.57 -6.41
N VAL D 131 -24.69 -7.38 -7.46
CA VAL D 131 -24.45 -8.81 -7.34
C VAL D 131 -23.12 -9.25 -7.93
N PRO D 132 -22.20 -9.70 -7.07
CA PRO D 132 -20.89 -10.15 -7.57
C PRO D 132 -21.09 -11.30 -8.54
N PRO D 133 -20.25 -11.36 -9.59
CA PRO D 133 -20.32 -12.40 -10.63
C PRO D 133 -20.51 -13.83 -10.14
N GLU D 134 -19.80 -14.19 -9.08
CA GLU D 134 -19.87 -15.53 -8.51
C GLU D 134 -21.27 -15.82 -7.96
N ARG D 135 -21.78 -14.91 -7.13
CA ARG D 135 -23.08 -15.11 -6.56
C ARG D 135 -24.16 -14.93 -7.62
N ALA D 136 -23.84 -14.19 -8.66
CA ALA D 136 -24.80 -13.96 -9.73
C ALA D 136 -25.18 -15.30 -10.33
N LYS D 137 -24.17 -16.08 -10.72
CA LYS D 137 -24.38 -17.40 -11.32
C LYS D 137 -25.24 -18.24 -10.38
N GLU D 138 -24.93 -18.17 -9.10
CA GLU D 138 -25.65 -18.91 -8.06
C GLU D 138 -27.14 -18.56 -8.08
N LEU D 139 -27.44 -17.29 -7.86
CA LEU D 139 -28.82 -16.79 -7.83
C LEU D 139 -29.62 -17.24 -9.04
N VAL D 140 -28.99 -17.22 -10.21
CA VAL D 140 -29.69 -17.64 -11.42
C VAL D 140 -30.16 -19.08 -11.34
N ASN D 141 -29.35 -19.93 -10.72
CA ASN D 141 -29.69 -21.33 -10.57
C ASN D 141 -30.71 -21.50 -9.44
N LYS D 142 -30.50 -20.75 -8.36
CA LYS D 142 -31.38 -20.82 -7.20
C LYS D 142 -32.75 -20.18 -7.40
N THR D 143 -32.87 -19.20 -8.29
CA THR D 143 -34.15 -18.52 -8.51
C THR D 143 -34.50 -18.26 -9.97
N ASN D 144 -33.57 -18.58 -10.87
CA ASN D 144 -33.80 -18.41 -12.32
C ASN D 144 -33.80 -16.97 -12.78
N PHE D 145 -33.26 -16.08 -11.95
CA PHE D 145 -33.21 -14.68 -12.29
C PHE D 145 -32.07 -13.97 -11.58
N VAL D 146 -31.48 -13.00 -12.27
CA VAL D 146 -30.42 -12.21 -11.66
C VAL D 146 -30.33 -10.88 -12.38
N PHE D 147 -29.96 -9.84 -11.64
CA PHE D 147 -29.84 -8.53 -12.23
C PHE D 147 -28.38 -8.14 -12.36
N LEU D 148 -27.97 -7.85 -13.58
CA LEU D 148 -26.60 -7.43 -13.84
C LEU D 148 -26.58 -5.92 -13.94
N PHE D 149 -26.10 -5.29 -12.87
CA PHE D 149 -26.01 -3.85 -12.78
C PHE D 149 -24.87 -3.36 -13.67
N ALA D 150 -25.23 -2.69 -14.76
CA ALA D 150 -24.28 -2.17 -15.75
C ALA D 150 -23.01 -1.51 -15.20
N GLN D 151 -23.18 -0.61 -14.25
CA GLN D 151 -22.03 0.08 -13.69
C GLN D 151 -21.07 -0.88 -13.05
N TYR D 152 -21.59 -1.98 -12.53
CA TYR D 152 -20.77 -2.98 -11.87
C TYR D 152 -20.09 -4.02 -12.79
N TYR D 153 -20.74 -4.47 -13.85
CA TYR D 153 -20.13 -5.44 -14.74
C TYR D 153 -19.38 -4.78 -15.89
N HIS D 154 -19.53 -3.47 -15.99
CA HIS D 154 -18.87 -2.67 -17.02
C HIS D 154 -18.12 -1.59 -16.27
N PRO D 155 -17.19 -1.99 -15.41
CA PRO D 155 -16.39 -1.05 -14.61
C PRO D 155 -15.51 -0.16 -15.48
N ALA D 156 -15.17 -0.64 -16.66
CA ALA D 156 -14.33 0.12 -17.56
C ALA D 156 -15.03 1.43 -17.96
N MET D 157 -16.36 1.38 -18.00
CA MET D 157 -17.21 2.52 -18.34
C MET D 157 -16.92 3.81 -17.57
N LYS D 158 -16.49 3.68 -16.33
CA LYS D 158 -16.20 4.85 -15.50
C LYS D 158 -15.36 5.90 -16.25
N ASN D 159 -14.49 5.46 -17.15
CA ASN D 159 -13.63 6.36 -17.88
C ASN D 159 -14.33 7.30 -18.85
N VAL D 160 -15.59 7.01 -19.16
CA VAL D 160 -16.37 7.86 -20.07
C VAL D 160 -17.50 8.54 -19.33
N ALA D 161 -17.64 8.19 -18.06
CA ALA D 161 -18.67 8.73 -17.19
C ALA D 161 -18.75 10.25 -17.21
N ASN D 162 -17.66 10.88 -16.79
CA ASN D 162 -17.59 12.33 -16.73
C ASN D 162 -18.07 13.01 -18.02
N VAL D 163 -17.58 12.52 -19.16
CA VAL D 163 -17.97 13.09 -20.44
C VAL D 163 -19.45 12.90 -20.64
N ARG D 164 -19.92 11.66 -20.50
CA ARG D 164 -21.34 11.36 -20.67
C ARG D 164 -22.22 12.24 -19.78
N LYS D 165 -21.85 12.33 -18.50
CA LYS D 165 -22.60 13.15 -17.56
C LYS D 165 -22.59 14.61 -17.97
N THR D 166 -21.39 15.16 -18.19
CA THR D 166 -21.27 16.57 -18.57
C THR D 166 -22.00 16.91 -19.85
N LEU D 167 -21.88 16.07 -20.87
CA LEU D 167 -22.56 16.32 -22.12
C LEU D 167 -24.08 16.36 -21.92
N GLY D 168 -24.58 15.36 -21.21
CA GLY D 168 -26.01 15.26 -20.96
C GLY D 168 -26.83 15.11 -22.23
N ILE D 169 -26.42 14.21 -23.11
CA ILE D 169 -27.13 13.96 -24.36
C ILE D 169 -26.94 12.52 -24.80
N ARG D 170 -27.71 12.10 -25.80
CA ARG D 170 -27.62 10.74 -26.32
C ARG D 170 -26.34 10.50 -27.13
N THR D 171 -25.55 9.54 -26.69
CA THR D 171 -24.33 9.20 -27.41
C THR D 171 -24.54 7.78 -27.90
N ILE D 172 -23.53 7.23 -28.56
CA ILE D 172 -23.59 5.86 -29.08
C ILE D 172 -23.71 4.85 -27.94
N PHE D 173 -23.20 5.21 -26.77
CA PHE D 173 -23.24 4.32 -25.61
C PHE D 173 -24.63 4.04 -25.11
N ASN D 174 -25.54 4.98 -25.33
CA ASN D 174 -26.90 4.82 -24.87
C ASN D 174 -27.62 3.67 -25.55
N ILE D 175 -27.12 3.24 -26.70
CA ILE D 175 -27.76 2.14 -27.40
C ILE D 175 -26.92 0.88 -27.41
N LEU D 176 -25.95 0.80 -26.50
CA LEU D 176 -25.10 -0.37 -26.43
C LEU D 176 -25.47 -1.32 -25.30
N GLY D 177 -25.95 -0.77 -24.19
CA GLY D 177 -26.34 -1.59 -23.05
C GLY D 177 -26.88 -2.97 -23.37
N PRO D 178 -28.09 -3.06 -23.98
CA PRO D 178 -28.73 -4.32 -24.35
C PRO D 178 -27.93 -5.24 -25.27
N LEU D 179 -26.94 -4.71 -25.97
CA LEU D 179 -26.12 -5.53 -26.85
C LEU D 179 -24.86 -6.01 -26.14
N THR D 180 -24.75 -5.67 -24.86
CA THR D 180 -23.58 -6.04 -24.07
C THR D 180 -23.91 -6.77 -22.79
N ASN D 181 -24.87 -7.69 -22.86
CA ASN D 181 -25.29 -8.47 -21.70
C ASN D 181 -24.14 -9.29 -21.15
N PRO D 182 -23.70 -9.01 -19.90
CA PRO D 182 -22.61 -9.68 -19.17
C PRO D 182 -22.75 -11.19 -19.03
N ALA D 183 -23.94 -11.71 -19.37
CA ALA D 183 -24.17 -13.14 -19.27
C ALA D 183 -24.11 -13.75 -20.67
N ASN D 184 -23.89 -12.90 -21.66
CA ASN D 184 -23.80 -13.34 -23.04
C ASN D 184 -25.16 -13.85 -23.53
N ALA D 185 -26.20 -13.53 -22.76
CA ALA D 185 -27.56 -13.95 -23.10
C ALA D 185 -27.77 -14.07 -24.61
N LYS D 186 -28.26 -15.23 -25.02
CA LYS D 186 -28.50 -15.54 -26.41
C LYS D 186 -29.87 -15.11 -26.88
N TYR D 187 -30.77 -14.95 -25.93
CA TYR D 187 -32.12 -14.55 -26.23
C TYR D 187 -32.25 -13.15 -25.69
N GLN D 188 -33.00 -12.31 -26.39
CA GLN D 188 -33.12 -10.93 -25.98
C GLN D 188 -34.30 -10.20 -26.61
N LEU D 189 -35.02 -9.42 -25.82
CA LEU D 189 -36.08 -8.61 -26.39
C LEU D 189 -35.50 -7.21 -26.19
N MET D 190 -35.25 -6.51 -27.29
CA MET D 190 -34.62 -5.19 -27.24
C MET D 190 -35.50 -4.12 -27.87
N GLY D 191 -35.84 -3.08 -27.09
CA GLY D 191 -36.70 -2.00 -27.57
C GLY D 191 -35.99 -0.71 -27.94
N VAL D 192 -36.15 -0.28 -29.19
CA VAL D 192 -35.50 0.93 -29.67
C VAL D 192 -36.39 2.18 -29.62
N PHE D 193 -35.77 3.32 -29.37
CA PHE D 193 -36.50 4.56 -29.24
C PHE D 193 -37.08 5.17 -30.51
N SER D 194 -36.67 4.70 -31.68
CA SER D 194 -37.21 5.26 -32.92
C SER D 194 -37.28 4.23 -34.05
N LYS D 195 -38.29 4.36 -34.90
CA LYS D 195 -38.45 3.45 -36.04
C LYS D 195 -37.14 3.32 -36.80
N ASP D 196 -36.34 4.39 -36.75
CA ASP D 196 -35.06 4.44 -37.42
C ASP D 196 -34.10 3.38 -36.88
N HIS D 197 -33.44 3.71 -35.77
CA HIS D 197 -32.48 2.81 -35.14
C HIS D 197 -32.89 1.35 -35.30
N LEU D 198 -34.20 1.12 -35.29
CA LEU D 198 -34.78 -0.21 -35.44
C LEU D 198 -34.07 -1.05 -36.48
N ASP D 199 -33.93 -0.49 -37.68
CA ASP D 199 -33.26 -1.18 -38.78
C ASP D 199 -31.77 -1.26 -38.49
N LEU D 200 -31.15 -0.10 -38.27
CA LEU D 200 -29.73 -0.01 -37.95
C LEU D 200 -29.31 -1.08 -36.96
N LEU D 201 -29.84 -0.97 -35.74
CA LEU D 201 -29.52 -1.90 -34.67
C LEU D 201 -29.83 -3.33 -34.98
N SER D 202 -30.85 -3.58 -35.80
CA SER D 202 -31.18 -4.96 -36.16
C SER D 202 -30.02 -5.53 -36.99
N LYS D 203 -29.64 -4.82 -38.04
CA LYS D 203 -28.53 -5.24 -38.89
C LYS D 203 -27.27 -5.39 -38.05
N SER D 204 -27.09 -4.47 -37.11
CA SER D 204 -25.93 -4.52 -36.23
C SER D 204 -25.99 -5.80 -35.40
N ALA D 205 -27.15 -6.06 -34.80
CA ALA D 205 -27.34 -7.24 -33.99
C ALA D 205 -27.11 -8.53 -34.77
N TYR D 206 -27.47 -8.51 -36.05
CA TYR D 206 -27.31 -9.69 -36.90
C TYR D 206 -25.87 -10.19 -36.92
N GLU D 207 -24.93 -9.34 -36.55
CA GLU D 207 -23.53 -9.72 -36.56
C GLU D 207 -22.94 -9.87 -35.18
N LEU D 208 -23.75 -9.68 -34.15
CA LEU D 208 -23.26 -9.83 -32.80
C LEU D 208 -23.47 -11.23 -32.26
N ASP D 209 -23.86 -12.15 -33.13
CA ASP D 209 -24.04 -13.54 -32.72
C ASP D 209 -25.13 -13.73 -31.66
N PHE D 210 -26.38 -13.83 -32.12
CA PHE D 210 -27.53 -14.06 -31.22
C PHE D 210 -28.32 -15.25 -31.72
N ASN D 211 -28.93 -15.99 -30.82
CA ASN D 211 -29.76 -17.11 -31.23
C ASN D 211 -31.03 -16.43 -31.75
N LYS D 212 -31.60 -15.56 -30.92
CA LYS D 212 -32.78 -14.83 -31.31
C LYS D 212 -32.95 -13.58 -30.46
N ILE D 213 -33.04 -12.44 -31.14
CA ILE D 213 -33.21 -11.16 -30.46
C ILE D 213 -34.29 -10.42 -31.21
N ILE D 214 -35.25 -9.88 -30.47
CA ILE D 214 -36.32 -9.16 -31.12
C ILE D 214 -36.27 -7.69 -30.73
N LEU D 215 -35.99 -6.85 -31.71
CA LEU D 215 -35.95 -5.42 -31.48
C LEU D 215 -37.36 -4.90 -31.72
N VAL D 216 -37.79 -3.94 -30.92
CA VAL D 216 -39.13 -3.40 -31.07
C VAL D 216 -39.22 -1.91 -30.79
N TYR D 217 -40.13 -1.26 -31.50
CA TYR D 217 -40.38 0.16 -31.35
C TYR D 217 -41.89 0.30 -31.30
N GLY D 218 -42.40 0.96 -30.26
CA GLY D 218 -43.84 1.10 -30.16
C GLY D 218 -44.34 2.53 -30.09
N GLU D 219 -45.49 2.77 -30.72
CA GLU D 219 -46.10 4.10 -30.72
C GLU D 219 -46.55 4.39 -29.29
N PRO D 220 -46.57 5.67 -28.89
CA PRO D 220 -46.22 6.88 -29.65
C PRO D 220 -44.72 7.15 -29.68
N GLY D 221 -43.92 6.12 -29.43
CA GLY D 221 -42.48 6.29 -29.44
C GLY D 221 -41.83 5.81 -28.16
N ILE D 222 -41.79 4.49 -27.98
CA ILE D 222 -41.18 3.93 -26.79
C ILE D 222 -40.37 2.67 -27.07
N ASP D 223 -39.37 2.46 -26.23
CA ASP D 223 -38.48 1.31 -26.36
C ASP D 223 -39.17 0.06 -25.83
N GLU D 224 -40.45 -0.07 -26.13
CA GLU D 224 -41.24 -1.22 -25.68
C GLU D 224 -42.39 -1.53 -26.63
N VAL D 225 -43.09 -2.62 -26.37
CA VAL D 225 -44.24 -3.02 -27.19
C VAL D 225 -45.34 -1.99 -26.94
N SER D 226 -45.91 -1.47 -28.02
CA SER D 226 -46.95 -0.44 -27.91
C SER D 226 -48.23 -0.82 -27.18
N PRO D 227 -48.55 -0.09 -26.10
CA PRO D 227 -49.77 -0.37 -25.33
C PRO D 227 -50.94 0.38 -25.95
N ILE D 228 -50.65 1.28 -26.89
CA ILE D 228 -51.71 2.07 -27.52
C ILE D 228 -51.94 1.77 -28.98
N GLY D 229 -50.92 1.32 -29.69
CA GLY D 229 -51.14 1.04 -31.10
C GLY D 229 -50.18 0.08 -31.77
N ASN D 230 -49.57 0.55 -32.85
CA ASN D 230 -48.66 -0.27 -33.61
C ASN D 230 -47.28 -0.43 -32.99
N THR D 231 -46.76 -1.65 -33.10
CA THR D 231 -45.44 -1.98 -32.61
C THR D 231 -44.69 -2.51 -33.82
N PHE D 232 -43.47 -2.01 -34.04
CA PHE D 232 -42.68 -2.48 -35.17
C PHE D 232 -41.52 -3.26 -34.61
N MET D 233 -41.35 -4.50 -35.07
CA MET D 233 -40.26 -5.35 -34.60
C MET D 233 -39.44 -6.01 -35.69
N LYS D 234 -38.18 -6.27 -35.37
CA LYS D 234 -37.24 -6.93 -36.27
C LYS D 234 -36.79 -8.17 -35.54
N ILE D 235 -37.06 -9.34 -36.11
CA ILE D 235 -36.64 -10.59 -35.49
C ILE D 235 -35.33 -11.02 -36.13
N VAL D 236 -34.27 -10.99 -35.32
CA VAL D 236 -32.94 -11.34 -35.80
C VAL D 236 -32.50 -12.72 -35.31
N SER D 237 -32.00 -13.52 -36.23
CA SER D 237 -31.54 -14.86 -35.90
C SER D 237 -30.35 -15.24 -36.75
N LYS D 238 -29.88 -16.47 -36.57
CA LYS D 238 -28.73 -16.96 -37.32
C LYS D 238 -29.03 -16.98 -38.81
N ARG D 239 -30.31 -17.06 -39.17
CA ARG D 239 -30.68 -17.11 -40.57
C ARG D 239 -31.35 -15.86 -41.15
N GLY D 240 -31.10 -14.70 -40.55
CA GLY D 240 -31.69 -13.48 -41.10
C GLY D 240 -32.47 -12.55 -40.18
N ILE D 241 -33.05 -11.53 -40.81
CA ILE D 241 -33.84 -10.52 -40.11
C ILE D 241 -35.24 -10.46 -40.71
N GLU D 242 -36.26 -10.65 -39.88
CA GLU D 242 -37.65 -10.65 -40.34
C GLU D 242 -38.41 -9.42 -39.82
N GLU D 243 -39.12 -8.71 -40.70
CA GLU D 243 -39.91 -7.55 -40.27
C GLU D 243 -41.27 -8.04 -39.82
N VAL D 244 -41.83 -7.40 -38.79
CA VAL D 244 -43.14 -7.79 -38.27
C VAL D 244 -43.90 -6.63 -37.65
N LYS D 245 -44.94 -6.15 -38.33
CA LYS D 245 -45.73 -5.06 -37.79
C LYS D 245 -46.79 -5.69 -36.89
N LEU D 246 -47.23 -4.96 -35.88
CA LEU D 246 -48.19 -5.49 -34.95
C LEU D 246 -49.00 -4.38 -34.31
N ASN D 247 -50.23 -4.69 -33.92
CA ASN D 247 -51.07 -3.70 -33.28
C ASN D 247 -51.47 -4.28 -31.93
N VAL D 248 -51.62 -3.40 -30.95
CA VAL D 248 -51.98 -3.81 -29.61
C VAL D 248 -53.25 -4.65 -29.57
N THR D 249 -54.08 -4.54 -30.59
CA THR D 249 -55.32 -5.30 -30.63
C THR D 249 -55.04 -6.76 -30.98
N ASP D 250 -54.01 -6.98 -31.80
CA ASP D 250 -53.65 -8.34 -32.19
C ASP D 250 -53.41 -9.24 -30.98
N PHE D 251 -53.39 -8.63 -29.79
CA PHE D 251 -53.20 -9.36 -28.54
C PHE D 251 -54.55 -9.74 -27.98
N GLY D 252 -55.60 -9.18 -28.56
CA GLY D 252 -56.95 -9.46 -28.10
C GLY D 252 -57.41 -8.51 -27.01
N ILE D 253 -56.84 -7.31 -26.98
CA ILE D 253 -57.22 -6.33 -25.98
C ILE D 253 -57.41 -4.96 -26.62
N SER D 254 -58.05 -4.07 -25.87
CA SER D 254 -58.30 -2.72 -26.35
C SER D 254 -57.18 -1.81 -25.88
N PRO D 255 -56.75 -0.87 -26.73
CA PRO D 255 -55.67 0.05 -26.38
C PRO D 255 -55.74 0.54 -24.94
N ILE D 256 -54.58 0.56 -24.31
CA ILE D 256 -54.44 1.00 -22.93
C ILE D 256 -54.19 2.50 -22.91
N PRO D 257 -54.84 3.22 -21.99
CA PRO D 257 -54.63 4.67 -21.92
C PRO D 257 -53.25 4.97 -21.36
N ILE D 258 -52.40 5.53 -22.21
CA ILE D 258 -51.02 5.86 -21.84
C ILE D 258 -50.95 6.55 -20.47
N GLU D 259 -51.96 7.37 -20.18
CA GLU D 259 -52.01 8.09 -18.93
C GLU D 259 -51.77 7.17 -17.74
N LYS D 260 -52.35 5.97 -17.79
CA LYS D 260 -52.21 5.01 -16.70
C LYS D 260 -50.84 4.33 -16.56
N LEU D 261 -50.09 4.27 -17.65
CA LEU D 261 -48.79 3.60 -17.63
C LEU D 261 -47.61 4.46 -17.18
N ILE D 262 -47.84 5.74 -16.96
CA ILE D 262 -46.76 6.63 -16.56
C ILE D 262 -46.49 6.66 -15.06
N VAL D 263 -45.23 6.82 -14.70
CA VAL D 263 -44.85 6.88 -13.30
C VAL D 263 -44.07 8.17 -12.99
N ASN D 264 -43.80 8.41 -11.71
CA ASN D 264 -43.10 9.62 -11.29
C ASN D 264 -41.95 9.35 -10.35
N SER D 265 -41.70 8.08 -10.03
CA SER D 265 -40.59 7.75 -9.14
C SER D 265 -40.39 6.24 -9.07
N ALA D 266 -39.25 5.82 -8.53
CA ALA D 266 -38.95 4.42 -8.43
C ALA D 266 -40.02 3.69 -7.63
N GLU D 267 -40.39 4.25 -6.48
CA GLU D 267 -41.41 3.63 -5.64
C GLU D 267 -42.78 3.61 -6.32
N ASP D 268 -43.07 4.66 -7.07
CA ASP D 268 -44.35 4.74 -7.77
C ASP D 268 -44.45 3.63 -8.81
N SER D 269 -43.34 3.36 -9.47
CA SER D 269 -43.29 2.31 -10.49
C SER D 269 -43.51 0.96 -9.80
N ALA D 270 -42.77 0.75 -8.71
CA ALA D 270 -42.84 -0.48 -7.92
C ALA D 270 -44.28 -0.80 -7.55
N ILE D 271 -44.95 0.17 -6.94
CA ILE D 271 -46.34 0.01 -6.53
C ILE D 271 -47.18 -0.40 -7.74
N LYS D 272 -47.11 0.38 -8.81
CA LYS D 272 -47.88 0.06 -10.00
C LYS D 272 -47.64 -1.37 -10.46
N ILE D 273 -46.39 -1.82 -10.32
CA ILE D 273 -46.03 -3.17 -10.71
C ILE D 273 -46.68 -4.17 -9.75
N VAL D 274 -46.39 -4.03 -8.46
CA VAL D 274 -46.95 -4.93 -7.45
C VAL D 274 -48.46 -4.96 -7.51
N ARG D 275 -49.08 -3.81 -7.75
CA ARG D 275 -50.53 -3.78 -7.83
C ARG D 275 -50.96 -4.66 -9.00
N ALA D 276 -50.23 -4.57 -10.11
CA ALA D 276 -50.55 -5.38 -11.28
C ALA D 276 -50.41 -6.85 -10.95
N PHE D 277 -49.44 -7.19 -10.10
CA PHE D 277 -49.22 -8.58 -9.70
C PHE D 277 -50.33 -9.06 -8.78
N LEU D 278 -51.09 -8.12 -8.23
CA LEU D 278 -52.19 -8.42 -7.32
C LEU D 278 -53.52 -8.44 -8.05
N GLY D 279 -53.55 -7.82 -9.23
CA GLY D 279 -54.77 -7.77 -10.00
C GLY D 279 -55.52 -6.49 -9.70
N LYS D 280 -54.82 -5.57 -9.05
CA LYS D 280 -55.41 -4.29 -8.70
C LYS D 280 -55.17 -3.20 -9.74
N ASP D 281 -54.44 -3.53 -10.81
CA ASP D 281 -54.15 -2.57 -11.86
C ASP D 281 -54.04 -3.28 -13.21
N GLU D 282 -55.20 -3.46 -13.85
CA GLU D 282 -55.29 -4.14 -15.13
C GLU D 282 -54.45 -3.50 -16.23
N HIS D 283 -54.51 -2.17 -16.31
CA HIS D 283 -53.78 -1.42 -17.33
C HIS D 283 -52.29 -1.75 -17.33
N VAL D 284 -51.67 -1.65 -16.15
CA VAL D 284 -50.26 -1.96 -16.03
C VAL D 284 -50.02 -3.43 -16.32
N ALA D 285 -50.90 -4.28 -15.80
CA ALA D 285 -50.78 -5.72 -16.02
C ALA D 285 -50.84 -6.08 -17.51
N GLU D 286 -51.71 -5.41 -18.26
CA GLU D 286 -51.83 -5.68 -19.69
C GLU D 286 -50.57 -5.23 -20.41
N PHE D 287 -49.98 -4.15 -19.91
CA PHE D 287 -48.77 -3.60 -20.49
C PHE D 287 -47.66 -4.64 -20.28
N ILE D 288 -47.60 -5.18 -19.07
CA ILE D 288 -46.60 -6.18 -18.73
C ILE D 288 -46.77 -7.47 -19.53
N LYS D 289 -48.01 -7.81 -19.84
CA LYS D 289 -48.29 -9.03 -20.59
C LYS D 289 -48.05 -8.98 -22.10
N ILE D 290 -48.39 -7.89 -22.75
CA ILE D 290 -48.15 -7.83 -24.20
C ILE D 290 -46.64 -7.86 -24.46
N ASN D 291 -45.87 -7.36 -23.50
CA ASN D 291 -44.43 -7.36 -23.64
C ASN D 291 -43.90 -8.77 -23.39
N THR D 292 -44.30 -9.34 -22.26
CA THR D 292 -43.88 -10.69 -21.91
C THR D 292 -44.29 -11.63 -23.04
N ALA D 293 -45.41 -11.33 -23.68
CA ALA D 293 -45.90 -12.13 -24.79
C ALA D 293 -44.85 -12.24 -25.90
N VAL D 294 -44.31 -11.10 -26.31
CA VAL D 294 -43.30 -11.07 -27.36
C VAL D 294 -42.05 -11.82 -26.93
N ALA D 295 -41.66 -11.64 -25.67
CA ALA D 295 -40.49 -12.32 -25.15
C ALA D 295 -40.70 -13.82 -25.22
N LEU D 296 -41.87 -14.27 -24.79
CA LEU D 296 -42.20 -15.70 -24.82
C LEU D 296 -42.04 -16.22 -26.24
N PHE D 297 -42.44 -15.39 -27.20
CA PHE D 297 -42.34 -15.76 -28.59
C PHE D 297 -40.87 -15.90 -29.00
N ALA D 298 -40.04 -15.02 -28.47
CA ALA D 298 -38.62 -15.07 -28.78
C ALA D 298 -38.03 -16.37 -28.25
N LEU D 299 -38.61 -16.87 -27.16
CA LEU D 299 -38.17 -18.12 -26.55
C LEU D 299 -38.77 -19.33 -27.22
N ASP D 300 -39.65 -19.10 -28.19
CA ASP D 300 -40.30 -20.18 -28.92
C ASP D 300 -41.25 -20.99 -28.05
N ARG D 301 -41.80 -20.34 -27.02
CA ARG D 301 -42.73 -21.01 -26.12
C ARG D 301 -44.13 -20.91 -26.64
N VAL D 302 -44.33 -20.04 -27.63
CA VAL D 302 -45.64 -19.85 -28.23
C VAL D 302 -45.47 -19.75 -29.74
N GLY D 303 -46.57 -19.82 -30.47
CA GLY D 303 -46.51 -19.73 -31.92
C GLY D 303 -47.01 -18.41 -32.47
N ASP D 304 -47.83 -17.71 -31.68
CA ASP D 304 -48.37 -16.42 -32.08
C ASP D 304 -48.43 -15.55 -30.83
N PHE D 305 -48.57 -14.24 -31.03
CA PHE D 305 -48.61 -13.29 -29.92
C PHE D 305 -49.85 -13.39 -29.04
N ARG D 306 -50.97 -13.85 -29.61
CA ARG D 306 -52.18 -13.98 -28.82
C ARG D 306 -51.91 -15.09 -27.80
N GLU D 307 -51.31 -16.18 -28.27
CA GLU D 307 -50.97 -17.30 -27.41
C GLU D 307 -50.05 -16.76 -26.32
N GLY D 308 -49.05 -15.99 -26.72
CA GLY D 308 -48.11 -15.41 -25.79
C GLY D 308 -48.78 -14.58 -24.72
N TYR D 309 -49.76 -13.77 -25.11
CA TYR D 309 -50.47 -12.93 -24.15
C TYR D 309 -51.18 -13.81 -23.13
N GLU D 310 -51.86 -14.84 -23.64
CA GLU D 310 -52.60 -15.76 -22.80
C GLU D 310 -51.66 -16.41 -21.79
N TYR D 311 -50.57 -16.99 -22.27
CA TYR D 311 -49.60 -17.63 -21.40
C TYR D 311 -49.17 -16.66 -20.30
N ALA D 312 -48.84 -15.43 -20.70
CA ALA D 312 -48.41 -14.40 -19.76
C ALA D 312 -49.43 -14.18 -18.65
N ASP D 313 -50.70 -14.34 -18.98
CA ASP D 313 -51.75 -14.16 -17.98
C ASP D 313 -51.55 -15.18 -16.87
N HIS D 314 -51.26 -16.42 -17.24
CA HIS D 314 -51.05 -17.48 -16.27
C HIS D 314 -49.83 -17.15 -15.43
N LEU D 315 -48.78 -16.64 -16.08
CA LEU D 315 -47.55 -16.30 -15.38
C LEU D 315 -47.70 -15.20 -14.34
N ILE D 316 -48.31 -14.09 -14.73
CA ILE D 316 -48.47 -12.96 -13.83
C ILE D 316 -49.08 -13.33 -12.47
N GLU D 317 -49.98 -14.31 -12.50
CA GLU D 317 -50.66 -14.75 -11.29
C GLU D 317 -49.71 -15.37 -10.26
N LYS D 318 -48.55 -15.83 -10.71
CA LYS D 318 -47.57 -16.44 -9.80
C LYS D 318 -46.36 -15.54 -9.59
N SER D 319 -46.39 -14.38 -10.25
CA SER D 319 -45.28 -13.44 -10.19
C SER D 319 -44.95 -12.80 -8.86
N LEU D 320 -45.95 -12.34 -8.12
CA LEU D 320 -45.67 -11.73 -6.83
C LEU D 320 -44.91 -12.70 -5.91
N ASP D 321 -45.30 -13.98 -5.96
CA ASP D 321 -44.63 -14.97 -5.13
C ASP D 321 -43.19 -15.10 -5.60
N LYS D 322 -43.02 -15.19 -6.91
CA LYS D 322 -41.69 -15.33 -7.50
C LYS D 322 -40.82 -14.15 -7.10
N LEU D 323 -41.40 -12.95 -7.19
CA LEU D 323 -40.70 -11.73 -6.83
C LEU D 323 -40.25 -11.84 -5.39
N ASN D 324 -41.15 -12.31 -4.55
CA ASN D 324 -40.86 -12.46 -3.14
C ASN D 324 -39.64 -13.36 -2.94
N GLU D 325 -39.62 -14.52 -3.59
CA GLU D 325 -38.48 -15.41 -3.41
C GLU D 325 -37.19 -14.79 -3.93
N ILE D 326 -37.28 -14.03 -5.02
CA ILE D 326 -36.10 -13.39 -5.59
C ILE D 326 -35.50 -12.41 -4.60
N ILE D 327 -36.30 -11.46 -4.13
CA ILE D 327 -35.84 -10.47 -3.19
C ILE D 327 -35.37 -11.09 -1.89
N SER D 328 -36.09 -12.09 -1.41
CA SER D 328 -35.73 -12.74 -0.18
C SER D 328 -34.38 -13.45 -0.24
N MET D 329 -33.99 -13.92 -1.43
CA MET D 329 -32.73 -14.63 -1.57
C MET D 329 -31.58 -13.72 -1.97
N ASN D 330 -31.86 -12.42 -2.07
CA ASN D 330 -30.86 -11.40 -2.40
C ASN D 330 -31.47 -10.01 -2.25
N GLY D 331 -31.68 -9.60 -1.01
CA GLY D 331 -32.25 -8.29 -0.74
C GLY D 331 -33.06 -8.23 0.53
N ASP D 332 -33.76 -7.11 0.72
CA ASP D 332 -34.59 -6.88 1.91
C ASP D 332 -36.06 -7.15 1.60
N VAL D 333 -36.54 -8.30 2.07
CA VAL D 333 -37.94 -8.70 1.85
C VAL D 333 -38.95 -7.72 2.44
N THR D 334 -38.63 -7.16 3.59
CA THR D 334 -39.52 -6.22 4.26
C THR D 334 -39.82 -5.00 3.39
N LYS D 335 -38.79 -4.44 2.79
CA LYS D 335 -38.96 -3.28 1.92
C LYS D 335 -40.01 -3.68 0.87
N LEU D 336 -39.98 -4.96 0.50
CA LEU D 336 -40.91 -5.49 -0.48
C LEU D 336 -42.30 -5.52 0.14
N LYS D 337 -42.38 -5.97 1.38
CA LYS D 337 -43.65 -6.05 2.09
C LYS D 337 -44.29 -4.68 2.23
N THR D 338 -43.54 -3.71 2.71
CA THR D 338 -44.06 -2.36 2.87
C THR D 338 -44.63 -1.88 1.53
N ILE D 339 -43.99 -2.29 0.44
CA ILE D 339 -44.46 -1.90 -0.89
C ILE D 339 -45.76 -2.63 -1.19
N VAL D 340 -45.88 -3.84 -0.64
CA VAL D 340 -47.07 -4.65 -0.85
C VAL D 340 -48.24 -4.04 -0.09
N VAL D 341 -47.95 -3.36 1.01
CA VAL D 341 -48.95 -2.70 1.85
C VAL D 341 -49.39 -1.39 1.21
N LYS D 342 -48.44 -0.77 0.52
CA LYS D 342 -48.65 0.52 -0.14
C LYS D 342 -49.46 0.36 -1.41
N SER D 343 -49.42 -0.85 -1.96
CA SER D 343 -50.15 -1.15 -3.17
C SER D 343 -51.40 -1.91 -2.71
N SER D 344 -52.05 -1.39 -1.67
CA SER D 344 -53.22 -2.04 -1.12
C SER D 344 -52.80 -3.47 -0.81
N GLY D 345 -53.48 -4.45 -1.40
CA GLY D 345 -53.10 -5.84 -1.17
C GLY D 345 -54.19 -6.89 -1.34
#